data_7QQO
#
_entry.id   7QQO
#
_cell.length_a   178.067
_cell.length_b   67.668
_cell.length_c   188.440
_cell.angle_alpha   90.000
_cell.angle_beta   111.415
_cell.angle_gamma   90.000
#
_symmetry.space_group_name_H-M   'C 1 2 1'
#
loop_
_entity.id
_entity.type
_entity.pdbx_description
1 polymer 'AAVS1 sgRNA'
2 polymer 'CRISPR-associated endonuclease Cas9/Csn1'
3 polymer 'AAVS1 off-target1 target strand'
4 polymer 'AAVS1 off-target1 non-target strand'
5 non-polymer 'MAGNESIUM ION'
6 non-polymer 'POTASSIUM ION'
7 water water
#
loop_
_entity_poly.entity_id
_entity_poly.type
_entity_poly.pdbx_seq_one_letter_code
_entity_poly.pdbx_strand_id
1 'polyribonucleotide'
;GGGGGGCCACUAGGGACAGGAUGUUUUAGAGCUAGAAAUAGCAAGUUAAAAUAAGGCUAGUCCGUUAUCAACUUGAAAAA
GUGA
;
A
2 'polypeptide(L)'
;MDKKYSIGLAIGTNSVGWAVITDEYKVPSKKFKVLGNTDRHSIKKNLIGALLFDSGETAEATRLKRTARRRYTRRKNRIC
YLQEIFSNEMAKVDDSFFHRLEESFLVEEDKKHERHPIFGNIVDEVAYHEKYPTIYHLRKKLVDSTDKADLRLIYLALAH
MIKFRGHFLIEGDLNPDNSDVDKLFIQLVQTYNQLFEENPINASGVDAKAILSARLSKSRRLENLIAQLPGEKKNGLFGN
LIALSLGLTPNFKSNFDLAEDAKLQLSKDTYDDDLDNLLAQIGDQYADLFLAAKNLSDAILLSDILRVNTEITKAPLSAS
MIKRYDEHHQDLTLLKALVRQQLPEKYKEIFFDQSKNGYAGYIDGGASQEEFYKFIKPILEKMDGTEELLVKLNREDLLR
KQRTFDNGSIPHQIHLGELHAILRRQEDFYPFLKDNREKIEKILTFRIPYYVGPLARGNSRFAWMTRKSEETITPWNFEE
VVDKGASAQSFIERMTNFDKNLPNEKVLPKHSLLYEYFTVYNELTKVKYVTEGMRKPAFLSGEQKKAIVDLLFKTNRKVT
VKQLKEDYFKKIECFDSVEISGVEDRFNASLGTYHDLLKIIKDKDFLDNEENEDILEDIVLTLTLFEDREMIEERLKTYA
HLFDDKVMKQLKRRRYTGWGRLSRKLINGIRDKQSGKTILDFLKSDGFANRNFMQLIHDDSLTFKEDIQKAQVSGQGDSL
HEHIANLAGSPAIKKGILQTVKVVDELVKVMGRHKPENIVIEMARENQTTQKGQKNSRERMKRIEEGIKELGSQILKEHP
VENTQLQNEKLYLYYLQNGRDMYVDQELDINRLSDYDVDAIVPQSFLKDDSIDNKVLTRSDKNRGKSDNVPSEEVVKKMK
NYWRQLLNAKLITQRKFDNLTKAERGGLSELDKAGFIKRQLVETRQITKHVAQILDSRMNTKYDENDKLIREVKVITLKS
KLVSDFRKDFQFYKVREINNYHHAHDAYLNAVVGTALIKKYPKLESEFVYGDYKVYDVRKMIAKSEQEIGKATAKYFFYS
NIMNFFKTEITLANGEIRKRPLIETNGETGEIVWDKGRDFATVRKVLSMPQVNIVKKTEVQTGGFSKESILPKRNSDKLI
ARKKDWDPKKYGGFDSPTVAYSVLVVAKVEKGKSKKLKSVKELLGITIMERSSFEKNPIDFLEAKGYKEVKKDLIIKLPK
YSLFELENGRKRMLASAGELQKGNELALPSKYVNFLYLASHYEKLKGSPEDNEQKQLFVEQHKHYLDEIIEQISEFSKRV
ILADANLDKVLSAYNKHRDKPIREQAENIIHLFTLTNLGAPAAFKYFDTTIDRKRYTSTKEVLDATLIHQSITGLYETRI
DLSQLGGD
;
B
3 'polydeoxyribonucleotide'
;(DC)(DA)(DA)(DT)(DA)(DC)(DC)(DC)(DA)(DT)(DC)(DC)(DT)(DG)(DT)(DC)(DC)(DC)(DT)(DG)
(DA)(DT)(DG)(DG)(DT)(DC)(DC)(DC)
;
C
4 'polydeoxyribonucleotide' (DA)(DG)(DG)(DA)(DT)(DG)(DG)(DG)(DT)(DA)(DT)(DT)(DG) D
#
loop_
_chem_comp.id
_chem_comp.type
_chem_comp.name
_chem_comp.formula
A RNA linking ADENOSINE-5'-MONOPHOSPHATE 'C10 H14 N5 O7 P'
C RNA linking CYTIDINE-5'-MONOPHOSPHATE 'C9 H14 N3 O8 P'
DA DNA linking 2'-DEOXYADENOSINE-5'-MONOPHOSPHATE 'C10 H14 N5 O6 P'
DC DNA linking 2'-DEOXYCYTIDINE-5'-MONOPHOSPHATE 'C9 H14 N3 O7 P'
DG DNA linking 2'-DEOXYGUANOSINE-5'-MONOPHOSPHATE 'C10 H14 N5 O7 P'
DT DNA linking THYMIDINE-5'-MONOPHOSPHATE 'C10 H15 N2 O8 P'
G RNA linking GUANOSINE-5'-MONOPHOSPHATE 'C10 H14 N5 O8 P'
K non-polymer 'POTASSIUM ION' 'K 1'
MG non-polymer 'MAGNESIUM ION' 'Mg 2'
U RNA linking URIDINE-5'-MONOPHOSPHATE 'C9 H13 N2 O9 P'
#
# COMPACT_ATOMS: atom_id res chain seq x y z
N LYS B 3 -16.49 -23.25 -40.21
CA LYS B 3 -15.77 -23.48 -38.96
C LYS B 3 -15.64 -22.19 -38.16
N LYS B 4 -16.71 -21.83 -37.46
CA LYS B 4 -16.74 -20.66 -36.60
C LYS B 4 -16.55 -21.08 -35.15
N TYR B 5 -16.17 -20.13 -34.32
CA TYR B 5 -15.88 -20.40 -32.91
C TYR B 5 -15.80 -19.10 -32.14
N SER B 6 -15.90 -19.22 -30.82
CA SER B 6 -15.72 -18.12 -29.89
C SER B 6 -14.73 -18.52 -28.81
N ILE B 7 -14.20 -17.52 -28.11
CA ILE B 7 -13.21 -17.72 -27.05
C ILE B 7 -13.77 -17.17 -25.74
N GLY B 8 -13.63 -17.95 -24.68
CA GLY B 8 -13.96 -17.51 -23.33
C GLY B 8 -12.69 -17.36 -22.52
N LEU B 9 -12.60 -16.27 -21.77
CA LEU B 9 -11.43 -15.92 -21.01
C LEU B 9 -11.82 -15.58 -19.58
N ALA B 10 -10.94 -15.94 -18.64
CA ALA B 10 -11.14 -15.63 -17.22
C ALA B 10 -9.81 -15.11 -16.68
N ILE B 11 -9.75 -13.82 -16.38
CA ILE B 11 -8.49 -13.13 -16.08
C ILE B 11 -8.38 -12.97 -14.56
N GLY B 12 -7.33 -13.55 -13.99
CA GLY B 12 -7.11 -13.52 -12.56
C GLY B 12 -5.69 -13.11 -12.23
N THR B 13 -5.44 -12.96 -10.92
CA THR B 13 -4.14 -12.49 -10.44
C THR B 13 -3.08 -13.59 -10.46
N ASN B 14 -3.49 -14.85 -10.55
CA ASN B 14 -2.55 -15.97 -10.63
C ASN B 14 -2.94 -16.96 -11.71
N SER B 15 -3.87 -16.61 -12.59
CA SER B 15 -4.41 -17.57 -13.54
C SER B 15 -5.08 -16.84 -14.68
N VAL B 16 -5.05 -17.47 -15.86
CA VAL B 16 -5.87 -17.07 -16.99
C VAL B 16 -6.51 -18.33 -17.55
N GLY B 17 -7.82 -18.46 -17.41
CA GLY B 17 -8.55 -19.56 -18.01
C GLY B 17 -8.99 -19.22 -19.41
N TRP B 18 -9.01 -20.24 -20.28
CA TRP B 18 -9.33 -20.05 -21.68
C TRP B 18 -10.07 -21.27 -22.21
N ALA B 19 -11.03 -21.02 -23.09
CA ALA B 19 -11.78 -22.11 -23.72
C ALA B 19 -12.24 -21.68 -25.10
N VAL B 20 -12.35 -22.67 -26.00
CA VAL B 20 -12.83 -22.45 -27.36
C VAL B 20 -14.14 -23.18 -27.53
N ILE B 21 -15.16 -22.49 -28.05
CA ILE B 21 -16.47 -23.08 -28.25
C ILE B 21 -16.87 -22.92 -29.70
N THR B 22 -17.80 -23.77 -30.14
CA THR B 22 -18.33 -23.73 -31.49
C THR B 22 -19.74 -23.14 -31.47
N ASP B 23 -20.51 -23.37 -32.53
CA ASP B 23 -21.87 -22.86 -32.59
C ASP B 23 -22.77 -23.54 -31.57
N GLU B 24 -22.55 -24.84 -31.33
CA GLU B 24 -23.36 -25.62 -30.42
C GLU B 24 -22.84 -25.61 -28.99
N TYR B 25 -22.02 -24.61 -28.64
CA TYR B 25 -21.41 -24.51 -27.32
C TYR B 25 -20.57 -25.74 -26.98
N LYS B 26 -20.08 -26.42 -28.01
CA LYS B 26 -19.16 -27.55 -27.85
C LYS B 26 -17.72 -27.07 -27.90
N VAL B 27 -16.84 -27.80 -27.23
CA VAL B 27 -15.41 -27.53 -27.24
C VAL B 27 -14.75 -28.48 -28.23
N PRO B 28 -14.02 -27.99 -29.24
CA PRO B 28 -13.41 -28.89 -30.22
C PRO B 28 -12.28 -29.71 -29.62
N SER B 29 -11.73 -30.63 -30.40
CA SER B 29 -10.55 -31.39 -30.01
C SER B 29 -9.73 -31.68 -31.26
N LYS B 30 -8.44 -31.38 -31.20
CA LYS B 30 -7.57 -31.55 -32.36
C LYS B 30 -6.44 -32.51 -32.06
N LYS B 31 -5.89 -33.10 -33.11
CA LYS B 31 -4.57 -33.70 -33.01
C LYS B 31 -3.53 -32.61 -33.22
N PHE B 32 -2.63 -32.46 -32.25
CA PHE B 32 -1.54 -31.51 -32.30
C PHE B 32 -0.23 -32.27 -32.46
N LYS B 33 0.67 -31.73 -33.27
CA LYS B 33 1.96 -32.36 -33.48
C LYS B 33 2.79 -32.30 -32.20
N VAL B 34 3.54 -33.36 -31.94
CA VAL B 34 4.46 -33.44 -30.82
C VAL B 34 5.88 -33.54 -31.37
N LEU B 35 6.76 -32.66 -30.91
CA LEU B 35 8.17 -32.66 -31.31
C LEU B 35 9.00 -33.40 -30.27
N GLY B 36 10.28 -33.55 -30.57
CA GLY B 36 11.18 -34.19 -29.63
C GLY B 36 11.77 -35.51 -30.10
N ASN B 37 12.20 -36.34 -29.15
CA ASN B 37 12.87 -37.60 -29.45
C ASN B 37 12.17 -38.79 -28.82
N THR B 38 10.85 -38.72 -28.67
CA THR B 38 10.08 -39.83 -28.16
C THR B 38 9.34 -40.51 -29.31
N ASP B 39 8.68 -41.63 -29.00
CA ASP B 39 7.91 -42.34 -30.02
C ASP B 39 6.60 -41.63 -30.36
N ARG B 40 6.15 -40.70 -29.53
CA ARG B 40 4.90 -40.00 -29.76
C ARG B 40 5.12 -38.89 -30.78
N HIS B 41 4.30 -38.87 -31.83
CA HIS B 41 4.37 -37.86 -32.88
C HIS B 41 3.23 -36.86 -32.84
N SER B 42 2.18 -37.13 -32.07
CA SER B 42 1.01 -36.26 -32.01
C SER B 42 0.23 -36.62 -30.76
N ILE B 43 -0.76 -35.78 -30.44
CA ILE B 43 -1.55 -35.99 -29.23
C ILE B 43 -2.89 -35.28 -29.40
N LYS B 44 -3.94 -35.87 -28.84
CA LYS B 44 -5.27 -35.30 -28.89
C LYS B 44 -5.45 -34.32 -27.73
N LYS B 45 -5.84 -33.09 -28.05
CA LYS B 45 -6.04 -32.04 -27.06
C LYS B 45 -7.44 -31.46 -27.18
N ASN B 46 -8.12 -31.31 -26.05
CA ASN B 46 -9.30 -30.47 -25.97
C ASN B 46 -8.87 -29.02 -25.91
N LEU B 47 -9.65 -28.14 -26.53
CA LEU B 47 -9.30 -26.72 -26.62
C LEU B 47 -9.85 -25.96 -25.42
N ILE B 48 -9.43 -26.40 -24.23
CA ILE B 48 -9.81 -25.75 -22.98
C ILE B 48 -8.66 -25.94 -21.99
N GLY B 49 -8.36 -24.90 -21.22
CA GLY B 49 -7.28 -25.00 -20.28
C GLY B 49 -7.13 -23.73 -19.47
N ALA B 50 -6.05 -23.67 -18.69
CA ALA B 50 -5.80 -22.55 -17.81
C ALA B 50 -4.30 -22.41 -17.55
N LEU B 51 -3.77 -21.23 -17.81
CA LEU B 51 -2.39 -20.92 -17.48
C LEU B 51 -2.31 -20.46 -16.03
N LEU B 52 -1.32 -20.99 -15.29
CA LEU B 52 -1.07 -20.63 -13.91
C LEU B 52 0.30 -19.97 -13.78
N PHE B 53 0.44 -19.07 -12.81
CA PHE B 53 1.69 -18.34 -12.66
C PHE B 53 1.75 -17.72 -11.28
N ASP B 54 2.98 -17.55 -10.78
CA ASP B 54 3.18 -16.87 -9.51
C ASP B 54 2.81 -15.39 -9.63
N SER B 55 2.41 -14.81 -8.51
CA SER B 55 1.91 -13.44 -8.50
C SER B 55 2.95 -12.48 -9.05
N GLY B 56 2.50 -11.52 -9.86
CA GLY B 56 3.33 -10.38 -10.20
C GLY B 56 3.57 -9.52 -8.98
N GLU B 57 4.78 -8.98 -8.87
CA GLU B 57 5.19 -8.29 -7.66
C GLU B 57 5.27 -6.79 -7.88
N THR B 58 5.06 -6.05 -6.79
CA THR B 58 5.17 -4.60 -6.79
C THR B 58 6.64 -4.18 -6.70
N ALA B 59 6.91 -2.94 -7.10
CA ALA B 59 8.28 -2.44 -7.06
C ALA B 59 8.67 -1.90 -5.68
N GLU B 60 7.79 -2.02 -4.68
CA GLU B 60 8.04 -1.39 -3.39
C GLU B 60 9.33 -1.93 -2.75
N ALA B 61 9.45 -3.25 -2.66
CA ALA B 61 10.60 -3.85 -1.97
C ALA B 61 11.90 -3.51 -2.68
N THR B 62 11.91 -3.60 -4.01
CA THR B 62 13.08 -3.19 -4.78
C THR B 62 13.45 -1.74 -4.49
N ARG B 63 12.46 -0.85 -4.43
CA ARG B 63 12.73 0.55 -4.16
C ARG B 63 13.29 0.76 -2.76
N LEU B 64 12.70 0.09 -1.76
CA LEU B 64 13.19 0.25 -0.39
C LEU B 64 14.65 -0.18 -0.28
N LYS B 65 14.99 -1.32 -0.89
CA LYS B 65 16.37 -1.78 -0.86
C LYS B 65 17.29 -0.82 -1.62
N ARG B 66 16.82 -0.28 -2.74
CA ARG B 66 17.62 0.69 -3.49
C ARG B 66 17.95 1.91 -2.64
N THR B 67 16.94 2.48 -1.98
CA THR B 67 17.18 3.70 -1.22
C THR B 67 18.02 3.43 0.02
N ALA B 68 17.86 2.25 0.65
CA ALA B 68 18.72 1.90 1.77
C ALA B 68 20.16 1.71 1.33
N ARG B 69 20.36 1.08 0.17
CA ARG B 69 21.69 0.99 -0.43
C ARG B 69 22.33 2.35 -0.56
N ARG B 70 21.60 3.30 -1.15
CA ARG B 70 22.15 4.64 -1.33
C ARG B 70 22.51 5.27 0.02
N ARG B 71 21.66 5.06 1.04
CA ARG B 71 21.91 5.64 2.34
C ARG B 71 23.20 5.09 2.95
N TYR B 72 23.44 3.79 2.78
CA TYR B 72 24.67 3.20 3.31
C TYR B 72 25.90 3.75 2.61
N THR B 73 25.85 3.82 1.27
CA THR B 73 26.94 4.45 0.52
C THR B 73 27.23 5.85 1.06
N ARG B 74 26.18 6.65 1.27
CA ARG B 74 26.41 8.05 1.62
C ARG B 74 26.86 8.22 3.07
N ARG B 75 26.42 7.35 3.99
CA ARG B 75 26.95 7.37 5.34
C ARG B 75 28.45 7.05 5.35
N LYS B 76 28.83 6.02 4.59
CA LYS B 76 30.24 5.74 4.42
C LYS B 76 30.99 6.96 3.89
N ASN B 77 30.39 7.67 2.94
CA ASN B 77 31.05 8.84 2.38
C ASN B 77 31.19 9.97 3.40
N ARG B 78 30.20 10.13 4.28
CA ARG B 78 30.33 11.09 5.37
C ARG B 78 31.57 10.80 6.20
N ILE B 79 31.72 9.54 6.60
CA ILE B 79 32.88 9.15 7.40
C ILE B 79 34.17 9.39 6.61
N CYS B 80 34.14 9.13 5.30
CA CYS B 80 35.34 9.31 4.48
C CYS B 80 35.75 10.78 4.43
N TYR B 81 34.79 11.69 4.23
CA TYR B 81 35.06 13.12 4.32
C TYR B 81 35.76 13.44 5.64
N LEU B 82 35.14 13.03 6.75
CA LEU B 82 35.70 13.36 8.06
C LEU B 82 37.12 12.84 8.23
N GLN B 83 37.39 11.63 7.74
CA GLN B 83 38.73 11.06 7.85
C GLN B 83 39.72 11.83 6.99
N GLU B 84 39.30 12.24 5.79
CA GLU B 84 40.17 13.04 4.94
C GLU B 84 40.57 14.33 5.64
N ILE B 85 39.67 14.91 6.44
CA ILE B 85 40.01 16.14 7.15
C ILE B 85 41.14 15.90 8.16
N PHE B 86 41.13 14.76 8.85
CA PHE B 86 42.09 14.51 9.93
C PHE B 86 43.43 13.98 9.44
N SER B 87 43.59 13.72 8.14
CA SER B 87 44.62 12.82 7.64
C SER B 87 46.03 13.21 8.11
N ASN B 88 46.44 14.45 7.87
CA ASN B 88 47.84 14.82 8.09
C ASN B 88 48.17 14.87 9.58
N GLU B 89 47.36 15.58 10.38
CA GLU B 89 47.66 15.68 11.79
C GLU B 89 47.54 14.34 12.50
N MET B 90 46.64 13.48 12.02
CA MET B 90 46.55 12.14 12.58
C MET B 90 47.78 11.32 12.21
N ALA B 91 48.28 11.48 10.98
CA ALA B 91 49.55 10.85 10.61
C ALA B 91 50.67 11.32 11.51
N LYS B 92 50.58 12.57 11.99
CA LYS B 92 51.55 13.05 12.97
C LYS B 92 51.36 12.41 14.33
N VAL B 93 50.12 12.13 14.73
CA VAL B 93 49.88 11.51 16.03
C VAL B 93 50.01 9.99 15.98
N ASP B 94 49.31 9.36 15.04
CA ASP B 94 49.29 7.89 14.94
C ASP B 94 49.11 7.55 13.47
N ASP B 95 50.19 7.08 12.83
CA ASP B 95 50.18 6.90 11.38
C ASP B 95 49.35 5.70 10.92
N SER B 96 48.83 4.89 11.84
CA SER B 96 48.07 3.69 11.48
C SER B 96 46.67 3.65 12.09
N PHE B 97 46.25 4.71 12.77
CA PHE B 97 44.97 4.71 13.48
C PHE B 97 43.80 4.35 12.56
N PHE B 98 43.71 5.02 11.42
CA PHE B 98 42.63 4.74 10.48
C PHE B 98 42.77 3.37 9.85
N HIS B 99 44.00 2.88 9.69
CA HIS B 99 44.18 1.52 9.20
C HIS B 99 43.65 0.49 10.20
N ARG B 100 43.93 0.70 11.49
CA ARG B 100 43.40 -0.20 12.50
C ARG B 100 41.87 -0.15 12.52
N LEU B 101 41.31 1.05 12.34
CA LEU B 101 39.85 1.18 12.29
C LEU B 101 39.27 0.41 11.10
N GLU B 102 39.90 0.52 9.94
CA GLU B 102 39.34 -0.10 8.74
C GLU B 102 39.37 -1.62 8.82
N GLU B 103 40.31 -2.20 9.55
CA GLU B 103 40.45 -3.64 9.68
C GLU B 103 39.97 -4.15 11.03
N SER B 104 39.08 -3.41 11.70
CA SER B 104 38.60 -3.83 13.00
C SER B 104 37.82 -5.13 12.91
N PHE B 105 37.19 -5.39 11.76
CA PHE B 105 36.41 -6.61 11.60
C PHE B 105 37.31 -7.84 11.46
N LEU B 106 38.53 -7.66 10.97
CA LEU B 106 39.39 -8.79 10.64
C LEU B 106 39.86 -9.51 11.88
N VAL B 107 39.95 -10.84 11.78
CA VAL B 107 40.55 -11.63 12.84
C VAL B 107 42.04 -11.29 12.90
N GLU B 108 42.62 -11.42 14.09
CA GLU B 108 44.00 -10.98 14.31
C GLU B 108 44.97 -11.64 13.33
N GLU B 109 44.71 -12.90 13.00
CA GLU B 109 45.51 -13.59 11.99
C GLU B 109 45.57 -12.79 10.69
N ASP B 110 44.45 -12.20 10.28
CA ASP B 110 44.37 -11.40 9.07
C ASP B 110 44.66 -9.92 9.30
N LYS B 111 44.72 -9.48 10.57
CA LYS B 111 45.02 -8.08 10.84
C LYS B 111 46.49 -7.80 10.53
N LYS B 112 46.75 -6.72 9.80
CA LYS B 112 48.11 -6.31 9.48
C LYS B 112 48.68 -5.32 10.48
N HIS B 113 47.94 -5.00 11.54
CA HIS B 113 48.41 -4.09 12.56
C HIS B 113 48.02 -4.67 13.92
N GLU B 114 48.16 -3.85 14.96
CA GLU B 114 47.82 -4.31 16.30
C GLU B 114 46.30 -4.40 16.44
N ARG B 115 45.86 -5.39 17.23
CA ARG B 115 44.44 -5.70 17.32
C ARG B 115 43.66 -4.74 18.20
N HIS B 116 44.32 -3.83 18.90
CA HIS B 116 43.61 -2.86 19.72
C HIS B 116 43.43 -1.57 18.92
N PRO B 117 42.19 -1.20 18.59
CA PRO B 117 41.97 -0.16 17.56
C PRO B 117 42.44 1.23 17.97
N ILE B 118 41.97 1.72 19.11
CA ILE B 118 42.15 3.13 19.46
C ILE B 118 43.63 3.46 19.63
N PHE B 119 44.32 2.69 20.47
CA PHE B 119 45.67 3.05 20.87
C PHE B 119 46.76 2.12 20.35
N GLY B 120 46.45 0.86 20.08
CA GLY B 120 47.44 -0.05 19.54
C GLY B 120 48.32 -0.74 20.56
N ASN B 121 48.03 -0.60 21.86
CA ASN B 121 48.65 -1.42 22.88
C ASN B 121 47.61 -1.70 23.95
N ILE B 122 47.79 -2.82 24.66
CA ILE B 122 46.72 -3.32 25.51
C ILE B 122 46.51 -2.43 26.72
N VAL B 123 47.60 -1.90 27.30
CA VAL B 123 47.50 -1.09 28.50
C VAL B 123 46.58 0.11 28.27
N ASP B 124 46.88 0.90 27.24
CA ASP B 124 46.13 2.14 26.99
C ASP B 124 44.67 1.85 26.64
N GLU B 125 44.42 0.76 25.91
CA GLU B 125 43.06 0.42 25.51
C GLU B 125 42.22 0.01 26.72
N VAL B 126 42.77 -0.84 27.59
CA VAL B 126 42.06 -1.22 28.81
C VAL B 126 41.81 0.01 29.67
N ALA B 127 42.80 0.91 29.75
CA ALA B 127 42.61 2.13 30.53
C ALA B 127 41.50 2.99 29.96
N TYR B 128 41.46 3.13 28.63
CA TYR B 128 40.38 3.87 27.98
C TYR B 128 39.03 3.30 28.37
N HIS B 129 38.85 1.99 28.20
CA HIS B 129 37.55 1.38 28.44
C HIS B 129 37.16 1.50 29.91
N GLU B 130 38.13 1.38 30.82
CA GLU B 130 37.83 1.63 32.22
C GLU B 130 37.41 3.08 32.46
N LYS B 131 37.93 4.00 31.66
CA LYS B 131 37.58 5.41 31.87
C LYS B 131 36.27 5.78 31.19
N TYR B 132 36.02 5.27 29.98
CA TYR B 132 34.79 5.58 29.24
C TYR B 132 34.11 4.29 28.83
N PRO B 133 33.36 3.67 29.75
CA PRO B 133 32.69 2.41 29.42
C PRO B 133 31.74 2.51 28.23
N THR B 134 31.21 3.69 27.95
CA THR B 134 30.43 3.94 26.75
C THR B 134 31.01 5.11 25.99
N ILE B 135 30.62 5.22 24.72
CA ILE B 135 31.09 6.33 23.90
C ILE B 135 30.56 7.65 24.44
N TYR B 136 29.39 7.62 25.09
CA TYR B 136 28.78 8.85 25.58
C TYR B 136 29.55 9.42 26.75
N HIS B 137 30.27 8.59 27.51
CA HIS B 137 31.17 9.11 28.53
C HIS B 137 32.22 10.03 27.91
N LEU B 138 32.95 9.52 26.91
CA LEU B 138 33.95 10.34 26.21
C LEU B 138 33.31 11.55 25.56
N ARG B 139 32.10 11.39 25.01
CA ARG B 139 31.39 12.51 24.39
C ARG B 139 31.17 13.63 25.40
N LYS B 140 30.57 13.29 26.54
CA LYS B 140 30.31 14.30 27.56
C LYS B 140 31.60 14.93 28.05
N LYS B 141 32.65 14.12 28.23
CA LYS B 141 33.93 14.68 28.66
C LYS B 141 34.43 15.72 27.67
N LEU B 142 34.44 15.37 26.39
CA LEU B 142 34.95 16.30 25.38
C LEU B 142 34.07 17.53 25.26
N VAL B 143 32.78 17.43 25.54
CA VAL B 143 31.90 18.59 25.49
C VAL B 143 32.18 19.53 26.66
N ASP B 144 32.39 18.97 27.85
CA ASP B 144 32.51 19.78 29.06
C ASP B 144 33.94 20.20 29.37
N SER B 145 34.93 19.33 29.13
CA SER B 145 36.29 19.56 29.60
C SER B 145 37.00 20.64 28.79
N THR B 146 37.98 21.28 29.43
CA THR B 146 38.77 22.34 28.83
C THR B 146 40.16 21.91 28.41
N ASP B 147 40.54 20.66 28.70
CA ASP B 147 41.90 20.20 28.41
C ASP B 147 42.03 19.75 26.97
N LYS B 148 43.26 19.83 26.46
CA LYS B 148 43.56 19.24 25.16
C LYS B 148 43.39 17.73 25.24
N ALA B 149 42.75 17.16 24.21
CA ALA B 149 42.48 15.73 24.16
C ALA B 149 43.31 15.08 23.07
N ASP B 150 43.48 13.77 23.20
CA ASP B 150 44.12 12.99 22.15
C ASP B 150 43.28 13.05 20.89
N LEU B 151 43.95 13.25 19.74
CA LEU B 151 43.23 13.50 18.49
C LEU B 151 42.35 12.32 18.12
N ARG B 152 42.81 11.10 18.39
CA ARG B 152 42.01 9.91 18.11
C ARG B 152 40.71 9.91 18.91
N LEU B 153 40.79 10.32 20.18
CA LEU B 153 39.60 10.41 21.01
C LEU B 153 38.61 11.44 20.44
N ILE B 154 39.13 12.55 19.91
CA ILE B 154 38.27 13.54 19.27
C ILE B 154 37.57 12.96 18.05
N TYR B 155 38.36 12.29 17.19
CA TYR B 155 37.79 11.69 15.99
C TYR B 155 36.69 10.71 16.36
N LEU B 156 36.88 9.95 17.43
CA LEU B 156 35.90 8.91 17.75
C LEU B 156 34.55 9.53 18.12
N ALA B 157 34.56 10.58 18.94
CA ALA B 157 33.32 11.26 19.30
C ALA B 157 32.66 11.88 18.07
N LEU B 158 33.43 12.61 17.26
CA LEU B 158 32.83 13.26 16.10
C LEU B 158 32.27 12.24 15.12
N ALA B 159 33.01 11.14 14.90
CA ALA B 159 32.53 10.10 13.99
C ALA B 159 31.28 9.43 14.53
N HIS B 160 31.20 9.23 15.85
CA HIS B 160 29.99 8.62 16.41
C HIS B 160 28.80 9.54 16.22
N MET B 161 29.02 10.85 16.30
CA MET B 161 27.92 11.77 16.07
C MET B 161 27.51 11.81 14.60
N ILE B 162 28.48 11.73 13.69
CA ILE B 162 28.17 11.85 12.27
C ILE B 162 27.55 10.57 11.72
N LYS B 163 28.06 9.41 12.15
CA LYS B 163 27.57 8.14 11.63
C LYS B 163 26.14 7.85 12.08
N PHE B 164 25.71 8.44 13.20
CA PHE B 164 24.37 8.24 13.76
C PHE B 164 23.86 9.62 14.17
N ARG B 165 23.37 10.39 13.20
CA ARG B 165 23.20 11.82 13.38
C ARG B 165 21.81 12.21 13.84
N GLY B 166 20.79 11.39 13.62
CA GLY B 166 19.45 11.70 14.06
C GLY B 166 18.59 12.32 12.98
N HIS B 167 17.31 12.46 13.31
CA HIS B 167 16.31 12.89 12.33
C HIS B 167 16.43 14.37 12.04
N PHE B 168 15.74 14.79 10.98
CA PHE B 168 15.64 16.20 10.60
C PHE B 168 14.19 16.65 10.51
N LEU B 169 13.30 16.06 11.30
CA LEU B 169 11.88 16.40 11.17
C LEU B 169 11.56 17.78 11.73
N ILE B 170 12.53 18.46 12.33
CA ILE B 170 12.36 19.79 12.88
C ILE B 170 13.23 20.74 12.09
N GLU B 171 12.59 21.71 11.45
CA GLU B 171 13.33 22.74 10.72
C GLU B 171 13.89 23.77 11.69
N GLY B 172 14.85 24.55 11.20
CA GLY B 172 15.41 25.57 12.04
C GLY B 172 16.40 25.02 13.07
N ASP B 173 16.73 25.88 14.02
CA ASP B 173 17.68 25.55 15.08
C ASP B 173 16.95 25.20 16.37
N LEU B 174 17.69 24.58 17.29
CA LEU B 174 17.12 24.04 18.51
C LEU B 174 17.81 24.62 19.73
N ASN B 175 17.28 24.24 20.90
CA ASN B 175 17.75 24.64 22.22
C ASN B 175 17.64 26.15 22.45
N PRO B 176 16.46 26.79 22.20
CA PRO B 176 16.35 28.22 22.53
C PRO B 176 16.24 28.44 24.03
N ASP B 177 17.39 28.65 24.68
CA ASP B 177 17.55 28.69 26.13
C ASP B 177 17.18 27.35 26.78
N ASN B 178 17.28 26.27 26.00
CA ASN B 178 17.12 24.88 26.43
C ASN B 178 15.74 24.57 26.97
N SER B 179 14.77 25.49 26.83
CA SER B 179 13.35 25.24 27.06
C SER B 179 13.10 24.38 28.29
N ASP B 180 13.61 24.82 29.44
CA ASP B 180 13.30 24.15 30.69
C ASP B 180 11.81 24.31 30.97
N VAL B 181 11.14 23.18 31.21
CA VAL B 181 9.68 23.09 31.12
C VAL B 181 9.00 24.05 32.08
N ASP B 182 9.60 24.30 33.25
CA ASP B 182 8.97 25.18 34.23
C ASP B 182 8.76 26.58 33.69
N LYS B 183 9.74 27.10 32.95
CA LYS B 183 9.64 28.49 32.50
C LYS B 183 8.61 28.64 31.38
N LEU B 184 8.49 27.65 30.50
CA LEU B 184 7.46 27.72 29.47
C LEU B 184 6.07 27.55 30.07
N PHE B 185 5.93 26.66 31.07
CA PHE B 185 4.67 26.54 31.78
C PHE B 185 4.31 27.84 32.50
N ILE B 186 5.30 28.49 33.11
CA ILE B 186 5.05 29.75 33.80
C ILE B 186 4.63 30.83 32.80
N GLN B 187 5.29 30.91 31.65
CA GLN B 187 4.91 31.90 30.66
C GLN B 187 3.51 31.64 30.12
N LEU B 188 3.12 30.37 29.98
CA LEU B 188 1.75 30.05 29.62
C LEU B 188 0.77 30.58 30.66
N VAL B 189 1.04 30.30 31.94
CA VAL B 189 0.20 30.83 33.01
C VAL B 189 0.14 32.34 32.95
N GLN B 190 1.27 33.00 32.63
CA GLN B 190 1.31 34.46 32.63
C GLN B 190 0.48 35.05 31.50
N THR B 191 0.59 34.51 30.28
CA THR B 191 -0.22 35.05 29.19
C THR B 191 -1.69 34.73 29.40
N TYR B 192 -2.01 33.57 30.00
CA TYR B 192 -3.40 33.26 30.31
C TYR B 192 -3.97 34.26 31.32
N ASN B 193 -3.22 34.55 32.39
CA ASN B 193 -3.67 35.54 33.36
C ASN B 193 -3.69 36.95 32.77
N GLN B 194 -2.90 37.19 31.72
CA GLN B 194 -2.98 38.47 31.04
C GLN B 194 -4.31 38.62 30.31
N LEU B 195 -4.73 37.58 29.59
CA LEU B 195 -5.98 37.68 28.83
C LEU B 195 -7.22 37.57 29.71
N PHE B 196 -7.13 36.88 30.87
CA PHE B 196 -8.27 36.65 31.76
C PHE B 196 -7.90 37.13 33.16
N GLU B 197 -7.90 38.45 33.35
CA GLU B 197 -7.56 39.00 34.66
C GLU B 197 -8.62 38.65 35.70
N GLU B 198 -9.90 38.60 35.31
CA GLU B 198 -10.95 38.28 36.27
C GLU B 198 -10.88 36.84 36.75
N ASN B 199 -10.42 35.92 35.89
CA ASN B 199 -10.35 34.50 36.20
C ASN B 199 -8.89 34.04 36.13
N PRO B 200 -8.12 34.24 37.19
CA PRO B 200 -6.71 33.85 37.16
C PRO B 200 -6.47 32.46 37.73
N ILE B 201 -5.37 31.86 37.29
CA ILE B 201 -4.96 30.54 37.73
C ILE B 201 -3.83 30.68 38.74
N ASN B 202 -3.99 30.05 39.89
CA ASN B 202 -2.92 29.97 40.88
C ASN B 202 -2.06 28.77 40.53
N ALA B 203 -0.84 29.03 40.06
CA ALA B 203 0.11 27.98 39.69
C ALA B 203 1.24 27.83 40.70
N SER B 204 1.12 28.45 41.87
CA SER B 204 2.17 28.34 42.87
C SER B 204 2.14 26.96 43.52
N GLY B 205 3.33 26.42 43.79
CA GLY B 205 3.44 25.09 44.33
C GLY B 205 3.22 23.97 43.34
N VAL B 206 2.96 24.28 42.08
CA VAL B 206 2.76 23.28 41.05
C VAL B 206 4.11 22.96 40.42
N ASP B 207 4.53 21.70 40.54
CA ASP B 207 5.79 21.23 39.95
C ASP B 207 5.52 20.78 38.52
N ALA B 208 5.50 21.76 37.60
CA ALA B 208 5.21 21.46 36.21
C ALA B 208 6.29 20.57 35.59
N LYS B 209 7.55 20.78 35.98
CA LYS B 209 8.65 20.03 35.41
C LYS B 209 8.43 18.52 35.58
N ALA B 210 8.16 18.09 36.81
CA ALA B 210 7.97 16.66 37.04
C ALA B 210 6.70 16.14 36.38
N ILE B 211 5.61 16.92 36.44
CA ILE B 211 4.31 16.40 36.02
C ILE B 211 4.24 16.26 34.51
N LEU B 212 4.71 17.26 33.77
CA LEU B 212 4.57 17.23 32.32
C LEU B 212 5.68 16.42 31.65
N SER B 213 6.84 16.32 32.28
CA SER B 213 7.94 15.52 31.75
C SER B 213 7.92 14.08 32.25
N ALA B 214 6.96 13.74 33.12
CA ALA B 214 6.86 12.38 33.62
C ALA B 214 6.61 11.40 32.47
N ARG B 215 7.16 10.20 32.61
CA ARG B 215 7.01 9.15 31.60
C ARG B 215 5.60 8.55 31.76
N LEU B 216 4.61 9.28 31.28
CA LEU B 216 3.21 8.88 31.38
C LEU B 216 2.48 9.29 30.10
N SER B 217 1.29 8.72 29.93
CA SER B 217 0.47 9.04 28.77
C SER B 217 0.08 10.51 28.80
N LYS B 218 -0.23 11.04 27.61
CA LYS B 218 -0.55 12.46 27.49
C LYS B 218 -1.74 12.83 28.38
N SER B 219 -2.82 12.04 28.28
CA SER B 219 -4.03 12.36 29.06
C SER B 219 -3.80 12.19 30.55
N ARG B 220 -2.94 11.25 30.96
CA ARG B 220 -2.69 11.09 32.39
C ARG B 220 -1.87 12.24 32.95
N ARG B 221 -0.87 12.72 32.21
CA ARG B 221 -0.14 13.90 32.65
C ARG B 221 -1.06 15.12 32.68
N LEU B 222 -1.95 15.22 31.70
CA LEU B 222 -2.98 16.26 31.73
C LEU B 222 -3.81 16.17 32.99
N GLU B 223 -4.25 14.96 33.34
CA GLU B 223 -5.05 14.76 34.55
C GLU B 223 -4.27 15.14 35.79
N ASN B 224 -2.98 14.79 35.84
CA ASN B 224 -2.16 15.15 37.00
C ASN B 224 -2.08 16.66 37.16
N LEU B 225 -1.72 17.36 36.08
CA LEU B 225 -1.57 18.80 36.16
C LEU B 225 -2.90 19.47 36.50
N ILE B 226 -4.01 18.97 35.94
CA ILE B 226 -5.32 19.53 36.25
C ILE B 226 -5.67 19.28 37.73
N ALA B 227 -5.33 18.09 38.23
CA ALA B 227 -5.53 17.79 39.64
C ALA B 227 -4.76 18.74 40.53
N GLN B 228 -3.59 19.20 40.07
CA GLN B 228 -2.90 20.22 40.85
C GLN B 228 -3.57 21.61 40.78
N LEU B 229 -4.74 21.76 40.18
CA LEU B 229 -5.41 23.05 40.07
C LEU B 229 -6.88 22.91 40.50
N PRO B 230 -7.20 23.29 41.75
CA PRO B 230 -8.57 23.13 42.25
C PRO B 230 -9.50 24.08 41.52
N GLY B 231 -10.75 23.65 41.37
CA GLY B 231 -11.75 24.44 40.66
C GLY B 231 -11.35 24.71 39.23
N GLU B 232 -10.69 23.75 38.60
CA GLU B 232 -10.23 23.85 37.21
C GLU B 232 -10.30 22.46 36.60
N LYS B 233 -10.83 22.38 35.39
CA LYS B 233 -11.13 21.11 34.77
C LYS B 233 -10.32 20.94 33.48
N LYS B 234 -10.19 19.67 33.06
CA LYS B 234 -9.31 19.31 31.97
C LYS B 234 -9.81 19.80 30.61
N ASN B 235 -11.10 20.08 30.48
CA ASN B 235 -11.67 20.53 29.22
C ASN B 235 -11.87 22.04 29.14
N GLY B 236 -11.52 22.77 30.20
CA GLY B 236 -11.55 24.21 30.16
C GLY B 236 -10.49 24.75 29.20
N LEU B 237 -10.37 26.09 29.19
CA LEU B 237 -9.43 26.72 28.27
C LEU B 237 -8.00 26.34 28.61
N PHE B 238 -7.59 26.52 29.87
CA PHE B 238 -6.22 26.18 30.26
C PHE B 238 -5.96 24.69 30.11
N GLY B 239 -6.94 23.86 30.48
CA GLY B 239 -6.79 22.43 30.29
C GLY B 239 -6.62 22.05 28.83
N ASN B 240 -7.39 22.70 27.95
CA ASN B 240 -7.25 22.44 26.52
C ASN B 240 -5.90 22.91 26.00
N LEU B 241 -5.38 24.02 26.54
CA LEU B 241 -4.06 24.48 26.13
C LEU B 241 -2.97 23.50 26.56
N ILE B 242 -3.07 23.00 27.80
CA ILE B 242 -2.09 22.01 28.27
C ILE B 242 -2.20 20.72 27.46
N ALA B 243 -3.43 20.34 27.08
CA ALA B 243 -3.62 19.16 26.24
C ALA B 243 -2.98 19.36 24.88
N LEU B 244 -3.19 20.53 24.26
CA LEU B 244 -2.55 20.85 22.99
C LEU B 244 -1.04 20.82 23.11
N SER B 245 -0.51 21.25 24.26
CA SER B 245 0.93 21.20 24.48
C SER B 245 1.42 19.77 24.66
N LEU B 246 0.60 18.91 25.26
CA LEU B 246 0.96 17.51 25.43
C LEU B 246 0.78 16.68 24.17
N GLY B 247 0.14 17.23 23.14
CA GLY B 247 0.00 16.55 21.87
C GLY B 247 -1.35 15.96 21.58
N LEU B 248 -2.37 16.24 22.40
CA LEU B 248 -3.71 15.72 22.15
C LEU B 248 -4.44 16.58 21.13
N THR B 249 -5.73 16.31 20.92
CA THR B 249 -6.54 17.04 19.94
C THR B 249 -7.71 17.71 20.66
N PRO B 250 -7.45 18.78 21.40
CA PRO B 250 -8.52 19.45 22.13
C PRO B 250 -9.39 20.30 21.22
N ASN B 251 -10.64 20.49 21.65
CA ASN B 251 -11.64 21.22 20.89
C ASN B 251 -11.89 22.56 21.58
N PHE B 252 -11.42 23.64 20.97
CA PHE B 252 -11.56 24.98 21.53
C PHE B 252 -12.91 25.62 21.22
N LYS B 253 -13.83 24.88 20.60
CA LYS B 253 -15.16 25.41 20.33
C LYS B 253 -15.83 25.84 21.64
N SER B 254 -15.98 24.90 22.57
CA SER B 254 -16.70 25.19 23.81
C SER B 254 -16.01 26.25 24.65
N ASN B 255 -14.69 26.40 24.49
CA ASN B 255 -13.95 27.38 25.28
C ASN B 255 -14.31 28.81 24.90
N PHE B 256 -14.63 29.05 23.62
CA PHE B 256 -14.95 30.39 23.15
C PHE B 256 -16.35 30.49 22.55
N ASP B 257 -17.24 29.56 22.89
CA ASP B 257 -18.64 29.59 22.46
C ASP B 257 -18.74 29.61 20.93
N LEU B 258 -17.85 28.88 20.27
CA LEU B 258 -17.74 28.91 18.82
C LEU B 258 -18.86 28.12 18.17
N ALA B 259 -19.13 28.45 16.90
CA ALA B 259 -19.91 27.58 16.03
C ALA B 259 -19.01 26.62 15.28
N GLU B 260 -17.94 27.15 14.68
CA GLU B 260 -16.97 26.32 13.98
C GLU B 260 -16.20 25.44 14.96
N ASP B 261 -16.13 24.15 14.67
CA ASP B 261 -15.45 23.17 15.52
C ASP B 261 -13.95 23.43 15.45
N ALA B 262 -13.40 24.03 16.52
CA ALA B 262 -11.99 24.41 16.56
C ALA B 262 -11.16 23.29 17.21
N LYS B 263 -11.04 22.19 16.46
CA LYS B 263 -10.17 21.09 16.86
C LYS B 263 -8.74 21.41 16.42
N LEU B 264 -7.81 21.34 17.37
CA LEU B 264 -6.43 21.71 17.12
C LEU B 264 -5.48 20.62 17.61
N GLN B 265 -4.58 20.18 16.73
CA GLN B 265 -3.48 19.32 17.10
C GLN B 265 -2.21 19.88 16.48
N LEU B 266 -1.16 20.00 17.29
CA LEU B 266 0.08 20.61 16.81
C LEU B 266 0.78 19.77 15.76
N SER B 267 0.42 18.51 15.61
CA SER B 267 1.04 17.64 14.64
C SER B 267 0.46 17.85 13.24
N THR B 270 -2.48 20.89 9.17
CA THR B 270 -3.45 21.95 8.94
C THR B 270 -3.43 22.99 10.05
N TYR B 271 -2.65 22.71 11.10
CA TYR B 271 -2.66 23.56 12.29
C TYR B 271 -2.37 25.01 11.94
N ASP B 272 -1.36 25.24 11.09
CA ASP B 272 -1.01 26.60 10.68
C ASP B 272 -2.25 27.38 10.25
N ASP B 273 -3.13 26.74 9.49
CA ASP B 273 -4.40 27.38 9.15
C ASP B 273 -5.39 27.29 10.31
N ASP B 274 -5.51 26.10 10.91
CA ASP B 274 -6.50 25.87 11.97
C ASP B 274 -6.36 26.89 13.10
N LEU B 275 -5.14 27.38 13.35
CA LEU B 275 -4.98 28.46 14.32
C LEU B 275 -5.41 29.79 13.73
N ASP B 276 -4.85 30.17 12.58
CA ASP B 276 -5.27 31.41 11.92
C ASP B 276 -6.79 31.45 11.78
N ASN B 277 -7.36 30.42 11.14
CA ASN B 277 -8.81 30.25 11.06
C ASN B 277 -9.49 30.55 12.39
N LEU B 278 -8.99 29.95 13.47
CA LEU B 278 -9.59 30.18 14.78
C LEU B 278 -9.36 31.61 15.25
N LEU B 279 -8.12 32.10 15.12
CA LEU B 279 -7.80 33.41 15.68
C LEU B 279 -8.78 34.47 15.16
N ALA B 280 -9.10 34.43 13.87
CA ALA B 280 -10.11 35.30 13.26
C ALA B 280 -11.33 35.48 14.14
N GLN B 281 -11.92 34.37 14.62
CA GLN B 281 -13.16 34.49 15.39
C GLN B 281 -12.94 35.23 16.71
N ILE B 282 -11.83 34.97 17.40
CA ILE B 282 -11.56 35.63 18.68
C ILE B 282 -10.51 36.72 18.56
N GLY B 283 -10.02 36.99 17.36
CA GLY B 283 -9.03 38.02 17.17
C GLY B 283 -7.61 37.52 17.31
N ASP B 284 -6.68 38.41 16.97
CA ASP B 284 -5.28 38.22 17.30
C ASP B 284 -4.99 38.44 18.79
N GLN B 285 -5.95 39.00 19.53
CA GLN B 285 -5.87 39.27 20.96
C GLN B 285 -5.30 38.10 21.75
N TYR B 286 -5.62 36.87 21.33
CA TYR B 286 -5.30 35.67 22.07
C TYR B 286 -4.06 34.95 21.52
N ALA B 287 -3.51 35.42 20.40
CA ALA B 287 -2.43 34.71 19.73
C ALA B 287 -1.32 34.34 20.69
N ASP B 288 -0.71 35.36 21.35
CA ASP B 288 0.41 35.10 22.24
C ASP B 288 0.10 33.99 23.23
N LEU B 289 -1.12 33.98 23.78
CA LEU B 289 -1.55 32.90 24.67
C LEU B 289 -1.23 31.55 24.06
N PHE B 290 -1.90 31.24 22.93
CA PHE B 290 -1.65 29.96 22.26
C PHE B 290 -0.17 29.76 21.94
N LEU B 291 0.54 30.84 21.60
CA LEU B 291 1.96 30.68 21.28
C LEU B 291 2.74 30.21 22.50
N ALA B 292 2.49 30.80 23.67
CA ALA B 292 3.16 30.35 24.89
C ALA B 292 2.84 28.90 25.19
N ALA B 293 1.79 28.36 24.56
CA ALA B 293 1.49 26.95 24.71
C ALA B 293 2.34 26.10 23.77
N LYS B 294 2.44 26.54 22.51
CA LYS B 294 3.19 25.76 21.51
C LYS B 294 4.61 25.49 21.97
N ASN B 295 5.31 26.53 22.46
CA ASN B 295 6.64 26.38 23.01
C ASN B 295 6.71 25.25 24.01
N LEU B 296 5.76 25.23 24.96
CA LEU B 296 5.74 24.18 25.98
C LEU B 296 5.81 22.80 25.35
N SER B 297 5.04 22.57 24.29
CA SER B 297 5.07 21.30 23.58
C SER B 297 6.51 20.90 23.27
N ASP B 298 7.23 21.79 22.55
CA ASP B 298 8.64 21.57 22.27
C ASP B 298 9.38 21.13 23.53
N ALA B 299 9.30 21.96 24.58
CA ALA B 299 9.98 21.64 25.83
C ALA B 299 9.61 20.25 26.32
N ILE B 300 8.32 19.95 26.38
CA ILE B 300 7.86 18.65 26.84
C ILE B 300 8.47 17.55 25.99
N LEU B 301 8.44 17.73 24.67
CA LEU B 301 9.04 16.75 23.78
C LEU B 301 10.52 16.56 24.10
N LEU B 302 11.25 17.66 24.31
CA LEU B 302 12.65 17.55 24.64
C LEU B 302 12.84 16.88 26.00
N SER B 303 11.89 17.08 26.92
CA SER B 303 11.98 16.43 28.22
C SER B 303 11.88 14.92 28.09
N ASP B 304 11.35 14.43 26.97
CA ASP B 304 11.34 12.99 26.72
C ASP B 304 12.75 12.49 26.39
N ILE B 305 13.53 13.29 25.69
CA ILE B 305 14.85 12.87 25.24
C ILE B 305 15.92 13.24 26.26
N LEU B 306 15.95 14.50 26.68
CA LEU B 306 16.93 14.97 27.65
C LEU B 306 16.32 14.85 29.03
N ARG B 307 16.76 13.84 29.79
CA ARG B 307 16.25 13.56 31.13
C ARG B 307 17.29 13.93 32.20
N VAL B 308 17.95 15.06 32.01
CA VAL B 308 18.95 15.54 32.95
C VAL B 308 18.91 17.06 32.91
N ASN B 309 19.31 17.68 34.02
CA ASN B 309 19.36 19.14 34.06
C ASN B 309 20.33 19.66 33.00
N THR B 310 19.93 20.70 32.30
CA THR B 310 20.69 21.20 31.18
C THR B 310 21.63 22.33 31.56
N GLU B 311 21.72 22.67 32.84
CA GLU B 311 22.61 23.71 33.32
C GLU B 311 23.86 23.16 33.98
N ILE B 312 23.96 21.83 34.12
CA ILE B 312 25.19 21.19 34.59
C ILE B 312 26.08 20.72 33.47
N THR B 313 25.58 20.69 32.23
CA THR B 313 26.36 20.21 31.11
C THR B 313 25.81 20.79 29.82
N LYS B 314 26.70 20.99 28.86
CA LYS B 314 26.30 21.26 27.48
C LYS B 314 26.11 19.98 26.68
N ALA B 315 26.07 18.84 27.36
CA ALA B 315 25.81 17.55 26.72
C ALA B 315 24.65 16.87 27.41
N PRO B 316 23.45 17.45 27.34
CA PRO B 316 22.32 16.83 28.06
C PRO B 316 21.98 15.46 27.55
N LEU B 317 22.16 15.23 26.23
CA LEU B 317 21.91 13.93 25.65
C LEU B 317 22.86 12.87 26.21
N SER B 318 24.16 13.10 26.02
CA SER B 318 25.16 12.16 26.50
C SER B 318 25.05 11.99 28.02
N ALA B 319 24.74 13.06 28.74
CA ALA B 319 24.53 12.95 30.18
C ALA B 319 23.35 12.05 30.48
N SER B 320 22.30 12.09 29.66
CA SER B 320 21.14 11.23 29.90
C SER B 320 21.47 9.78 29.57
N MET B 321 22.28 9.56 28.54
CA MET B 321 22.77 8.20 28.25
C MET B 321 23.60 7.67 29.42
N ILE B 322 24.43 8.53 30.00
CA ILE B 322 25.23 8.12 31.16
C ILE B 322 24.34 7.87 32.37
N LYS B 323 23.24 8.63 32.49
CA LYS B 323 22.24 8.34 33.51
C LYS B 323 21.68 6.94 33.32
N ARG B 324 21.36 6.59 32.08
CA ARG B 324 20.96 5.22 31.74
C ARG B 324 22.00 4.21 32.22
N TYR B 325 23.27 4.47 31.90
CA TYR B 325 24.33 3.50 32.23
C TYR B 325 24.48 3.35 33.74
N ASP B 326 24.45 4.46 34.47
CA ASP B 326 24.63 4.42 35.91
C ASP B 326 23.47 3.72 36.60
N GLU B 327 22.24 4.02 36.18
CA GLU B 327 21.09 3.34 36.75
C GLU B 327 21.09 1.85 36.39
N HIS B 328 21.55 1.51 35.17
CA HIS B 328 21.71 0.11 34.80
C HIS B 328 22.69 -0.58 35.74
N HIS B 329 23.83 0.06 36.01
CA HIS B 329 24.83 -0.54 36.90
C HIS B 329 24.28 -0.73 38.30
N GLN B 330 23.68 0.33 38.86
CA GLN B 330 23.14 0.25 40.22
C GLN B 330 22.05 -0.81 40.33
N ASP B 331 21.09 -0.78 39.40
CA ASP B 331 20.00 -1.74 39.43
C ASP B 331 20.49 -3.16 39.18
N LEU B 332 21.53 -3.33 38.35
CA LEU B 332 22.07 -4.67 38.11
C LEU B 332 22.74 -5.21 39.37
N THR B 333 23.52 -4.37 40.06
CA THR B 333 24.13 -4.79 41.31
C THR B 333 23.05 -5.18 42.33
N LEU B 334 22.03 -4.33 42.47
CA LEU B 334 20.96 -4.61 43.42
C LEU B 334 20.21 -5.90 43.06
N LEU B 335 19.92 -6.09 41.76
CA LEU B 335 19.21 -7.28 41.34
C LEU B 335 20.03 -8.54 41.58
N LYS B 336 21.33 -8.48 41.28
CA LYS B 336 22.20 -9.61 41.55
C LYS B 336 22.20 -9.97 43.03
N ALA B 337 22.33 -8.96 43.90
CA ALA B 337 22.34 -9.23 45.33
C ALA B 337 21.01 -9.78 45.82
N LEU B 338 19.90 -9.20 45.34
CA LEU B 338 18.57 -9.68 45.72
C LEU B 338 18.38 -11.13 45.33
N VAL B 339 18.74 -11.49 44.09
CA VAL B 339 18.57 -12.86 43.63
C VAL B 339 19.53 -13.80 44.36
N ARG B 340 20.73 -13.33 44.69
CA ARG B 340 21.63 -14.12 45.51
C ARG B 340 20.98 -14.48 46.84
N GLN B 341 20.33 -13.50 47.47
CA GLN B 341 19.82 -13.71 48.82
C GLN B 341 18.52 -14.53 48.83
N GLN B 342 17.57 -14.18 47.97
CA GLN B 342 16.22 -14.74 48.03
C GLN B 342 16.01 -15.94 47.12
N LEU B 343 16.50 -15.91 45.89
CA LEU B 343 16.33 -17.00 44.93
C LEU B 343 17.68 -17.42 44.39
N PRO B 344 18.48 -18.13 45.20
CA PRO B 344 19.85 -18.46 44.77
C PRO B 344 19.93 -19.53 43.70
N GLU B 345 18.88 -20.35 43.53
CA GLU B 345 18.91 -21.42 42.53
C GLU B 345 18.63 -20.91 41.12
N LYS B 346 17.98 -19.75 40.99
CA LYS B 346 17.67 -19.19 39.68
C LYS B 346 18.81 -18.37 39.09
N TYR B 347 19.77 -17.94 39.93
CA TYR B 347 20.79 -16.98 39.51
C TYR B 347 21.42 -17.37 38.18
N LYS B 348 21.92 -18.60 38.08
CA LYS B 348 22.53 -19.06 36.84
C LYS B 348 21.61 -18.81 35.65
N GLU B 349 20.39 -19.37 35.71
CA GLU B 349 19.44 -19.21 34.62
C GLU B 349 19.24 -17.76 34.24
N ILE B 350 19.34 -16.85 35.20
CA ILE B 350 19.13 -15.43 34.90
C ILE B 350 20.37 -14.82 34.28
N PHE B 351 21.56 -15.16 34.79
CA PHE B 351 22.77 -14.42 34.44
C PHE B 351 23.78 -15.22 33.64
N PHE B 352 23.45 -16.44 33.23
CA PHE B 352 24.38 -17.27 32.48
C PHE B 352 23.77 -17.97 31.28
N ASP B 353 22.45 -18.10 31.20
CA ASP B 353 21.81 -18.86 30.13
C ASP B 353 21.38 -17.90 29.04
N GLN B 354 22.13 -17.88 27.93
CA GLN B 354 21.77 -17.03 26.80
C GLN B 354 20.49 -17.50 26.11
N SER B 355 20.11 -18.76 26.28
CA SER B 355 18.87 -19.24 25.70
C SER B 355 17.66 -18.73 26.46
N LYS B 356 17.77 -18.61 27.79
CA LYS B 356 16.70 -18.05 28.58
C LYS B 356 16.60 -16.55 28.37
N ASN B 357 15.41 -16.01 28.62
CA ASN B 357 15.19 -14.60 28.37
C ASN B 357 15.59 -13.74 29.57
N GLY B 358 16.56 -14.22 30.34
CA GLY B 358 17.09 -13.47 31.45
C GLY B 358 18.14 -12.47 31.00
N TYR B 359 18.84 -11.90 31.98
CA TYR B 359 19.86 -10.89 31.69
C TYR B 359 20.91 -11.41 30.72
N ALA B 360 21.21 -12.70 30.79
CA ALA B 360 22.19 -13.29 29.88
C ALA B 360 21.72 -13.18 28.44
N GLY B 361 20.50 -13.67 28.17
CA GLY B 361 19.92 -13.52 26.84
C GLY B 361 19.66 -12.08 26.46
N TYR B 362 19.52 -11.20 27.44
CA TYR B 362 19.27 -9.78 27.17
C TYR B 362 20.53 -9.07 26.70
N ILE B 363 21.68 -9.48 27.22
CA ILE B 363 22.95 -8.86 26.87
C ILE B 363 23.68 -9.64 25.78
N ASP B 364 23.69 -10.97 25.87
CA ASP B 364 24.46 -11.79 24.94
C ASP B 364 23.60 -12.58 23.97
N GLY B 365 22.36 -12.92 24.33
CA GLY B 365 21.48 -13.71 23.50
C GLY B 365 20.67 -12.86 22.54
N GLY B 366 19.49 -13.36 22.19
CA GLY B 366 18.63 -12.68 21.25
C GLY B 366 17.40 -12.08 21.90
N ALA B 367 17.46 -11.90 23.22
CA ALA B 367 16.32 -11.38 23.95
C ALA B 367 16.25 -9.87 23.80
N SER B 368 15.06 -9.36 23.51
CA SER B 368 14.83 -7.93 23.41
C SER B 368 14.48 -7.36 24.79
N GLN B 369 14.54 -6.04 24.89
CA GLN B 369 14.16 -5.36 26.13
C GLN B 369 12.76 -5.79 26.57
N GLU B 370 11.84 -5.88 25.62
CA GLU B 370 10.48 -6.29 25.94
C GLU B 370 10.43 -7.73 26.43
N GLU B 371 11.14 -8.63 25.73
CA GLU B 371 11.18 -10.04 26.15
C GLU B 371 11.82 -10.19 27.53
N PHE B 372 12.89 -9.42 27.79
CA PHE B 372 13.54 -9.48 29.08
C PHE B 372 12.62 -8.98 30.20
N TYR B 373 11.90 -7.88 29.95
CA TYR B 373 10.94 -7.41 30.93
C TYR B 373 9.86 -8.44 31.20
N LYS B 374 9.35 -9.09 30.15
CA LYS B 374 8.33 -10.13 30.33
C LYS B 374 8.89 -11.31 31.12
N PHE B 375 10.16 -11.64 30.89
CA PHE B 375 10.76 -12.77 31.61
C PHE B 375 10.99 -12.46 33.08
N ILE B 376 11.32 -11.20 33.40
CA ILE B 376 11.76 -10.89 34.77
C ILE B 376 10.69 -10.24 35.63
N LYS B 377 9.58 -9.79 35.06
CA LYS B 377 8.51 -9.21 35.89
C LYS B 377 8.00 -10.16 36.97
N PRO B 378 7.69 -11.43 36.68
CA PRO B 378 7.26 -12.33 37.77
C PRO B 378 8.34 -12.55 38.82
N ILE B 379 9.61 -12.57 38.41
CA ILE B 379 10.68 -12.77 39.38
C ILE B 379 10.79 -11.58 40.31
N LEU B 380 10.56 -10.37 39.80
CA LEU B 380 10.61 -9.19 40.66
C LEU B 380 9.40 -9.11 41.58
N GLU B 381 8.20 -9.42 41.05
CA GLU B 381 7.02 -9.42 41.91
C GLU B 381 7.07 -10.50 42.98
N LYS B 382 7.74 -11.61 42.67
CA LYS B 382 7.86 -12.72 43.61
C LYS B 382 8.79 -12.40 44.77
N MET B 383 9.74 -11.48 44.59
CA MET B 383 10.74 -11.18 45.61
C MET B 383 10.39 -9.89 46.36
N ASP B 384 11.16 -9.62 47.41
CA ASP B 384 10.98 -8.44 48.24
C ASP B 384 12.13 -7.47 48.03
N GLY B 385 11.82 -6.18 48.02
CA GLY B 385 12.78 -5.15 47.71
C GLY B 385 12.84 -4.74 46.26
N THR B 386 11.95 -5.27 45.43
CA THR B 386 11.95 -5.01 43.99
C THR B 386 10.92 -3.96 43.60
N GLU B 387 10.37 -3.22 44.57
CA GLU B 387 9.30 -2.27 44.27
C GLU B 387 9.79 -1.16 43.33
N GLU B 388 10.97 -0.59 43.62
CA GLU B 388 11.52 0.44 42.75
C GLU B 388 11.92 -0.14 41.40
N LEU B 389 12.46 -1.36 41.38
CA LEU B 389 12.79 -1.99 40.11
C LEU B 389 11.53 -2.28 39.31
N LEU B 390 10.44 -2.66 39.98
CA LEU B 390 9.17 -2.84 39.27
C LEU B 390 8.65 -1.52 38.74
N VAL B 391 8.81 -0.44 39.50
CA VAL B 391 8.41 0.89 39.02
C VAL B 391 9.17 1.25 37.76
N LYS B 392 10.49 1.03 37.76
CA LYS B 392 11.29 1.30 36.57
C LYS B 392 10.91 0.36 35.43
N LEU B 393 10.46 -0.86 35.75
CA LEU B 393 10.07 -1.81 34.71
C LEU B 393 8.81 -1.37 34.00
N ASN B 394 7.80 -0.93 34.76
CA ASN B 394 6.54 -0.50 34.14
C ASN B 394 6.65 0.85 33.45
N ARG B 395 7.66 1.65 33.79
CA ARG B 395 7.95 2.88 33.05
C ARG B 395 8.80 2.64 31.82
N GLU B 396 9.18 1.38 31.55
CA GLU B 396 10.11 1.04 30.47
C GLU B 396 11.44 1.77 30.63
N ASP B 397 12.00 1.67 31.83
CA ASP B 397 13.21 2.40 32.20
C ASP B 397 14.09 1.60 33.16
N LEU B 398 14.10 0.28 33.02
CA LEU B 398 14.86 -0.61 33.90
C LEU B 398 15.96 -1.31 33.10
N LEU B 399 17.19 -1.23 33.61
CA LEU B 399 18.35 -1.91 33.02
C LEU B 399 18.49 -1.57 31.54
N ARG B 400 18.26 -0.30 31.21
CA ARG B 400 18.26 0.13 29.82
C ARG B 400 19.66 0.12 29.22
N LYS B 401 19.74 -0.25 27.94
CA LYS B 401 20.94 -0.03 27.17
C LYS B 401 20.94 1.40 26.65
N GLN B 402 21.97 1.74 25.86
CA GLN B 402 22.06 3.06 25.26
C GLN B 402 21.75 3.07 23.77
N ARG B 403 21.91 1.95 23.09
CA ARG B 403 21.58 1.82 21.67
C ARG B 403 20.29 1.02 21.57
N THR B 404 19.17 1.71 21.32
CA THR B 404 17.85 1.09 21.40
C THR B 404 17.00 1.56 20.21
N PHE B 405 15.72 1.20 20.26
CA PHE B 405 14.76 1.50 19.20
C PHE B 405 14.02 2.81 19.40
N ASP B 406 13.86 3.27 20.65
CA ASP B 406 13.17 4.52 20.93
C ASP B 406 14.05 5.74 20.71
N ASN B 407 15.31 5.56 20.30
CA ASN B 407 16.21 6.68 20.06
C ASN B 407 15.83 7.48 18.82
N GLY B 408 14.86 7.01 18.04
CA GLY B 408 14.43 7.75 16.86
C GLY B 408 13.86 9.13 17.16
N SER B 409 13.63 9.46 18.42
CA SER B 409 13.12 10.76 18.81
C SER B 409 14.22 11.78 19.06
N ILE B 410 15.48 11.44 18.81
CA ILE B 410 16.61 12.33 19.06
C ILE B 410 16.86 13.14 17.80
N PRO B 411 16.63 14.45 17.82
CA PRO B 411 16.85 15.25 16.61
C PRO B 411 18.33 15.40 16.32
N HIS B 412 18.64 15.61 15.04
CA HIS B 412 20.02 15.85 14.63
C HIS B 412 20.59 17.11 15.26
N GLN B 413 19.72 18.05 15.63
CA GLN B 413 20.19 19.29 16.21
C GLN B 413 20.91 19.06 17.53
N ILE B 414 20.54 18.02 18.28
CA ILE B 414 21.18 17.77 19.58
C ILE B 414 22.59 17.22 19.39
N HIS B 415 22.71 16.18 18.56
CA HIS B 415 24.02 15.67 18.17
C HIS B 415 24.89 16.80 17.61
N LEU B 416 24.27 17.70 16.83
CA LEU B 416 25.01 18.83 16.29
C LEU B 416 25.48 19.76 17.40
N GLY B 417 24.64 19.97 18.40
CA GLY B 417 25.06 20.80 19.52
C GLY B 417 26.29 20.25 20.20
N GLU B 418 26.31 18.94 20.44
CA GLU B 418 27.45 18.33 21.11
C GLU B 418 28.70 18.34 20.20
N LEU B 419 28.51 18.10 18.90
CA LEU B 419 29.63 18.18 17.96
C LEU B 419 30.24 19.57 17.94
N HIS B 420 29.40 20.60 17.80
CA HIS B 420 29.88 21.97 17.78
C HIS B 420 30.58 22.31 19.09
N ALA B 421 30.05 21.83 20.22
CA ALA B 421 30.69 22.09 21.51
C ALA B 421 32.09 21.52 21.56
N ILE B 422 32.25 20.27 21.12
CA ILE B 422 33.57 19.65 21.11
C ILE B 422 34.51 20.42 20.19
N LEU B 423 34.02 20.80 19.01
CA LEU B 423 34.84 21.58 18.09
C LEU B 423 35.35 22.86 18.75
N ARG B 424 34.44 23.65 19.30
CA ARG B 424 34.84 24.89 19.96
C ARG B 424 35.73 24.61 21.17
N ARG B 425 35.65 23.42 21.75
CA ARG B 425 36.54 23.07 22.86
C ARG B 425 37.97 22.87 22.35
N GLN B 426 38.15 21.98 21.38
CA GLN B 426 39.50 21.57 20.97
C GLN B 426 40.05 22.35 19.78
N GLU B 427 39.25 23.23 19.16
CA GLU B 427 39.81 24.08 18.11
C GLU B 427 40.84 25.05 18.68
N ASP B 428 40.85 25.25 20.00
CA ASP B 428 41.85 26.11 20.60
C ASP B 428 43.22 25.46 20.60
N PHE B 429 43.27 24.13 20.55
CA PHE B 429 44.54 23.42 20.56
C PHE B 429 44.98 22.92 19.19
N TYR B 430 44.09 22.87 18.20
CA TYR B 430 44.44 22.38 16.88
C TYR B 430 43.94 23.38 15.86
N PRO B 431 44.80 23.84 14.94
CA PRO B 431 44.34 24.87 13.97
C PRO B 431 43.46 24.31 12.87
N PHE B 432 43.69 23.05 12.47
CA PHE B 432 42.89 22.48 11.39
C PHE B 432 41.44 22.25 11.82
N LEU B 433 41.20 22.11 13.12
CA LEU B 433 39.83 22.06 13.63
C LEU B 433 39.15 23.41 13.46
N LYS B 434 39.84 24.50 13.80
CA LYS B 434 39.22 25.82 13.64
C LYS B 434 38.93 26.11 12.18
N ASP B 435 39.92 25.92 11.31
CA ASP B 435 39.70 26.26 9.90
C ASP B 435 38.77 25.29 9.19
N ASN B 436 38.41 24.17 9.82
CA ASN B 436 37.45 23.22 9.26
C ASN B 436 36.27 22.97 10.21
N ARG B 437 35.98 23.92 11.10
CA ARG B 437 34.87 23.75 12.02
C ARG B 437 33.54 23.69 11.28
N GLU B 438 33.27 24.71 10.46
CA GLU B 438 32.03 24.76 9.70
C GLU B 438 31.95 23.63 8.68
N LYS B 439 33.10 23.17 8.16
CA LYS B 439 33.08 22.04 7.22
C LYS B 439 32.59 20.77 7.89
N ILE B 440 33.10 20.48 9.09
CA ILE B 440 32.66 19.29 9.82
C ILE B 440 31.19 19.43 10.21
N GLU B 441 30.79 20.62 10.68
CA GLU B 441 29.39 20.84 10.98
C GLU B 441 28.51 20.55 9.76
N LYS B 442 28.95 21.03 8.59
CA LYS B 442 28.19 20.79 7.35
C LYS B 442 28.13 19.30 7.03
N ILE B 443 29.23 18.58 7.26
CA ILE B 443 29.21 17.12 7.09
C ILE B 443 28.05 16.53 7.90
N LEU B 444 27.89 16.99 9.14
CA LEU B 444 26.78 16.46 9.93
C LEU B 444 25.43 16.90 9.39
N THR B 445 25.31 18.16 8.98
CA THR B 445 24.00 18.74 8.73
C THR B 445 23.48 18.51 7.31
N PHE B 446 24.34 18.33 6.32
CA PHE B 446 23.88 18.35 4.93
C PHE B 446 23.03 17.15 4.59
N ARG B 447 21.95 17.39 3.85
CA ARG B 447 21.04 16.37 3.35
C ARG B 447 20.79 16.64 1.88
N ILE B 448 20.73 15.59 1.07
CA ILE B 448 20.34 15.77 -0.32
C ILE B 448 18.89 16.21 -0.29
N PRO B 449 18.55 17.37 -0.86
CA PRO B 449 17.14 17.81 -0.88
C PRO B 449 16.31 16.79 -1.63
N TYR B 450 15.15 16.47 -1.07
CA TYR B 450 14.30 15.44 -1.68
C TYR B 450 14.00 15.76 -3.14
N TYR B 451 13.95 17.04 -3.49
CA TYR B 451 13.67 17.49 -4.86
C TYR B 451 14.89 17.47 -5.77
N VAL B 452 16.00 16.87 -5.35
CA VAL B 452 17.19 16.73 -6.18
C VAL B 452 17.40 15.28 -6.61
N GLY B 453 17.20 14.33 -5.70
CA GLY B 453 17.38 12.93 -6.01
C GLY B 453 18.84 12.57 -6.11
N PRO B 454 19.15 11.45 -6.77
CA PRO B 454 20.54 11.04 -6.92
C PRO B 454 21.37 12.09 -7.64
N LEU B 455 22.64 12.17 -7.29
CA LEU B 455 23.59 13.10 -7.91
C LEU B 455 24.30 12.42 -9.08
N ALA B 456 23.53 11.83 -9.98
CA ALA B 456 24.07 11.02 -11.06
C ALA B 456 24.61 11.90 -12.20
N ARG B 457 25.37 11.26 -13.08
CA ARG B 457 25.96 11.93 -14.23
C ARG B 457 25.58 11.21 -15.52
N GLY B 458 24.30 10.84 -15.64
CA GLY B 458 23.79 10.24 -16.86
C GLY B 458 23.79 8.73 -16.90
N ASN B 459 23.83 8.07 -15.75
CA ASN B 459 23.79 6.61 -15.69
C ASN B 459 22.79 6.11 -14.65
N SER B 460 21.77 6.91 -14.38
CA SER B 460 20.70 6.53 -13.45
C SER B 460 19.36 6.83 -14.11
N ARG B 461 18.55 5.79 -14.30
CA ARG B 461 17.20 6.01 -14.83
C ARG B 461 16.27 6.67 -13.81
N PHE B 462 16.71 6.80 -12.55
CA PHE B 462 15.95 7.50 -11.53
C PHE B 462 16.35 8.95 -11.36
N ALA B 463 17.50 9.36 -11.90
CA ALA B 463 18.04 10.69 -11.64
C ALA B 463 17.39 11.71 -12.56
N TRP B 464 17.42 12.96 -12.11
CA TRP B 464 16.95 14.08 -12.91
C TRP B 464 17.70 15.37 -12.62
N MET B 465 18.72 15.35 -11.77
CA MET B 465 19.36 16.58 -11.31
C MET B 465 20.13 17.24 -12.44
N THR B 466 20.06 18.57 -12.48
CA THR B 466 20.86 19.39 -13.37
C THR B 466 22.00 20.01 -12.58
N ARG B 467 23.20 20.01 -13.17
CA ARG B 467 24.40 20.53 -12.53
C ARG B 467 24.71 21.91 -13.11
N LYS B 468 24.97 22.88 -12.23
CA LYS B 468 25.44 24.18 -12.67
C LYS B 468 26.85 24.10 -13.25
N SER B 469 27.67 23.17 -12.78
CA SER B 469 29.01 22.97 -13.29
C SER B 469 29.35 21.48 -13.21
N GLU B 470 30.31 21.07 -14.05
CA GLU B 470 30.68 19.66 -14.17
C GLU B 470 31.91 19.41 -13.30
N GLU B 471 31.65 19.07 -12.03
CA GLU B 471 32.69 18.72 -11.08
C GLU B 471 32.05 17.98 -9.92
N THR B 472 32.87 17.18 -9.24
CA THR B 472 32.38 16.32 -8.17
C THR B 472 31.65 17.13 -7.11
N ILE B 473 30.48 16.64 -6.70
CA ILE B 473 29.64 17.35 -5.74
C ILE B 473 29.94 16.82 -4.35
N THR B 474 30.13 17.73 -3.41
CA THR B 474 30.44 17.44 -2.02
C THR B 474 29.43 18.17 -1.15
N PRO B 475 29.44 17.96 0.17
CA PRO B 475 28.48 18.68 1.03
C PRO B 475 28.72 20.18 1.07
N TRP B 476 29.90 20.67 0.68
CA TRP B 476 30.24 22.08 0.85
C TRP B 476 30.15 22.88 -0.44
N ASN B 477 30.00 22.22 -1.59
CA ASN B 477 29.85 22.90 -2.87
C ASN B 477 28.49 22.65 -3.50
N PHE B 478 27.55 22.08 -2.74
CA PHE B 478 26.28 21.64 -3.30
C PHE B 478 25.50 22.82 -3.89
N GLU B 479 25.28 23.86 -3.07
CA GLU B 479 24.53 25.03 -3.52
C GLU B 479 25.15 25.68 -4.74
N GLU B 480 26.43 25.40 -5.02
CA GLU B 480 27.13 26.00 -6.15
C GLU B 480 27.18 25.08 -7.38
N VAL B 481 27.46 23.79 -7.18
CA VAL B 481 27.55 22.91 -8.34
C VAL B 481 26.17 22.48 -8.83
N VAL B 482 25.20 22.38 -7.91
CA VAL B 482 23.87 21.87 -8.25
C VAL B 482 22.92 23.04 -8.44
N ASP B 483 22.01 22.88 -9.40
CA ASP B 483 20.94 23.85 -9.67
C ASP B 483 19.72 23.43 -8.87
N LYS B 484 19.62 23.96 -7.65
CA LYS B 484 18.47 23.65 -6.81
C LYS B 484 17.16 23.97 -7.53
N GLY B 485 17.12 25.08 -8.26
CA GLY B 485 15.91 25.50 -8.94
C GLY B 485 15.45 24.60 -10.06
N ALA B 486 16.31 24.41 -11.07
CA ALA B 486 15.95 23.55 -12.19
C ALA B 486 15.67 22.12 -11.74
N SER B 487 16.41 21.65 -10.74
CA SER B 487 16.17 20.30 -10.22
C SER B 487 14.82 20.20 -9.50
N ALA B 488 14.49 21.20 -8.66
CA ALA B 488 13.19 21.18 -8.00
C ALA B 488 12.05 21.33 -8.99
N GLN B 489 12.31 22.00 -10.12
CA GLN B 489 11.27 22.14 -11.15
C GLN B 489 11.07 20.83 -11.90
N SER B 490 12.18 20.19 -12.32
CA SER B 490 12.10 18.91 -13.00
C SER B 490 11.53 17.82 -12.09
N PHE B 491 11.71 17.97 -10.77
CA PHE B 491 11.18 16.99 -9.83
C PHE B 491 9.68 16.79 -10.01
N ILE B 492 8.98 17.87 -10.34
CA ILE B 492 7.53 17.84 -10.45
C ILE B 492 7.08 17.80 -11.90
N GLU B 493 7.81 18.46 -12.80
CA GLU B 493 7.38 18.49 -14.20
C GLU B 493 7.45 17.12 -14.86
N ARG B 494 8.35 16.26 -14.39
CA ARG B 494 8.44 14.91 -14.96
C ARG B 494 7.27 14.03 -14.52
N MET B 495 6.52 14.44 -13.49
CA MET B 495 5.39 13.68 -12.99
C MET B 495 4.04 14.33 -13.26
N THR B 496 4.00 15.59 -13.66
CA THR B 496 2.74 16.27 -13.92
C THR B 496 2.27 15.99 -15.34
N ASN B 497 0.96 16.12 -15.54
CA ASN B 497 0.36 15.89 -16.84
C ASN B 497 0.38 17.18 -17.65
N PHE B 498 0.28 17.02 -18.97
CA PHE B 498 0.03 18.12 -19.88
C PHE B 498 -1.45 18.22 -20.16
N ASP B 499 -1.86 19.36 -20.71
CA ASP B 499 -3.23 19.54 -21.14
C ASP B 499 -3.55 18.54 -22.25
N LYS B 500 -4.59 17.74 -22.05
CA LYS B 500 -4.94 16.75 -23.07
C LYS B 500 -5.41 17.41 -24.36
N ASN B 501 -6.08 18.55 -24.25
CA ASN B 501 -6.56 19.25 -25.44
C ASN B 501 -5.42 19.90 -26.20
N LEU B 502 -4.50 20.57 -25.49
CA LEU B 502 -3.29 21.12 -26.08
C LEU B 502 -2.11 20.37 -25.50
N PRO B 503 -1.64 19.29 -26.13
CA PRO B 503 -0.71 18.37 -25.46
C PRO B 503 0.62 19.01 -25.06
N ASN B 504 1.05 20.08 -25.70
CA ASN B 504 2.36 20.64 -25.43
C ASN B 504 2.32 21.79 -24.42
N GLU B 505 1.17 22.01 -23.77
CA GLU B 505 1.01 23.08 -22.79
C GLU B 505 0.92 22.49 -21.39
N LYS B 506 1.66 23.11 -20.47
CA LYS B 506 1.62 22.69 -19.07
C LYS B 506 0.30 23.10 -18.43
N VAL B 507 -0.23 22.22 -17.55
CA VAL B 507 -1.47 22.53 -16.87
C VAL B 507 -1.22 23.56 -15.78
N LEU B 508 -2.28 24.28 -15.40
CA LEU B 508 -2.20 25.32 -14.39
C LEU B 508 -2.16 24.72 -12.98
N PRO B 509 -1.54 25.42 -12.03
CA PRO B 509 -1.67 24.98 -10.63
C PRO B 509 -3.14 24.94 -10.22
N LYS B 510 -3.47 23.97 -9.37
CA LYS B 510 -4.86 23.78 -8.98
C LYS B 510 -5.41 25.02 -8.30
N HIS B 511 -4.62 25.66 -7.45
CA HIS B 511 -5.04 26.86 -6.74
C HIS B 511 -4.67 28.13 -7.48
N SER B 512 -4.53 28.08 -8.80
CA SER B 512 -4.30 29.28 -9.58
C SER B 512 -5.54 30.16 -9.56
N LEU B 513 -5.33 31.47 -9.47
CA LEU B 513 -6.45 32.40 -9.52
C LEU B 513 -7.22 32.28 -10.82
N LEU B 514 -6.50 32.18 -11.93
CA LEU B 514 -7.13 32.02 -13.24
C LEU B 514 -7.96 30.74 -13.31
N TYR B 515 -7.39 29.64 -12.79
CA TYR B 515 -8.10 28.36 -12.84
C TYR B 515 -9.37 28.40 -12.00
N GLU B 516 -9.31 29.03 -10.83
CA GLU B 516 -10.49 29.07 -9.98
C GLU B 516 -11.55 30.01 -10.57
N TYR B 517 -11.12 31.11 -11.18
CA TYR B 517 -12.05 31.95 -11.94
C TYR B 517 -12.76 31.12 -13.01
N PHE B 518 -11.99 30.30 -13.74
CA PHE B 518 -12.58 29.44 -14.75
C PHE B 518 -13.61 28.50 -14.15
N THR B 519 -13.25 27.80 -13.08
CA THR B 519 -14.16 26.82 -12.48
C THR B 519 -15.44 27.49 -12.00
N VAL B 520 -15.31 28.63 -11.34
CA VAL B 520 -16.48 29.31 -10.79
C VAL B 520 -17.38 29.82 -11.90
N TYR B 521 -16.80 30.42 -12.95
CA TYR B 521 -17.64 30.89 -14.05
C TYR B 521 -18.27 29.72 -14.79
N ASN B 522 -17.54 28.62 -14.95
CA ASN B 522 -18.10 27.46 -15.64
C ASN B 522 -19.29 26.88 -14.89
N GLU B 523 -19.19 26.81 -13.56
CA GLU B 523 -20.34 26.34 -12.78
C GLU B 523 -21.47 27.37 -12.81
N LEU B 524 -21.12 28.65 -12.74
CA LEU B 524 -22.11 29.72 -12.59
C LEU B 524 -22.88 29.99 -13.87
N THR B 525 -22.35 29.58 -15.03
CA THR B 525 -23.00 29.92 -16.29
C THR B 525 -24.18 29.03 -16.63
N LYS B 526 -24.30 27.85 -16.01
CA LYS B 526 -25.42 26.97 -16.28
C LYS B 526 -26.54 27.11 -15.26
N VAL B 527 -26.45 28.11 -14.38
CA VAL B 527 -27.50 28.32 -13.39
C VAL B 527 -28.72 28.90 -14.11
N LYS B 528 -29.91 28.60 -13.57
CA LYS B 528 -31.16 29.15 -14.08
C LYS B 528 -32.04 29.57 -12.91
N TYR B 529 -32.88 30.57 -13.14
CA TYR B 529 -33.70 31.15 -12.07
C TYR B 529 -35.06 31.53 -12.60
N VAL B 530 -36.08 31.42 -11.73
CA VAL B 530 -37.44 31.82 -12.06
C VAL B 530 -38.02 32.65 -10.92
N THR B 531 -38.81 33.65 -11.30
CA THR B 531 -39.73 34.38 -10.44
C THR B 531 -41.16 34.21 -10.99
N GLU B 532 -42.10 34.96 -10.41
CA GLU B 532 -43.53 34.67 -10.62
C GLU B 532 -43.97 35.02 -12.05
N GLY B 533 -43.76 36.27 -12.46
CA GLY B 533 -44.26 36.70 -13.76
C GLY B 533 -43.56 36.05 -14.94
N MET B 534 -42.28 35.68 -14.79
CA MET B 534 -41.49 35.19 -15.91
C MET B 534 -42.15 34.01 -16.59
N ARG B 535 -42.01 33.96 -17.92
CA ARG B 535 -42.58 32.87 -18.68
C ARG B 535 -41.73 31.62 -18.62
N LYS B 536 -40.40 31.76 -18.62
CA LYS B 536 -39.50 30.62 -18.70
C LYS B 536 -38.25 30.92 -17.88
N PRO B 537 -37.65 29.89 -17.26
CA PRO B 537 -36.35 30.08 -16.60
C PRO B 537 -35.31 30.66 -17.56
N ALA B 538 -34.43 31.50 -17.00
CA ALA B 538 -33.44 32.23 -17.78
C ALA B 538 -32.06 32.02 -17.20
N PHE B 539 -31.04 32.27 -18.04
CA PHE B 539 -29.66 32.23 -17.63
C PHE B 539 -29.26 33.53 -16.94
N LEU B 540 -28.11 33.49 -16.28
CA LEU B 540 -27.50 34.69 -15.75
C LEU B 540 -26.75 35.42 -16.87
N SER B 541 -26.96 36.72 -16.98
CA SER B 541 -26.25 37.49 -17.99
C SER B 541 -24.78 37.66 -17.59
N GLY B 542 -24.00 38.23 -18.50
CA GLY B 542 -22.62 38.56 -18.15
C GLY B 542 -22.56 39.55 -17.00
N GLU B 543 -23.40 40.59 -17.05
CA GLU B 543 -23.47 41.56 -15.97
C GLU B 543 -23.88 40.90 -14.66
N GLN B 544 -24.89 40.03 -14.70
CA GLN B 544 -25.34 39.37 -13.48
C GLN B 544 -24.27 38.45 -12.91
N LYS B 545 -23.55 37.73 -13.78
CA LYS B 545 -22.49 36.84 -13.30
C LYS B 545 -21.35 37.63 -12.67
N LYS B 546 -20.96 38.74 -13.30
CA LYS B 546 -19.92 39.58 -12.73
C LYS B 546 -20.37 40.17 -11.39
N ALA B 547 -21.65 40.54 -11.30
CA ALA B 547 -22.17 41.06 -10.04
C ALA B 547 -22.14 39.98 -8.95
N ILE B 548 -22.52 38.76 -9.29
CA ILE B 548 -22.50 37.68 -8.31
C ILE B 548 -21.08 37.38 -7.86
N VAL B 549 -20.13 37.41 -8.80
CA VAL B 549 -18.74 37.14 -8.45
C VAL B 549 -18.20 38.22 -7.52
N ASP B 550 -18.43 39.49 -7.88
CA ASP B 550 -17.89 40.58 -7.07
C ASP B 550 -18.55 40.65 -5.70
N LEU B 551 -19.87 40.46 -5.64
CA LEU B 551 -20.60 40.65 -4.39
C LEU B 551 -20.51 39.44 -3.49
N LEU B 552 -20.56 38.23 -4.05
CA LEU B 552 -20.62 37.00 -3.27
C LEU B 552 -19.30 36.23 -3.28
N PHE B 553 -18.76 35.91 -4.45
CA PHE B 553 -17.60 35.04 -4.50
C PHE B 553 -16.35 35.74 -4.00
N LYS B 554 -16.28 37.07 -4.11
CA LYS B 554 -15.13 37.83 -3.66
C LYS B 554 -15.30 38.37 -2.24
N THR B 555 -16.30 37.89 -1.51
CA THR B 555 -16.51 38.29 -0.12
C THR B 555 -16.70 37.12 0.83
N ASN B 556 -17.01 35.92 0.32
CA ASN B 556 -17.15 34.72 1.14
C ASN B 556 -16.34 33.59 0.51
N ARG B 557 -15.69 32.81 1.36
CA ARG B 557 -14.92 31.67 0.85
C ARG B 557 -15.84 30.69 0.13
N LYS B 558 -17.00 30.40 0.72
CA LYS B 558 -18.00 29.55 0.11
C LYS B 558 -19.29 30.35 -0.06
N VAL B 559 -19.97 30.11 -1.19
CA VAL B 559 -21.20 30.82 -1.53
C VAL B 559 -22.33 29.80 -1.54
N THR B 560 -23.27 29.95 -0.61
CA THR B 560 -24.41 29.05 -0.52
C THR B 560 -25.55 29.55 -1.41
N VAL B 561 -26.50 28.64 -1.69
CA VAL B 561 -27.69 29.03 -2.44
C VAL B 561 -28.49 30.04 -1.65
N LYS B 562 -28.52 29.90 -0.32
CA LYS B 562 -29.17 30.91 0.51
C LYS B 562 -28.54 32.27 0.32
N GLN B 563 -27.21 32.32 0.29
CA GLN B 563 -26.52 33.59 0.06
C GLN B 563 -26.83 34.14 -1.33
N LEU B 564 -26.96 33.26 -2.33
CA LEU B 564 -27.34 33.70 -3.66
C LEU B 564 -28.72 34.32 -3.65
N LYS B 565 -29.67 33.67 -2.99
CA LYS B 565 -31.05 34.14 -3.00
C LYS B 565 -31.20 35.46 -2.26
N GLU B 566 -30.60 35.57 -1.07
CA GLU B 566 -30.82 36.75 -0.23
C GLU B 566 -29.84 37.88 -0.56
N ASP B 567 -28.54 37.59 -0.54
CA ASP B 567 -27.53 38.61 -0.70
C ASP B 567 -27.41 39.14 -2.13
N TYR B 568 -28.05 38.50 -3.11
CA TYR B 568 -28.11 39.05 -4.46
C TYR B 568 -29.54 39.28 -4.95
N PHE B 569 -30.34 38.21 -5.09
CA PHE B 569 -31.65 38.36 -5.71
C PHE B 569 -32.57 39.27 -4.89
N LYS B 570 -32.43 39.24 -3.57
CA LYS B 570 -33.21 40.17 -2.74
C LYS B 570 -32.56 41.54 -2.69
N LYS B 571 -31.25 41.60 -2.45
CA LYS B 571 -30.57 42.88 -2.27
C LYS B 571 -30.51 43.68 -3.57
N ILE B 572 -30.25 43.02 -4.69
CA ILE B 572 -30.05 43.70 -5.98
C ILE B 572 -31.32 43.70 -6.83
N GLU B 573 -31.90 42.52 -7.04
CA GLU B 573 -33.02 42.37 -7.97
C GLU B 573 -34.37 42.65 -7.33
N CYS B 574 -34.45 42.72 -6.00
CA CYS B 574 -35.70 42.98 -5.26
C CYS B 574 -36.75 41.90 -5.53
N PHE B 575 -36.35 40.64 -5.28
CA PHE B 575 -37.21 39.48 -5.48
C PHE B 575 -37.37 38.75 -4.16
N ASP B 576 -38.63 38.55 -3.75
CA ASP B 576 -38.90 37.92 -2.45
C ASP B 576 -38.86 36.40 -2.52
N SER B 577 -39.15 35.82 -3.69
CA SER B 577 -39.12 34.37 -3.89
C SER B 577 -38.50 34.07 -5.24
N VAL B 578 -37.42 33.29 -5.24
CA VAL B 578 -36.67 32.96 -6.44
C VAL B 578 -36.36 31.48 -6.41
N GLU B 579 -36.56 30.79 -7.55
CA GLU B 579 -36.23 29.38 -7.66
C GLU B 579 -34.97 29.21 -8.49
N ILE B 580 -33.98 28.50 -7.92
CA ILE B 580 -32.64 28.35 -8.47
C ILE B 580 -32.47 26.91 -8.95
N SER B 581 -31.78 26.73 -10.08
CA SER B 581 -31.50 25.42 -10.64
C SER B 581 -30.09 25.40 -11.22
N GLY B 582 -29.47 24.22 -11.20
CA GLY B 582 -28.10 24.06 -11.63
C GLY B 582 -27.08 24.09 -10.50
N VAL B 583 -27.50 24.50 -9.30
CA VAL B 583 -26.65 24.49 -8.12
C VAL B 583 -27.53 24.11 -6.93
N GLU B 584 -26.95 23.36 -5.99
CA GLU B 584 -27.70 22.83 -4.86
C GLU B 584 -26.98 23.16 -3.57
N ASP B 585 -27.72 23.69 -2.59
CA ASP B 585 -27.23 24.06 -1.26
C ASP B 585 -26.13 25.12 -1.35
N ARG B 586 -24.99 24.78 -1.94
CA ARG B 586 -23.90 25.74 -2.13
C ARG B 586 -23.19 25.41 -3.44
N PHE B 587 -22.37 26.37 -3.89
CA PHE B 587 -21.61 26.21 -5.11
C PHE B 587 -20.40 25.31 -4.88
N ASN B 588 -20.11 24.47 -5.87
CA ASN B 588 -18.99 23.55 -5.74
C ASN B 588 -17.66 24.28 -5.86
N ALA B 589 -17.58 25.22 -6.80
CA ALA B 589 -16.34 25.98 -7.01
C ALA B 589 -16.33 27.24 -6.15
N SER B 590 -15.13 27.77 -5.96
CA SER B 590 -14.91 28.88 -5.05
C SER B 590 -13.52 29.46 -5.27
N LEU B 591 -13.38 30.75 -4.95
CA LEU B 591 -12.14 31.50 -5.18
C LEU B 591 -11.33 31.53 -3.87
N GLY B 592 -10.84 30.36 -3.47
CA GLY B 592 -10.14 30.25 -2.20
C GLY B 592 -8.79 30.96 -2.21
N THR B 593 -8.05 30.84 -3.31
CA THR B 593 -6.75 31.49 -3.41
C THR B 593 -6.88 32.99 -3.31
N TYR B 594 -7.94 33.55 -3.91
CA TYR B 594 -8.23 34.97 -3.79
C TYR B 594 -8.28 35.39 -2.32
N HIS B 595 -8.95 34.59 -1.49
CA HIS B 595 -9.12 34.98 -0.09
C HIS B 595 -7.85 34.75 0.71
N ASP B 596 -7.11 33.69 0.42
CA ASP B 596 -5.80 33.51 1.05
C ASP B 596 -4.92 34.74 0.80
N LEU B 597 -4.83 35.15 -0.47
CA LEU B 597 -3.98 36.29 -0.82
C LEU B 597 -4.55 37.60 -0.29
N LEU B 598 -5.88 37.68 -0.13
CA LEU B 598 -6.45 38.90 0.45
C LEU B 598 -6.12 39.01 1.93
N LYS B 599 -6.10 37.89 2.64
CA LYS B 599 -5.64 37.91 4.02
C LYS B 599 -4.17 38.26 4.11
N ILE B 600 -3.35 37.73 3.19
CA ILE B 600 -1.90 37.91 3.31
C ILE B 600 -1.49 39.33 2.91
N ILE B 601 -2.01 39.84 1.80
CA ILE B 601 -1.55 41.13 1.27
C ILE B 601 -2.47 42.30 1.62
N LYS B 602 -3.76 42.04 1.90
CA LYS B 602 -4.69 43.06 2.39
C LYS B 602 -4.78 44.25 1.44
N ASP B 603 -4.85 43.96 0.13
CA ASP B 603 -4.96 45.00 -0.90
C ASP B 603 -5.90 44.45 -1.98
N LYS B 604 -7.20 44.55 -1.71
CA LYS B 604 -8.19 44.01 -2.64
C LYS B 604 -8.07 44.63 -4.03
N ASP B 605 -7.76 45.93 -4.09
CA ASP B 605 -7.60 46.58 -5.37
C ASP B 605 -6.42 46.00 -6.14
N PHE B 606 -5.36 45.57 -5.45
CA PHE B 606 -4.27 44.88 -6.13
C PHE B 606 -4.76 43.58 -6.75
N LEU B 607 -5.60 42.84 -6.03
CA LEU B 607 -6.05 41.54 -6.53
C LEU B 607 -7.04 41.69 -7.67
N ASP B 608 -7.77 42.80 -7.73
CA ASP B 608 -8.81 42.93 -8.75
C ASP B 608 -8.31 43.52 -10.07
N ASN B 609 -7.15 44.17 -10.08
CA ASN B 609 -6.65 44.80 -11.30
C ASN B 609 -6.11 43.73 -12.24
N GLU B 610 -6.69 43.67 -13.45
CA GLU B 610 -6.27 42.67 -14.43
C GLU B 610 -4.78 42.81 -14.77
N GLU B 611 -4.23 44.02 -14.61
CA GLU B 611 -2.82 44.24 -14.92
C GLU B 611 -1.92 43.30 -14.15
N ASN B 612 -2.26 43.01 -12.89
CA ASN B 612 -1.43 42.17 -12.04
C ASN B 612 -1.65 40.68 -12.29
N GLU B 613 -2.58 40.32 -13.17
CA GLU B 613 -2.90 38.92 -13.45
C GLU B 613 -1.64 38.06 -13.53
N ASP B 614 -0.82 38.31 -14.55
CA ASP B 614 0.44 37.58 -14.73
C ASP B 614 1.18 37.40 -13.40
N ILE B 615 1.46 38.50 -12.71
CA ILE B 615 2.23 38.43 -11.47
C ILE B 615 1.63 37.43 -10.52
N LEU B 616 0.31 37.55 -10.27
CA LEU B 616 -0.35 36.63 -9.36
C LEU B 616 -0.21 35.20 -9.85
N GLU B 617 -0.46 34.96 -11.15
CA GLU B 617 -0.29 33.62 -11.72
C GLU B 617 1.11 33.08 -11.47
N ASP B 618 2.13 33.94 -11.53
CA ASP B 618 3.48 33.48 -11.24
C ASP B 618 3.62 33.12 -9.77
N ILE B 619 3.14 34.01 -8.89
CA ILE B 619 3.32 33.80 -7.45
C ILE B 619 2.77 32.45 -7.04
N VAL B 620 1.48 32.20 -7.35
CA VAL B 620 0.88 30.91 -7.06
C VAL B 620 1.73 29.79 -7.64
N LEU B 621 2.13 29.93 -8.90
CA LEU B 621 3.01 28.93 -9.51
C LEU B 621 4.22 28.68 -8.62
N THR B 622 4.94 29.76 -8.28
CA THR B 622 6.09 29.63 -7.39
C THR B 622 5.70 28.97 -6.07
N LEU B 623 4.57 29.36 -5.49
CA LEU B 623 4.18 28.77 -4.22
C LEU B 623 3.81 27.30 -4.36
N THR B 624 3.37 26.88 -5.55
CA THR B 624 2.98 25.49 -5.76
C THR B 624 4.14 24.64 -6.24
N LEU B 625 4.95 25.18 -7.16
CA LEU B 625 6.06 24.41 -7.73
C LEU B 625 7.08 24.04 -6.67
N PHE B 626 7.27 24.91 -5.68
CA PHE B 626 8.32 24.71 -4.68
C PHE B 626 7.73 24.50 -3.30
N GLU B 627 8.54 23.88 -2.44
CA GLU B 627 8.23 23.67 -1.03
C GLU B 627 9.33 24.16 -0.11
N ASP B 628 10.55 24.33 -0.60
CA ASP B 628 11.65 24.89 0.18
C ASP B 628 11.42 26.38 0.36
N ARG B 629 11.31 26.82 1.62
CA ARG B 629 10.97 28.22 1.91
C ARG B 629 12.03 29.18 1.40
N GLU B 630 13.31 28.80 1.46
CA GLU B 630 14.37 29.64 0.92
C GLU B 630 14.22 29.86 -0.58
N MET B 631 13.95 28.78 -1.31
CA MET B 631 13.78 28.89 -2.75
C MET B 631 12.56 29.73 -3.10
N ILE B 632 11.45 29.52 -2.39
CA ILE B 632 10.25 30.33 -2.57
C ILE B 632 10.59 31.81 -2.39
N GLU B 633 11.37 32.12 -1.35
CA GLU B 633 11.76 33.51 -1.11
C GLU B 633 12.60 34.05 -2.28
N GLU B 634 13.59 33.28 -2.71
CA GLU B 634 14.45 33.73 -3.80
C GLU B 634 13.64 34.00 -5.07
N ARG B 635 12.61 33.19 -5.31
CA ARG B 635 11.80 33.40 -6.51
C ARG B 635 10.86 34.59 -6.35
N LEU B 636 10.27 34.77 -5.17
CA LEU B 636 9.37 35.89 -4.94
C LEU B 636 10.11 37.21 -4.75
N LYS B 637 11.44 37.19 -4.73
CA LYS B 637 12.21 38.42 -4.55
C LYS B 637 11.93 39.47 -5.61
N THR B 638 11.64 39.07 -6.85
CA THR B 638 11.41 40.07 -7.90
C THR B 638 10.18 40.92 -7.63
N TYR B 639 9.27 40.45 -6.78
CA TYR B 639 8.11 41.23 -6.36
C TYR B 639 8.30 41.83 -4.97
N ALA B 640 9.53 41.87 -4.46
CA ALA B 640 9.76 42.43 -3.13
C ALA B 640 9.36 43.89 -3.07
N HIS B 641 9.52 44.64 -4.17
CA HIS B 641 9.21 46.06 -4.19
C HIS B 641 7.71 46.34 -4.12
N LEU B 642 6.86 45.31 -4.20
CA LEU B 642 5.42 45.48 -4.19
C LEU B 642 4.78 45.26 -2.82
N PHE B 643 5.48 44.61 -1.88
CA PHE B 643 4.88 44.23 -0.61
C PHE B 643 5.84 44.53 0.54
N ASP B 644 5.27 44.86 1.70
CA ASP B 644 6.06 45.04 2.91
C ASP B 644 6.68 43.72 3.34
N ASP B 645 7.63 43.80 4.27
CA ASP B 645 8.25 42.59 4.81
C ASP B 645 7.23 41.73 5.55
N LYS B 646 6.24 42.37 6.19
CA LYS B 646 5.16 41.61 6.83
C LYS B 646 4.43 40.75 5.79
N VAL B 647 3.99 41.39 4.71
CA VAL B 647 3.25 40.69 3.67
C VAL B 647 4.13 39.67 2.96
N MET B 648 5.39 40.02 2.71
CA MET B 648 6.27 39.09 2.00
C MET B 648 6.58 37.86 2.84
N LYS B 649 6.72 38.04 4.16
CA LYS B 649 6.93 36.92 5.06
C LYS B 649 5.70 36.03 5.11
N GLN B 650 4.52 36.63 5.35
CA GLN B 650 3.28 35.87 5.30
C GLN B 650 3.10 35.16 3.96
N LEU B 651 3.62 35.76 2.88
CA LEU B 651 3.46 35.20 1.55
C LEU B 651 4.38 34.00 1.32
N LYS B 652 5.64 34.09 1.76
CA LYS B 652 6.53 32.93 1.63
C LYS B 652 6.08 31.80 2.55
N ARG B 653 5.38 32.11 3.65
CA ARG B 653 4.93 31.02 4.52
C ARG B 653 3.81 30.20 3.87
N ARG B 654 3.04 30.78 2.96
CA ARG B 654 1.88 30.10 2.39
C ARG B 654 2.31 29.22 1.22
N ARG B 655 1.77 27.99 1.16
CA ARG B 655 2.14 27.05 0.11
C ARG B 655 0.92 26.26 -0.35
N TYR B 656 0.97 25.81 -1.61
CA TYR B 656 -0.11 25.05 -2.22
C TYR B 656 0.44 23.77 -2.83
N THR B 657 -0.44 22.78 -2.95
CA THR B 657 -0.09 21.47 -3.51
C THR B 657 -1.15 21.07 -4.52
N GLY B 658 -0.71 20.41 -5.59
CA GLY B 658 -1.63 19.88 -6.58
C GLY B 658 -1.78 20.81 -7.78
N TRP B 659 -2.22 20.22 -8.88
CA TRP B 659 -2.29 20.92 -10.15
C TRP B 659 -3.64 20.69 -10.81
N GLY B 660 -4.04 21.63 -11.65
CA GLY B 660 -5.27 21.53 -12.41
C GLY B 660 -5.13 20.55 -13.56
N ARG B 661 -6.13 20.60 -14.45
CA ARG B 661 -6.17 19.68 -15.59
C ARG B 661 -6.22 20.38 -16.93
N LEU B 662 -6.31 21.71 -16.95
CA LEU B 662 -6.29 22.48 -18.18
C LEU B 662 -5.13 23.48 -18.14
N SER B 663 -4.69 23.91 -19.30
CA SER B 663 -3.58 24.84 -19.41
C SER B 663 -4.09 26.28 -19.50
N ARG B 664 -3.21 27.22 -19.16
CA ARG B 664 -3.56 28.63 -19.25
C ARG B 664 -3.93 29.01 -20.68
N LYS B 665 -3.22 28.44 -21.66
CA LYS B 665 -3.51 28.72 -23.06
C LYS B 665 -4.87 28.21 -23.49
N LEU B 666 -5.43 27.24 -22.76
CA LEU B 666 -6.79 26.81 -23.06
C LEU B 666 -7.82 27.69 -22.38
N ILE B 667 -7.59 28.03 -21.11
CA ILE B 667 -8.57 28.80 -20.36
C ILE B 667 -8.68 30.23 -20.89
N ASN B 668 -7.55 30.93 -20.99
CA ASN B 668 -7.53 32.35 -21.33
C ASN B 668 -6.46 32.61 -22.39
N GLY B 669 -6.41 31.76 -23.41
CA GLY B 669 -5.37 31.84 -24.42
C GLY B 669 -5.88 31.87 -25.84
N ILE B 670 -6.15 30.69 -26.42
CA ILE B 670 -6.64 30.65 -27.79
C ILE B 670 -7.98 31.36 -27.84
N ARG B 671 -8.23 32.04 -28.95
CA ARG B 671 -9.43 32.83 -29.13
C ARG B 671 -10.15 32.39 -30.39
N ASP B 672 -11.48 32.51 -30.37
CA ASP B 672 -12.27 32.20 -31.55
C ASP B 672 -11.98 33.22 -32.65
N LYS B 673 -11.91 32.73 -33.90
CA LYS B 673 -11.46 33.57 -35.01
C LYS B 673 -12.33 34.81 -35.17
N GLN B 674 -13.64 34.68 -35.01
CA GLN B 674 -14.53 35.80 -35.28
C GLN B 674 -14.84 36.63 -34.04
N SER B 675 -15.01 35.99 -32.87
CA SER B 675 -15.34 36.74 -31.67
C SER B 675 -14.11 37.35 -31.00
N GLY B 676 -12.92 36.79 -31.23
CA GLY B 676 -11.74 37.23 -30.52
C GLY B 676 -11.75 36.96 -29.04
N LYS B 677 -12.72 36.19 -28.56
CA LYS B 677 -12.90 35.91 -27.15
C LYS B 677 -12.32 34.53 -26.83
N THR B 678 -11.70 34.43 -25.66
CA THR B 678 -11.18 33.16 -25.20
C THR B 678 -12.28 32.34 -24.55
N ILE B 679 -11.92 31.17 -24.06
CA ILE B 679 -12.87 30.33 -23.32
C ILE B 679 -13.43 31.08 -22.12
N LEU B 680 -12.53 31.60 -21.27
CA LEU B 680 -12.98 32.31 -20.07
C LEU B 680 -13.83 33.52 -20.43
N ASP B 681 -13.56 34.14 -21.58
CA ASP B 681 -14.38 35.26 -22.03
C ASP B 681 -15.80 34.80 -22.34
N PHE B 682 -15.95 33.61 -22.94
CA PHE B 682 -17.28 33.06 -23.16
C PHE B 682 -17.95 32.70 -21.85
N LEU B 683 -17.18 32.18 -20.90
CA LEU B 683 -17.76 31.88 -19.59
C LEU B 683 -18.28 33.15 -18.93
N LYS B 684 -17.45 34.19 -18.84
CA LYS B 684 -17.91 35.46 -18.26
C LYS B 684 -19.13 35.99 -18.98
N SER B 685 -19.27 35.72 -20.28
CA SER B 685 -20.35 36.30 -21.07
C SER B 685 -20.49 35.61 -22.43
N ASP B 686 -21.69 35.12 -22.74
CA ASP B 686 -21.96 34.46 -24.01
C ASP B 686 -23.44 34.66 -24.38
N GLY B 687 -23.85 35.92 -24.46
CA GLY B 687 -25.17 36.24 -24.98
C GLY B 687 -26.28 35.63 -24.14
N PHE B 688 -27.14 34.84 -24.80
CA PHE B 688 -28.15 34.05 -24.12
C PHE B 688 -28.02 32.56 -24.44
N ALA B 689 -26.78 32.11 -24.64
CA ALA B 689 -26.47 30.69 -24.78
C ALA B 689 -25.68 30.12 -23.62
N ASN B 690 -24.88 30.95 -22.95
CA ASN B 690 -24.15 30.59 -21.73
C ASN B 690 -23.47 29.23 -21.86
N ARG B 691 -22.75 29.05 -22.97
CA ARG B 691 -22.13 27.77 -23.25
C ARG B 691 -20.97 27.51 -22.30
N ASN B 692 -20.95 26.32 -21.70
CA ASN B 692 -19.89 25.95 -20.78
C ASN B 692 -18.71 25.39 -21.56
N PHE B 693 -17.74 24.81 -20.85
CA PHE B 693 -16.46 24.43 -21.45
C PHE B 693 -16.65 23.38 -22.55
N MET B 694 -17.43 22.33 -22.26
CA MET B 694 -17.66 21.27 -23.24
C MET B 694 -18.32 21.81 -24.50
N GLN B 695 -19.45 22.52 -24.32
CA GLN B 695 -20.14 23.11 -25.46
C GLN B 695 -19.21 24.02 -26.27
N LEU B 696 -18.44 24.86 -25.57
CA LEU B 696 -17.50 25.75 -26.24
C LEU B 696 -16.52 24.97 -27.11
N ILE B 697 -16.01 23.85 -26.61
CA ILE B 697 -15.02 23.11 -27.38
C ILE B 697 -15.68 22.11 -28.33
N HIS B 698 -17.00 22.14 -28.44
CA HIS B 698 -17.69 21.27 -29.39
C HIS B 698 -18.59 21.97 -30.40
N ASP B 699 -18.77 23.29 -30.33
CA ASP B 699 -19.65 23.98 -31.27
C ASP B 699 -18.88 24.31 -32.55
N ASP B 700 -19.36 23.79 -33.68
CA ASP B 700 -18.71 24.02 -34.97
C ASP B 700 -18.77 25.46 -35.42
N SER B 701 -19.56 26.31 -34.75
CA SER B 701 -19.58 27.72 -35.09
C SER B 701 -18.27 28.40 -34.74
N LEU B 702 -17.54 27.86 -33.76
CA LEU B 702 -16.35 28.47 -33.23
C LEU B 702 -15.10 27.71 -33.68
N THR B 703 -13.94 28.35 -33.50
CA THR B 703 -12.68 27.78 -33.96
C THR B 703 -11.89 27.07 -32.86
N PHE B 704 -12.36 27.15 -31.60
CA PHE B 704 -11.74 26.42 -30.51
C PHE B 704 -11.53 24.96 -30.89
N LYS B 705 -12.59 24.32 -31.40
CA LYS B 705 -12.55 22.89 -31.70
C LYS B 705 -11.51 22.57 -32.77
N GLU B 706 -11.51 23.34 -33.86
CA GLU B 706 -10.56 23.12 -34.94
C GLU B 706 -9.12 23.30 -34.44
N ASP B 707 -8.87 24.34 -33.64
CA ASP B 707 -7.52 24.52 -33.11
C ASP B 707 -7.14 23.40 -32.15
N ILE B 708 -8.11 22.87 -31.40
CA ILE B 708 -7.83 21.75 -30.51
C ILE B 708 -7.41 20.54 -31.33
N GLN B 709 -8.16 20.21 -32.37
CA GLN B 709 -7.82 19.09 -33.24
C GLN B 709 -6.42 19.25 -33.82
N LYS B 710 -6.12 20.47 -34.31
CA LYS B 710 -4.81 20.70 -34.92
C LYS B 710 -3.68 20.55 -33.90
N ALA B 711 -3.91 21.00 -32.66
CA ALA B 711 -2.87 20.90 -31.64
C ALA B 711 -2.55 19.46 -31.29
N GLN B 712 -3.51 18.55 -31.48
CA GLN B 712 -3.32 17.15 -31.13
C GLN B 712 -2.11 16.56 -31.83
N VAL B 713 -1.29 15.84 -31.06
CA VAL B 713 -0.18 15.05 -31.56
C VAL B 713 -0.34 13.65 -30.97
N SER B 714 0.21 12.65 -31.68
CA SER B 714 0.15 11.27 -31.23
C SER B 714 1.46 10.73 -30.69
N GLY B 715 2.60 11.23 -31.17
CA GLY B 715 3.87 10.73 -30.65
C GLY B 715 4.14 9.29 -31.06
N GLN B 716 5.10 8.68 -30.34
CA GLN B 716 5.48 7.30 -30.61
C GLN B 716 4.53 6.32 -29.94
N GLY B 717 4.14 5.29 -30.67
CA GLY B 717 3.25 4.28 -30.12
C GLY B 717 3.97 3.34 -29.17
N ASP B 718 3.30 3.02 -28.07
CA ASP B 718 3.82 2.03 -27.14
C ASP B 718 3.71 0.64 -27.73
N SER B 719 4.61 -0.24 -27.32
CA SER B 719 4.39 -1.65 -27.54
C SER B 719 3.21 -2.13 -26.69
N LEU B 720 2.76 -3.35 -26.94
CA LEU B 720 1.72 -3.94 -26.11
C LEU B 720 2.12 -3.92 -24.63
N HIS B 721 3.34 -4.37 -24.35
CA HIS B 721 3.82 -4.42 -22.98
C HIS B 721 3.98 -3.02 -22.38
N GLU B 722 4.58 -2.10 -23.14
CA GLU B 722 4.71 -0.72 -22.66
C GLU B 722 3.34 -0.13 -22.34
N HIS B 723 2.37 -0.35 -23.23
CA HIS B 723 1.02 0.17 -23.04
C HIS B 723 0.38 -0.43 -21.79
N ILE B 724 0.60 -1.72 -21.55
CA ILE B 724 0.01 -2.38 -20.39
C ILE B 724 0.68 -1.91 -19.10
N ALA B 725 1.99 -1.69 -19.13
CA ALA B 725 2.70 -1.23 -17.94
C ALA B 725 2.25 0.16 -17.53
N ASN B 726 2.02 1.03 -18.51
CA ASN B 726 1.57 2.39 -18.26
C ASN B 726 0.09 2.46 -17.89
N LEU B 727 -0.59 1.33 -17.73
CA LEU B 727 -1.97 1.33 -17.30
C LEU B 727 -2.05 1.54 -15.79
N ALA B 728 -3.26 1.78 -15.31
CA ALA B 728 -3.48 2.05 -13.88
C ALA B 728 -4.13 0.82 -13.26
N GLY B 729 -3.31 0.02 -12.57
CA GLY B 729 -3.82 -1.15 -11.90
C GLY B 729 -2.70 -1.82 -11.14
N SER B 730 -3.07 -2.88 -10.41
CA SER B 730 -2.09 -3.60 -9.61
C SER B 730 -1.24 -4.46 -10.53
N PRO B 731 0.10 -4.46 -10.38
CA PRO B 731 0.95 -5.16 -11.35
C PRO B 731 0.60 -6.63 -11.53
N ALA B 732 -0.02 -7.27 -10.54
CA ALA B 732 -0.42 -8.67 -10.69
C ALA B 732 -1.46 -8.83 -11.80
N ILE B 733 -2.52 -8.02 -11.76
CA ILE B 733 -3.55 -8.12 -12.79
C ILE B 733 -3.01 -7.69 -14.15
N LYS B 734 -1.97 -6.84 -14.16
CA LYS B 734 -1.34 -6.49 -15.44
C LYS B 734 -0.61 -7.69 -16.03
N LYS B 735 0.12 -8.43 -15.19
CA LYS B 735 0.70 -9.70 -15.63
C LYS B 735 -0.38 -10.59 -16.23
N GLY B 736 -1.51 -10.70 -15.54
CA GLY B 736 -2.62 -11.49 -16.07
C GLY B 736 -3.08 -11.01 -17.43
N ILE B 737 -3.18 -9.69 -17.61
CA ILE B 737 -3.66 -9.12 -18.88
C ILE B 737 -2.72 -9.51 -20.02
N LEU B 738 -1.42 -9.32 -19.81
CA LEU B 738 -0.48 -9.62 -20.88
C LEU B 738 -0.52 -11.10 -21.24
N GLN B 739 -0.55 -11.97 -20.23
CA GLN B 739 -0.64 -13.39 -20.50
C GLN B 739 -1.92 -13.73 -21.27
N THR B 740 -3.01 -13.00 -20.97
CA THR B 740 -4.26 -13.22 -21.69
C THR B 740 -4.12 -12.91 -23.17
N VAL B 741 -3.50 -11.77 -23.49
CA VAL B 741 -3.34 -11.41 -24.90
C VAL B 741 -2.49 -12.44 -25.62
N LYS B 742 -1.41 -12.91 -24.98
CA LYS B 742 -0.60 -13.94 -25.61
C LYS B 742 -1.41 -15.22 -25.84
N VAL B 743 -2.26 -15.59 -24.88
CA VAL B 743 -3.11 -16.76 -25.03
C VAL B 743 -4.02 -16.62 -26.24
N VAL B 744 -4.62 -15.44 -26.40
CA VAL B 744 -5.53 -15.23 -27.52
C VAL B 744 -4.78 -15.37 -28.84
N ASP B 745 -3.57 -14.80 -28.91
CA ASP B 745 -2.77 -14.94 -30.13
C ASP B 745 -2.54 -16.41 -30.46
N GLU B 746 -2.09 -17.20 -29.49
CA GLU B 746 -1.82 -18.61 -29.77
C GLU B 746 -3.08 -19.36 -30.16
N LEU B 747 -4.20 -19.04 -29.51
CA LEU B 747 -5.45 -19.73 -29.84
C LEU B 747 -5.88 -19.42 -31.27
N VAL B 748 -5.70 -18.18 -31.72
CA VAL B 748 -6.02 -17.85 -33.11
C VAL B 748 -5.11 -18.61 -34.06
N LYS B 749 -3.82 -18.74 -33.71
CA LYS B 749 -2.92 -19.55 -34.52
C LYS B 749 -3.38 -21.01 -34.58
N VAL B 750 -3.96 -21.52 -33.50
CA VAL B 750 -4.44 -22.90 -33.49
C VAL B 750 -5.57 -23.09 -34.49
N MET B 751 -6.46 -22.10 -34.58
CA MET B 751 -7.62 -22.15 -35.47
C MET B 751 -7.29 -21.74 -36.90
N GLY B 752 -6.04 -21.91 -37.32
CA GLY B 752 -5.66 -21.58 -38.68
C GLY B 752 -5.78 -20.11 -39.04
N ARG B 753 -5.41 -19.22 -38.13
CA ARG B 753 -5.42 -17.76 -38.31
C ARG B 753 -6.82 -17.20 -38.56
N HIS B 754 -7.87 -17.97 -38.29
CA HIS B 754 -9.23 -17.46 -38.40
C HIS B 754 -9.61 -16.77 -37.10
N LYS B 755 -10.16 -15.57 -37.21
CA LYS B 755 -10.51 -14.77 -36.05
C LYS B 755 -11.85 -15.24 -35.48
N PRO B 756 -11.99 -15.28 -34.16
CA PRO B 756 -13.23 -15.80 -33.57
C PRO B 756 -14.41 -14.88 -33.82
N GLU B 757 -15.60 -15.42 -33.60
CA GLU B 757 -16.80 -14.61 -33.69
C GLU B 757 -16.93 -13.67 -32.50
N ASN B 758 -16.70 -14.19 -31.29
CA ASN B 758 -16.73 -13.38 -30.08
C ASN B 758 -15.56 -13.74 -29.19
N ILE B 759 -15.26 -12.82 -28.27
CA ILE B 759 -14.29 -13.03 -27.20
C ILE B 759 -14.94 -12.51 -25.93
N VAL B 760 -15.30 -13.42 -25.01
CA VAL B 760 -15.98 -13.06 -23.78
C VAL B 760 -14.97 -13.11 -22.65
N ILE B 761 -14.82 -11.99 -21.93
CA ILE B 761 -13.81 -11.85 -20.89
C ILE B 761 -14.49 -11.53 -19.57
N GLU B 762 -13.95 -12.10 -18.49
CA GLU B 762 -14.35 -11.82 -17.12
C GLU B 762 -13.10 -11.60 -16.29
N MET B 763 -13.13 -10.58 -15.44
CA MET B 763 -11.99 -10.24 -14.60
C MET B 763 -12.36 -10.45 -13.14
N ALA B 764 -11.55 -11.22 -12.43
CA ALA B 764 -11.83 -11.51 -11.03
C ALA B 764 -11.77 -10.23 -10.20
N ARG B 765 -12.60 -10.19 -9.16
CA ARG B 765 -12.60 -9.07 -8.24
C ARG B 765 -11.35 -9.11 -7.37
N GLU B 766 -11.01 -7.95 -6.82
CA GLU B 766 -9.88 -7.84 -5.90
C GLU B 766 -10.35 -7.31 -4.56
N LYS B 775 0.68 -5.69 9.12
CA LYS B 775 0.88 -4.95 7.87
C LYS B 775 -0.39 -4.20 7.48
N ASN B 776 -1.44 -4.92 7.11
CA ASN B 776 -2.76 -4.30 7.00
C ASN B 776 -3.37 -4.07 8.38
N SER B 777 -3.08 -4.98 9.32
CA SER B 777 -3.52 -4.80 10.69
C SER B 777 -2.89 -3.55 11.32
N ARG B 778 -1.69 -3.17 10.88
CA ARG B 778 -1.10 -1.92 11.34
C ARG B 778 -1.94 -0.73 10.91
N GLU B 779 -2.41 -0.74 9.66
CA GLU B 779 -3.28 0.34 9.19
C GLU B 779 -4.60 0.33 9.93
N ARG B 780 -5.11 -0.85 10.29
CA ARG B 780 -6.35 -0.92 11.07
C ARG B 780 -6.16 -0.31 12.46
N MET B 781 -5.06 -0.68 13.15
CA MET B 781 -4.76 -0.10 14.45
C MET B 781 -4.58 1.40 14.35
N LYS B 782 -3.97 1.89 13.27
CA LYS B 782 -3.84 3.32 13.08
C LYS B 782 -5.20 3.99 12.93
N ARG B 783 -6.04 3.43 12.05
CA ARG B 783 -7.41 3.93 11.88
C ARG B 783 -8.10 4.09 13.23
N ILE B 784 -8.06 3.03 14.06
CA ILE B 784 -8.81 3.06 15.32
C ILE B 784 -8.16 4.00 16.34
N GLU B 785 -6.83 3.97 16.47
CA GLU B 785 -6.15 4.87 17.40
C GLU B 785 -6.46 6.32 17.06
N GLU B 786 -6.35 6.69 15.78
CA GLU B 786 -6.64 8.06 15.38
C GLU B 786 -8.11 8.39 15.62
N GLY B 787 -9.03 7.49 15.22
CA GLY B 787 -10.44 7.75 15.41
C GLY B 787 -10.84 7.90 16.86
N ILE B 788 -10.20 7.15 17.75
CA ILE B 788 -10.60 7.15 19.16
C ILE B 788 -9.97 8.31 19.91
N LYS B 789 -8.73 8.67 19.57
CA LYS B 789 -8.09 9.82 20.22
C LYS B 789 -8.65 11.14 19.68
N GLU B 790 -8.90 11.21 18.37
CA GLU B 790 -9.69 12.30 17.82
C GLU B 790 -11.07 12.35 18.44
N LEU B 791 -11.67 11.18 18.67
CA LEU B 791 -12.95 11.10 19.35
C LEU B 791 -12.83 11.51 20.81
N GLY B 792 -11.71 11.18 21.45
CA GLY B 792 -11.51 11.55 22.83
C GLY B 792 -12.11 10.58 23.82
N SER B 793 -12.11 9.28 23.50
CA SER B 793 -12.74 8.26 24.32
C SER B 793 -11.68 7.34 24.93
N GLN B 794 -11.91 6.93 26.17
CA GLN B 794 -11.03 6.04 26.90
C GLN B 794 -11.45 4.57 26.77
N ILE B 795 -12.29 4.24 25.79
CA ILE B 795 -12.65 2.84 25.54
C ILE B 795 -11.42 2.07 25.09
N LEU B 796 -10.54 2.71 24.32
CA LEU B 796 -9.27 2.08 23.95
C LEU B 796 -8.33 2.02 25.14
N LYS B 797 -8.42 2.99 26.05
CA LYS B 797 -7.54 3.00 27.22
C LYS B 797 -7.86 1.85 28.17
N GLU B 798 -9.13 1.46 28.28
CA GLU B 798 -9.52 0.35 29.15
C GLU B 798 -9.58 -0.97 28.42
N HIS B 799 -9.92 -0.96 27.12
CA HIS B 799 -9.95 -2.16 26.29
C HIS B 799 -8.75 -2.15 25.35
N PRO B 800 -7.60 -2.69 25.76
CA PRO B 800 -6.46 -2.74 24.84
C PRO B 800 -6.68 -3.78 23.75
N VAL B 801 -6.10 -3.51 22.58
CA VAL B 801 -6.26 -4.39 21.43
C VAL B 801 -4.95 -4.42 20.66
N GLU B 802 -4.58 -5.60 20.16
CA GLU B 802 -3.44 -5.74 19.27
C GLU B 802 -3.90 -5.71 17.82
N ASN B 803 -2.96 -5.43 16.92
CA ASN B 803 -3.30 -5.24 15.51
C ASN B 803 -3.95 -6.49 14.92
N THR B 804 -3.35 -7.67 15.17
CA THR B 804 -3.90 -8.92 14.66
C THR B 804 -5.37 -9.09 15.06
N GLN B 805 -5.71 -8.70 16.29
CA GLN B 805 -7.07 -8.85 16.79
C GLN B 805 -8.12 -8.17 15.92
N LEU B 806 -7.71 -7.21 15.08
CA LEU B 806 -8.66 -6.50 14.25
C LEU B 806 -9.02 -7.25 12.97
N GLN B 807 -8.46 -8.45 12.76
CA GLN B 807 -8.92 -9.28 11.64
C GLN B 807 -10.29 -9.92 11.90
N ASN B 808 -10.95 -9.59 13.01
CA ASN B 808 -12.33 -9.95 13.26
C ASN B 808 -13.25 -8.81 12.83
N GLU B 809 -14.29 -9.14 12.07
CA GLU B 809 -15.20 -8.13 11.55
C GLU B 809 -15.95 -7.43 12.67
N LYS B 810 -16.52 -8.20 13.59
CA LYS B 810 -17.40 -7.62 14.61
C LYS B 810 -16.63 -6.77 15.61
N LEU B 811 -15.43 -7.20 16.00
CA LEU B 811 -14.65 -6.41 16.95
C LEU B 811 -14.10 -5.14 16.31
N TYR B 812 -13.66 -5.24 15.06
CA TYR B 812 -13.23 -4.06 14.32
C TYR B 812 -14.37 -3.06 14.17
N LEU B 813 -15.58 -3.56 13.86
CA LEU B 813 -16.75 -2.69 13.81
C LEU B 813 -17.09 -2.12 15.18
N TYR B 814 -16.88 -2.91 16.25
CA TYR B 814 -17.10 -2.43 17.60
C TYR B 814 -16.22 -1.21 17.90
N TYR B 815 -14.93 -1.30 17.56
CA TYR B 815 -14.03 -0.18 17.83
C TYR B 815 -14.25 0.98 16.87
N LEU B 816 -14.67 0.72 15.63
CA LEU B 816 -15.01 1.81 14.72
C LEU B 816 -16.28 2.53 15.14
N GLN B 817 -17.13 1.89 15.92
CA GLN B 817 -18.38 2.49 16.41
C GLN B 817 -18.28 2.95 17.85
N ASN B 818 -17.07 3.00 18.42
CA ASN B 818 -16.85 3.43 19.81
C ASN B 818 -17.64 2.58 20.80
N GLY B 819 -17.77 1.28 20.51
CA GLY B 819 -18.48 0.40 21.41
C GLY B 819 -19.96 0.68 21.55
N ARG B 820 -20.58 1.29 20.54
CA ARG B 820 -21.99 1.63 20.59
C ARG B 820 -22.75 0.95 19.46
N ASP B 821 -24.03 0.66 19.71
CA ASP B 821 -24.91 0.28 18.62
C ASP B 821 -25.00 1.44 17.64
N MET B 822 -25.09 1.10 16.36
CA MET B 822 -25.12 2.12 15.30
C MET B 822 -26.54 2.53 14.93
N TYR B 823 -27.53 1.72 15.28
CA TYR B 823 -28.93 2.09 15.05
C TYR B 823 -29.65 2.52 16.32
N VAL B 824 -29.09 2.20 17.50
CA VAL B 824 -29.63 2.61 18.77
C VAL B 824 -28.54 3.33 19.56
N ASP B 825 -28.92 4.38 20.29
CA ASP B 825 -27.97 5.16 21.07
C ASP B 825 -27.72 4.47 22.42
N GLN B 826 -26.95 3.38 22.36
CA GLN B 826 -26.68 2.55 23.52
C GLN B 826 -25.28 1.96 23.38
N GLU B 827 -24.75 1.50 24.51
CA GLU B 827 -23.46 0.84 24.52
C GLU B 827 -23.60 -0.63 24.11
N LEU B 828 -22.58 -1.12 23.43
CA LEU B 828 -22.49 -2.54 23.08
C LEU B 828 -21.46 -3.21 23.98
N ASP B 829 -21.65 -4.51 24.19
CA ASP B 829 -20.78 -5.32 25.04
C ASP B 829 -19.80 -6.09 24.17
N ILE B 830 -18.52 -6.08 24.56
CA ILE B 830 -17.51 -6.81 23.80
C ILE B 830 -17.79 -8.30 23.85
N ASN B 831 -17.88 -8.86 25.08
CA ASN B 831 -18.02 -10.29 25.24
C ASN B 831 -19.34 -10.84 24.67
N ARG B 832 -20.24 -9.96 24.22
CA ARG B 832 -21.50 -10.37 23.62
C ARG B 832 -21.50 -10.19 22.10
N LEU B 833 -20.33 -10.00 21.49
CA LEU B 833 -20.27 -9.77 20.05
C LEU B 833 -20.87 -10.92 19.25
N SER B 834 -20.82 -12.14 19.80
CA SER B 834 -21.42 -13.29 19.11
C SER B 834 -22.94 -13.20 19.01
N ASP B 835 -23.58 -12.43 19.90
CA ASP B 835 -25.04 -12.30 19.89
C ASP B 835 -25.53 -11.15 19.01
N TYR B 836 -24.65 -10.26 18.56
CA TYR B 836 -25.04 -9.09 17.79
C TYR B 836 -25.12 -9.44 16.31
N ASP B 837 -25.50 -8.44 15.51
CA ASP B 837 -25.69 -8.59 14.07
C ASP B 837 -24.79 -7.62 13.31
N VAL B 838 -24.40 -8.05 12.11
CA VAL B 838 -23.66 -7.24 11.15
C VAL B 838 -24.55 -7.07 9.93
N ASP B 839 -25.05 -5.87 9.72
CA ASP B 839 -26.07 -5.60 8.72
C ASP B 839 -25.53 -4.70 7.62
N ALA B 840 -26.01 -4.94 6.40
CA ALA B 840 -25.65 -4.11 5.26
C ALA B 840 -26.50 -2.84 5.26
N ILE B 841 -25.83 -1.69 5.10
CA ILE B 841 -26.51 -0.39 5.09
C ILE B 841 -27.55 -0.36 3.99
N VAL B 842 -27.10 -0.39 2.74
CA VAL B 842 -28.00 -0.65 1.62
C VAL B 842 -28.03 -2.16 1.43
N PRO B 843 -29.21 -2.78 1.31
CA PRO B 843 -29.29 -4.24 1.38
C PRO B 843 -28.47 -4.92 0.29
N GLN B 844 -27.80 -6.02 0.66
CA GLN B 844 -26.98 -6.79 -0.26
C GLN B 844 -27.78 -7.39 -1.42
N SER B 845 -29.11 -7.43 -1.30
CA SER B 845 -29.94 -7.79 -2.44
C SER B 845 -29.88 -6.75 -3.54
N PHE B 846 -29.48 -5.52 -3.21
CA PHE B 846 -29.29 -4.45 -4.18
C PHE B 846 -27.82 -4.18 -4.46
N LEU B 847 -27.03 -3.89 -3.43
CA LEU B 847 -25.60 -3.63 -3.57
C LEU B 847 -24.84 -4.80 -2.95
N LYS B 848 -24.24 -5.63 -3.80
CA LYS B 848 -23.40 -6.71 -3.31
C LYS B 848 -22.07 -6.15 -2.80
N ASP B 849 -22.13 -5.41 -1.71
CA ASP B 849 -20.96 -4.83 -1.05
C ASP B 849 -20.87 -5.43 0.34
N ASP B 850 -19.76 -6.12 0.61
CA ASP B 850 -19.54 -6.77 1.89
C ASP B 850 -18.40 -6.13 2.69
N SER B 851 -17.96 -4.94 2.29
CA SER B 851 -16.88 -4.25 2.97
C SER B 851 -17.40 -3.48 4.17
N ILE B 852 -16.47 -3.10 5.06
CA ILE B 852 -16.79 -2.27 6.21
C ILE B 852 -17.46 -0.96 5.80
N ASP B 853 -17.39 -0.57 4.52
CA ASP B 853 -17.99 0.67 4.06
C ASP B 853 -19.50 0.56 3.90
N ASN B 854 -20.04 -0.65 3.77
CA ASN B 854 -21.48 -0.85 3.65
C ASN B 854 -22.01 -1.74 4.77
N LYS B 855 -21.26 -1.92 5.85
CA LYS B 855 -21.68 -2.80 6.93
C LYS B 855 -21.66 -2.05 8.25
N VAL B 856 -22.45 -2.57 9.20
CA VAL B 856 -22.70 -1.88 10.47
C VAL B 856 -22.89 -2.94 11.54
N LEU B 857 -22.34 -2.69 12.74
CA LEU B 857 -22.52 -3.57 13.88
C LEU B 857 -23.63 -3.02 14.76
N THR B 858 -24.71 -3.80 14.91
CA THR B 858 -25.85 -3.40 15.73
C THR B 858 -26.27 -4.56 16.61
N ARG B 859 -27.04 -4.25 17.66
CA ARG B 859 -27.52 -5.29 18.56
C ARG B 859 -28.46 -6.25 17.85
N SER B 860 -29.39 -5.71 17.06
CA SER B 860 -30.34 -6.52 16.31
C SER B 860 -30.63 -5.80 15.00
N ASP B 861 -30.60 -6.54 13.89
CA ASP B 861 -30.86 -5.94 12.59
C ASP B 861 -32.31 -5.50 12.44
N LYS B 862 -33.23 -6.09 13.22
CA LYS B 862 -34.61 -5.63 13.23
C LYS B 862 -34.70 -4.13 13.50
N ASN B 863 -33.79 -3.61 14.33
CA ASN B 863 -33.79 -2.19 14.70
C ASN B 863 -33.37 -1.27 13.58
N ARG B 864 -33.07 -1.79 12.38
CA ARG B 864 -32.77 -0.91 11.25
C ARG B 864 -34.03 -0.34 10.62
N GLY B 865 -35.17 -0.98 10.81
CA GLY B 865 -36.40 -0.61 10.15
C GLY B 865 -36.85 -1.73 9.23
N LYS B 866 -37.32 -1.37 8.04
CA LYS B 866 -37.68 -2.34 7.01
C LYS B 866 -36.43 -2.80 6.27
N SER B 867 -36.37 -4.10 6.00
CA SER B 867 -35.19 -4.73 5.41
C SER B 867 -35.09 -4.56 3.89
N ASP B 868 -36.06 -3.88 3.27
CA ASP B 868 -36.13 -3.74 1.82
C ASP B 868 -35.49 -2.45 1.32
N ASN B 869 -34.80 -1.70 2.17
CA ASN B 869 -34.40 -0.35 1.82
C ASN B 869 -33.25 0.09 2.73
N VAL B 870 -32.92 1.37 2.64
CA VAL B 870 -31.94 2.07 3.47
C VAL B 870 -32.56 2.24 4.86
N PRO B 871 -31.75 2.28 5.95
CA PRO B 871 -32.31 2.53 7.29
C PRO B 871 -33.40 3.59 7.31
N SER B 872 -34.43 3.37 8.13
CA SER B 872 -35.62 4.21 8.12
C SER B 872 -35.32 5.62 8.63
N GLU B 873 -36.28 6.52 8.42
CA GLU B 873 -36.09 7.92 8.79
C GLU B 873 -35.91 8.08 10.29
N GLU B 874 -36.62 7.27 11.09
CA GLU B 874 -36.56 7.41 12.54
C GLU B 874 -35.15 7.13 13.06
N VAL B 875 -34.50 6.09 12.54
CA VAL B 875 -33.14 5.78 12.95
C VAL B 875 -32.19 6.91 12.57
N VAL B 876 -32.41 7.52 11.40
CA VAL B 876 -31.55 8.63 10.99
C VAL B 876 -31.73 9.83 11.91
N LYS B 877 -32.98 10.18 12.24
CA LYS B 877 -33.23 11.24 13.21
C LYS B 877 -32.52 10.95 14.52
N LYS B 878 -32.56 9.68 14.96
CA LYS B 878 -31.93 9.34 16.24
C LYS B 878 -30.41 9.44 16.17
N MET B 879 -29.80 9.02 15.06
CA MET B 879 -28.38 8.70 15.05
C MET B 879 -27.53 9.57 14.13
N LYS B 880 -28.09 10.62 13.51
CA LYS B 880 -27.29 11.40 12.56
C LYS B 880 -26.13 12.12 13.25
N ASN B 881 -26.34 12.62 14.47
CA ASN B 881 -25.27 13.32 15.17
C ASN B 881 -24.11 12.38 15.52
N TYR B 882 -24.45 11.18 16.02
CA TYR B 882 -23.41 10.20 16.33
C TYR B 882 -22.68 9.75 15.08
N TRP B 883 -23.41 9.61 13.95
CA TRP B 883 -22.76 9.29 12.69
C TRP B 883 -21.85 10.40 12.20
N ARG B 884 -22.24 11.66 12.44
CA ARG B 884 -21.39 12.79 12.06
C ARG B 884 -20.11 12.80 12.90
N GLN B 885 -20.22 12.45 14.18
CA GLN B 885 -19.02 12.31 15.01
C GLN B 885 -18.12 11.21 14.49
N LEU B 886 -18.70 10.04 14.16
CA LEU B 886 -17.90 8.96 13.59
C LEU B 886 -17.28 9.36 12.25
N LEU B 887 -17.95 10.25 11.51
CA LEU B 887 -17.42 10.71 10.23
C LEU B 887 -16.24 11.66 10.43
N ASN B 888 -16.35 12.56 11.42
CA ASN B 888 -15.26 13.52 11.65
C ASN B 888 -14.04 12.84 12.26
N ALA B 889 -14.23 11.76 13.02
CA ALA B 889 -13.11 10.96 13.50
C ALA B 889 -12.60 9.99 12.44
N LYS B 890 -13.16 10.03 11.23
CA LYS B 890 -12.77 9.18 10.11
C LYS B 890 -13.01 7.70 10.40
N LEU B 891 -13.87 7.40 11.38
CA LEU B 891 -14.19 6.01 11.71
C LEU B 891 -15.22 5.43 10.76
N ILE B 892 -16.09 6.28 10.19
CA ILE B 892 -16.89 5.92 9.03
C ILE B 892 -16.55 6.92 7.93
N THR B 893 -16.75 6.50 6.69
CA THR B 893 -16.45 7.35 5.55
C THR B 893 -17.67 8.22 5.22
N GLN B 894 -17.51 9.09 4.22
CA GLN B 894 -18.63 9.92 3.78
C GLN B 894 -19.62 9.13 2.93
N ARG B 895 -19.15 8.14 2.18
CA ARG B 895 -20.08 7.27 1.46
C ARG B 895 -20.92 6.45 2.42
N LYS B 896 -20.29 5.91 3.47
CA LYS B 896 -21.01 5.20 4.52
C LYS B 896 -22.01 6.11 5.22
N PHE B 897 -21.59 7.32 5.55
CA PHE B 897 -22.49 8.28 6.19
C PHE B 897 -23.65 8.65 5.29
N ASP B 898 -23.41 8.78 3.99
CA ASP B 898 -24.47 9.17 3.06
C ASP B 898 -25.46 8.04 2.86
N ASN B 899 -24.98 6.80 2.72
CA ASN B 899 -25.87 5.66 2.62
C ASN B 899 -26.69 5.49 3.89
N LEU B 900 -26.07 5.70 5.06
CA LEU B 900 -26.81 5.63 6.32
C LEU B 900 -27.88 6.71 6.43
N THR B 901 -27.64 7.88 5.83
CA THR B 901 -28.53 9.02 5.96
C THR B 901 -29.42 9.22 4.73
N LYS B 902 -29.57 8.20 3.88
CA LYS B 902 -30.26 8.41 2.61
C LYS B 902 -31.77 8.51 2.78
N ALA B 903 -32.34 8.00 3.88
CA ALA B 903 -33.78 8.03 4.04
C ALA B 903 -34.32 9.45 4.18
N GLU B 904 -33.55 10.34 4.82
CA GLU B 904 -33.97 11.74 4.88
C GLU B 904 -33.87 12.44 3.53
N ARG B 905 -33.30 11.78 2.54
CA ARG B 905 -33.22 12.33 1.18
C ARG B 905 -34.10 11.53 0.23
N LEU B 908 -33.82 5.78 -0.82
CA LEU B 908 -33.58 4.84 -1.89
C LEU B 908 -34.76 4.82 -2.87
N SER B 909 -34.48 5.14 -4.13
CA SER B 909 -35.50 5.23 -5.16
C SER B 909 -35.50 3.98 -6.03
N GLU B 910 -36.53 3.86 -6.87
CA GLU B 910 -36.62 2.72 -7.79
C GLU B 910 -35.54 2.77 -8.85
N LEU B 911 -35.17 3.98 -9.30
CA LEU B 911 -34.05 4.13 -10.22
C LEU B 911 -32.77 3.61 -9.59
N ASP B 912 -32.58 3.86 -8.28
CA ASP B 912 -31.39 3.37 -7.60
C ASP B 912 -31.37 1.84 -7.59
N LYS B 913 -32.51 1.21 -7.41
CA LYS B 913 -32.56 -0.26 -7.40
C LYS B 913 -32.29 -0.84 -8.78
N ALA B 914 -32.90 -0.25 -9.82
CA ALA B 914 -32.59 -0.66 -11.18
C ALA B 914 -31.10 -0.50 -11.46
N GLY B 915 -30.51 0.59 -10.97
CA GLY B 915 -29.09 0.82 -11.18
C GLY B 915 -28.22 -0.21 -10.47
N PHE B 916 -28.57 -0.53 -9.22
CA PHE B 916 -27.79 -1.53 -8.48
C PHE B 916 -27.85 -2.89 -9.18
N ILE B 917 -29.04 -3.26 -9.67
CA ILE B 917 -29.17 -4.54 -10.34
C ILE B 917 -28.38 -4.56 -11.64
N LYS B 918 -28.43 -3.45 -12.41
CA LYS B 918 -27.64 -3.39 -13.64
C LYS B 918 -26.15 -3.43 -13.33
N ARG B 919 -25.72 -2.79 -12.23
CA ARG B 919 -24.31 -2.78 -11.86
C ARG B 919 -23.85 -4.18 -11.49
N GLN B 920 -24.74 -5.01 -10.96
CA GLN B 920 -24.40 -6.40 -10.69
C GLN B 920 -24.11 -7.21 -11.96
N LEU B 921 -24.48 -6.70 -13.14
CA LEU B 921 -24.39 -7.47 -14.36
C LEU B 921 -23.53 -6.85 -15.44
N VAL B 922 -23.43 -5.52 -15.50
CA VAL B 922 -22.67 -4.82 -16.54
C VAL B 922 -21.36 -4.34 -15.92
N GLU B 923 -20.24 -4.76 -16.51
CA GLU B 923 -18.94 -4.40 -15.98
C GLU B 923 -18.58 -2.97 -16.36
N THR B 924 -18.13 -2.19 -15.38
CA THR B 924 -17.75 -0.80 -15.59
C THR B 924 -16.35 -0.46 -15.10
N ARG B 925 -15.64 -1.39 -14.45
CA ARG B 925 -14.26 -1.16 -14.05
C ARG B 925 -13.42 -0.78 -15.26
N GLN B 926 -12.62 0.28 -15.12
CA GLN B 926 -11.88 0.80 -16.26
C GLN B 926 -10.84 -0.19 -16.77
N ILE B 927 -10.30 -1.03 -15.90
CA ILE B 927 -9.24 -1.95 -16.29
C ILE B 927 -9.78 -3.02 -17.25
N THR B 928 -11.00 -3.50 -16.98
CA THR B 928 -11.62 -4.45 -17.90
C THR B 928 -11.90 -3.81 -19.24
N LYS B 929 -12.27 -2.53 -19.24
CA LYS B 929 -12.49 -1.82 -20.49
C LYS B 929 -11.18 -1.66 -21.25
N HIS B 930 -10.06 -1.49 -20.54
CA HIS B 930 -8.77 -1.40 -21.21
C HIS B 930 -8.39 -2.74 -21.84
N VAL B 931 -8.65 -3.84 -21.13
CA VAL B 931 -8.40 -5.16 -21.70
C VAL B 931 -9.24 -5.36 -22.96
N ALA B 932 -10.52 -4.98 -22.88
CA ALA B 932 -11.41 -5.09 -24.02
C ALA B 932 -10.94 -4.23 -25.20
N GLN B 933 -10.47 -3.02 -24.90
CA GLN B 933 -9.93 -2.15 -25.96
C GLN B 933 -8.72 -2.79 -26.62
N ILE B 934 -7.82 -3.36 -25.83
CA ILE B 934 -6.63 -3.99 -26.40
C ILE B 934 -7.03 -5.13 -27.33
N LEU B 935 -7.87 -6.04 -26.85
CA LEU B 935 -8.27 -7.18 -27.67
C LEU B 935 -9.01 -6.72 -28.92
N ASP B 936 -9.91 -5.74 -28.77
CA ASP B 936 -10.70 -5.27 -29.89
C ASP B 936 -9.82 -4.62 -30.95
N SER B 937 -8.84 -3.82 -30.53
CA SER B 937 -7.96 -3.18 -31.49
C SER B 937 -7.00 -4.17 -32.13
N ARG B 938 -6.73 -5.30 -31.47
CA ARG B 938 -5.89 -6.31 -32.11
C ARG B 938 -6.68 -7.19 -33.08
N MET B 939 -7.98 -7.39 -32.85
CA MET B 939 -8.77 -8.24 -33.72
C MET B 939 -9.33 -7.49 -34.92
N ASN B 940 -9.94 -6.33 -34.67
CA ASN B 940 -10.63 -5.56 -35.70
C ASN B 940 -9.71 -4.44 -36.19
N THR B 941 -9.22 -4.57 -37.43
CA THR B 941 -8.24 -3.65 -37.97
C THR B 941 -8.64 -3.02 -39.30
N LYS B 942 -9.67 -3.52 -39.97
CA LYS B 942 -10.07 -3.01 -41.27
C LYS B 942 -11.23 -2.03 -41.14
N TYR B 943 -11.34 -1.15 -42.14
CA TYR B 943 -12.33 -0.08 -42.15
C TYR B 943 -13.19 -0.18 -43.40
N ASP B 944 -14.46 0.20 -43.27
CA ASP B 944 -15.43 0.03 -44.34
C ASP B 944 -15.41 1.24 -45.27
N GLU B 945 -16.41 1.34 -46.15
CA GLU B 945 -16.45 2.41 -47.14
C GLU B 945 -16.60 3.78 -46.48
N ASN B 946 -17.30 3.85 -45.35
CA ASN B 946 -17.42 5.09 -44.59
C ASN B 946 -16.24 5.31 -43.64
N ASP B 947 -15.15 4.55 -43.83
CA ASP B 947 -13.96 4.67 -43.00
C ASP B 947 -14.29 4.47 -41.52
N LYS B 948 -15.24 3.57 -41.25
CA LYS B 948 -15.59 3.19 -39.90
C LYS B 948 -15.18 1.75 -39.65
N LEU B 949 -14.76 1.47 -38.41
CA LEU B 949 -14.16 0.19 -38.09
C LEU B 949 -15.11 -0.96 -38.36
N ILE B 950 -14.57 -2.04 -38.93
CA ILE B 950 -15.32 -3.26 -39.19
C ILE B 950 -15.11 -4.18 -38.00
N ARG B 951 -16.17 -4.38 -37.21
CA ARG B 951 -16.08 -5.19 -35.99
C ARG B 951 -16.42 -6.63 -36.33
N GLU B 952 -15.40 -7.35 -36.81
CA GLU B 952 -15.56 -8.78 -37.05
C GLU B 952 -15.68 -9.55 -35.74
N VAL B 953 -14.88 -9.17 -34.75
CA VAL B 953 -14.81 -9.86 -33.47
C VAL B 953 -15.46 -8.96 -32.42
N LYS B 954 -16.49 -9.48 -31.77
CA LYS B 954 -17.17 -8.76 -30.69
C LYS B 954 -16.52 -9.12 -29.37
N VAL B 955 -16.01 -8.11 -28.66
CA VAL B 955 -15.42 -8.30 -27.35
C VAL B 955 -16.50 -8.03 -26.31
N ILE B 956 -16.94 -9.06 -25.62
CA ILE B 956 -17.96 -8.98 -24.59
C ILE B 956 -17.26 -9.07 -23.24
N THR B 957 -17.77 -8.33 -22.25
CA THR B 957 -17.26 -8.40 -20.89
C THR B 957 -18.42 -8.73 -19.95
N LEU B 958 -18.16 -9.62 -18.99
CA LEU B 958 -19.17 -10.02 -18.01
C LEU B 958 -18.60 -9.97 -16.60
N LYS B 959 -19.49 -9.81 -15.63
CA LYS B 959 -19.11 -9.88 -14.22
C LYS B 959 -19.25 -11.31 -13.71
N SER B 960 -18.52 -11.61 -12.64
CA SER B 960 -18.45 -12.98 -12.15
C SER B 960 -19.82 -13.49 -11.69
N LYS B 961 -20.71 -12.59 -11.31
CA LYS B 961 -22.00 -13.01 -10.77
C LYS B 961 -22.84 -13.75 -11.80
N LEU B 962 -22.70 -13.42 -13.08
CA LEU B 962 -23.47 -14.10 -14.12
C LEU B 962 -23.20 -15.60 -14.14
N VAL B 963 -21.93 -15.98 -14.34
CA VAL B 963 -21.60 -17.40 -14.40
C VAL B 963 -21.71 -18.05 -13.03
N SER B 964 -21.48 -17.30 -11.94
CA SER B 964 -21.71 -17.85 -10.61
C SER B 964 -23.16 -18.28 -10.44
N ASP B 965 -24.09 -17.37 -10.76
CA ASP B 965 -25.52 -17.67 -10.67
C ASP B 965 -25.90 -18.78 -11.63
N PHE B 966 -25.28 -18.83 -12.81
CA PHE B 966 -25.56 -19.91 -13.76
C PHE B 966 -25.18 -21.26 -13.16
N ARG B 967 -23.96 -21.35 -12.60
CA ARG B 967 -23.52 -22.57 -11.94
C ARG B 967 -24.49 -22.99 -10.84
N LYS B 968 -24.88 -22.04 -9.98
CA LYS B 968 -25.74 -22.39 -8.86
C LYS B 968 -27.16 -22.71 -9.31
N ASP B 969 -27.61 -22.15 -10.43
CA ASP B 969 -28.97 -22.36 -10.90
C ASP B 969 -29.12 -23.68 -11.65
N PHE B 970 -28.08 -24.14 -12.33
CA PHE B 970 -28.17 -25.36 -13.11
C PHE B 970 -27.26 -26.46 -12.57
N GLN B 971 -26.81 -26.31 -11.33
CA GLN B 971 -26.05 -27.35 -10.63
C GLN B 971 -24.79 -27.73 -11.38
N PHE B 972 -24.07 -26.72 -11.88
CA PHE B 972 -22.72 -26.90 -12.39
C PHE B 972 -21.74 -26.33 -11.38
N TYR B 973 -21.71 -26.92 -10.19
CA TYR B 973 -21.01 -26.34 -9.06
C TYR B 973 -19.50 -26.41 -9.27
N LYS B 974 -18.81 -25.49 -8.59
CA LYS B 974 -17.35 -25.46 -8.56
C LYS B 974 -16.89 -25.69 -7.14
N VAL B 975 -15.81 -26.44 -6.99
CA VAL B 975 -15.10 -26.60 -5.73
C VAL B 975 -13.65 -26.27 -6.01
N ARG B 976 -13.17 -25.15 -5.48
CA ARG B 976 -11.85 -24.64 -5.87
C ARG B 976 -10.73 -25.57 -5.43
N GLU B 977 -10.88 -26.26 -4.30
CA GLU B 977 -9.80 -27.02 -3.71
C GLU B 977 -9.56 -28.37 -4.39
N ILE B 978 -10.49 -28.84 -5.24
CA ILE B 978 -10.33 -30.15 -5.85
C ILE B 978 -9.19 -30.15 -6.85
N ASN B 979 -9.17 -29.18 -7.76
CA ASN B 979 -8.06 -28.99 -8.70
C ASN B 979 -8.06 -27.58 -9.28
N ASN B 980 -7.34 -27.37 -10.37
CA ASN B 980 -7.31 -26.08 -11.04
C ASN B 980 -8.26 -26.02 -12.24
N TYR B 981 -9.09 -27.05 -12.45
CA TYR B 981 -9.95 -27.09 -13.62
C TYR B 981 -11.03 -26.01 -13.62
N HIS B 982 -11.32 -25.42 -12.46
CA HIS B 982 -12.44 -24.49 -12.37
C HIS B 982 -12.15 -23.17 -13.07
N HIS B 983 -10.88 -22.77 -13.21
CA HIS B 983 -10.56 -21.59 -14.02
C HIS B 983 -10.97 -21.80 -15.47
N ALA B 984 -10.54 -22.92 -16.07
CA ALA B 984 -10.91 -23.22 -17.45
C ALA B 984 -12.42 -23.41 -17.60
N HIS B 985 -13.06 -24.02 -16.61
CA HIS B 985 -14.51 -24.20 -16.66
C HIS B 985 -15.22 -22.86 -16.59
N ASP B 986 -14.71 -21.93 -15.77
CA ASP B 986 -15.26 -20.58 -15.74
C ASP B 986 -15.14 -19.92 -17.10
N ALA B 987 -13.98 -20.06 -17.74
CA ALA B 987 -13.80 -19.47 -19.07
C ALA B 987 -14.80 -20.05 -20.07
N TYR B 988 -15.00 -21.37 -20.03
CA TYR B 988 -15.96 -22.01 -20.93
C TYR B 988 -17.36 -21.49 -20.71
N LEU B 989 -17.80 -21.47 -19.44
CA LEU B 989 -19.14 -20.99 -19.14
C LEU B 989 -19.30 -19.52 -19.52
N ASN B 990 -18.24 -18.74 -19.38
CA ASN B 990 -18.26 -17.34 -19.82
C ASN B 990 -18.54 -17.26 -21.32
N ALA B 991 -17.77 -17.99 -22.12
CA ALA B 991 -17.99 -18.02 -23.56
C ALA B 991 -19.44 -18.37 -23.88
N VAL B 992 -19.94 -19.46 -23.28
CA VAL B 992 -21.29 -19.93 -23.58
C VAL B 992 -22.34 -18.87 -23.22
N VAL B 993 -22.28 -18.38 -21.98
CA VAL B 993 -23.30 -17.46 -21.49
C VAL B 993 -23.26 -16.17 -22.28
N GLY B 994 -22.08 -15.63 -22.55
CA GLY B 994 -21.99 -14.38 -23.28
C GLY B 994 -22.52 -14.49 -24.69
N THR B 995 -22.09 -15.54 -25.42
CA THR B 995 -22.55 -15.70 -26.79
C THR B 995 -24.05 -15.91 -26.84
N ALA B 996 -24.60 -16.77 -25.96
CA ALA B 996 -26.03 -17.02 -25.94
C ALA B 996 -26.80 -15.75 -25.57
N LEU B 997 -26.26 -14.96 -24.65
CA LEU B 997 -26.94 -13.76 -24.19
C LEU B 997 -27.06 -12.74 -25.31
N ILE B 998 -25.95 -12.48 -26.02
CA ILE B 998 -26.03 -11.51 -27.11
C ILE B 998 -26.74 -12.08 -28.33
N LYS B 999 -26.82 -13.41 -28.46
CA LYS B 999 -27.63 -13.98 -29.52
C LYS B 999 -29.11 -13.81 -29.24
N LYS B 1000 -29.52 -13.95 -27.98
CA LYS B 1000 -30.93 -13.85 -27.65
C LYS B 1000 -31.42 -12.41 -27.69
N TYR B 1001 -30.63 -11.47 -27.18
CA TYR B 1001 -30.98 -10.05 -27.14
C TYR B 1001 -29.88 -9.25 -27.83
N PRO B 1002 -29.94 -9.13 -29.16
CA PRO B 1002 -28.89 -8.35 -29.86
C PRO B 1002 -28.93 -6.87 -29.51
N LYS B 1003 -30.10 -6.36 -29.10
CA LYS B 1003 -30.20 -4.95 -28.72
C LYS B 1003 -29.23 -4.59 -27.59
N LEU B 1004 -28.88 -5.56 -26.75
CA LEU B 1004 -27.98 -5.31 -25.62
C LEU B 1004 -26.51 -5.24 -26.02
N GLU B 1005 -26.20 -5.39 -27.31
CA GLU B 1005 -24.80 -5.27 -27.74
C GLU B 1005 -24.16 -4.00 -27.17
N SER B 1006 -24.85 -2.86 -27.31
CA SER B 1006 -24.35 -1.59 -26.78
C SER B 1006 -23.81 -1.75 -25.37
N GLU B 1007 -24.55 -2.48 -24.52
CA GLU B 1007 -24.19 -2.57 -23.11
C GLU B 1007 -23.14 -3.62 -22.81
N PHE B 1008 -22.89 -4.57 -23.72
CA PHE B 1008 -21.99 -5.67 -23.42
C PHE B 1008 -20.83 -5.81 -24.41
N VAL B 1009 -20.86 -5.09 -25.53
CA VAL B 1009 -19.83 -5.20 -26.55
C VAL B 1009 -19.06 -3.89 -26.61
N TYR B 1010 -17.74 -3.98 -26.62
CA TYR B 1010 -16.91 -2.80 -26.74
C TYR B 1010 -17.12 -2.15 -28.10
N GLY B 1011 -17.05 -0.83 -28.13
CA GLY B 1011 -17.17 -0.06 -29.35
C GLY B 1011 -18.40 0.83 -29.33
N ASP B 1012 -18.41 1.77 -30.28
CA ASP B 1012 -19.48 2.77 -30.36
C ASP B 1012 -20.47 2.47 -31.50
N LYS B 1031 -41.05 3.57 -16.17
CA LYS B 1031 -39.97 2.98 -16.93
C LYS B 1031 -38.94 2.34 -16.00
N ALA B 1032 -38.79 2.90 -14.80
CA ALA B 1032 -37.86 2.35 -13.82
C ALA B 1032 -38.26 0.92 -13.45
N THR B 1033 -39.56 0.69 -13.25
CA THR B 1033 -40.03 -0.67 -13.01
C THR B 1033 -39.79 -1.56 -14.22
N ALA B 1034 -39.93 -1.00 -15.43
CA ALA B 1034 -39.69 -1.80 -16.65
C ALA B 1034 -38.26 -2.33 -16.70
N LYS B 1035 -37.28 -1.44 -16.47
CA LYS B 1035 -35.88 -1.88 -16.51
C LYS B 1035 -35.51 -2.72 -15.30
N TYR B 1036 -36.09 -2.44 -14.13
CA TYR B 1036 -35.88 -3.30 -12.97
C TYR B 1036 -36.32 -4.73 -13.27
N PHE B 1037 -37.57 -4.88 -13.72
CA PHE B 1037 -38.10 -6.17 -14.13
C PHE B 1037 -37.23 -6.81 -15.20
N PHE B 1038 -36.86 -6.04 -16.23
CA PHE B 1038 -36.13 -6.57 -17.37
C PHE B 1038 -34.76 -7.10 -16.97
N TYR B 1039 -33.98 -6.29 -16.24
CA TYR B 1039 -32.63 -6.69 -15.86
C TYR B 1039 -32.63 -7.74 -14.75
N SER B 1040 -33.70 -7.83 -13.96
CA SER B 1040 -33.80 -8.91 -12.99
C SER B 1040 -34.13 -10.24 -13.68
N ASN B 1041 -34.86 -10.19 -14.79
CA ASN B 1041 -35.31 -11.38 -15.50
C ASN B 1041 -34.53 -11.62 -16.79
N ILE B 1042 -33.36 -11.00 -16.93
CA ILE B 1042 -32.61 -11.10 -18.18
C ILE B 1042 -32.15 -12.53 -18.42
N MET B 1043 -31.80 -13.24 -17.35
CA MET B 1043 -31.24 -14.59 -17.45
C MET B 1043 -32.29 -15.68 -17.36
N ASN B 1044 -33.58 -15.32 -17.42
CA ASN B 1044 -34.64 -16.31 -17.31
C ASN B 1044 -34.82 -17.13 -18.58
N PHE B 1045 -34.36 -16.64 -19.73
CA PHE B 1045 -34.55 -17.37 -20.97
C PHE B 1045 -33.84 -18.72 -20.96
N PHE B 1046 -32.86 -18.90 -20.06
CA PHE B 1046 -32.27 -20.22 -19.89
C PHE B 1046 -33.22 -21.18 -19.20
N LYS B 1047 -33.99 -20.68 -18.23
CA LYS B 1047 -34.82 -21.55 -17.40
C LYS B 1047 -36.02 -22.07 -18.17
N THR B 1048 -36.59 -23.17 -17.66
CA THR B 1048 -37.79 -23.78 -18.24
C THR B 1048 -39.06 -23.23 -17.57
N GLU B 1049 -39.06 -23.16 -16.24
CA GLU B 1049 -40.12 -22.51 -15.48
C GLU B 1049 -39.49 -21.43 -14.62
N ILE B 1050 -40.15 -20.28 -14.53
CA ILE B 1050 -39.69 -19.17 -13.71
C ILE B 1050 -40.79 -18.82 -12.71
N THR B 1051 -40.40 -18.66 -11.46
CA THR B 1051 -41.30 -18.23 -10.39
C THR B 1051 -40.90 -16.80 -10.02
N LEU B 1052 -41.73 -15.83 -10.41
CA LEU B 1052 -41.44 -14.43 -10.15
C LEU B 1052 -42.67 -13.75 -9.57
N ALA B 1053 -42.47 -13.01 -8.48
CA ALA B 1053 -43.55 -12.28 -7.82
C ALA B 1053 -44.17 -11.25 -8.77
N ILE B 1057 -46.15 -18.39 -11.20
CA ILE B 1057 -45.23 -19.23 -11.96
C ILE B 1057 -45.50 -19.11 -13.46
N ARG B 1058 -44.46 -18.80 -14.23
CA ARG B 1058 -44.52 -18.72 -15.68
C ARG B 1058 -43.56 -19.74 -16.28
N LYS B 1059 -43.90 -20.21 -17.48
CA LYS B 1059 -43.12 -21.26 -18.16
C LYS B 1059 -42.74 -20.81 -19.55
N ARG B 1060 -41.61 -21.30 -20.02
CA ARG B 1060 -41.01 -20.89 -21.28
C ARG B 1060 -40.87 -22.09 -22.21
N PRO B 1061 -40.78 -21.87 -23.52
CA PRO B 1061 -40.63 -22.98 -24.46
C PRO B 1061 -39.32 -23.70 -24.28
N LEU B 1062 -39.25 -24.91 -24.86
CA LEU B 1062 -38.04 -25.72 -24.80
C LEU B 1062 -36.91 -25.12 -25.63
N ILE B 1063 -37.26 -24.55 -26.78
CA ILE B 1063 -36.28 -23.98 -27.71
C ILE B 1063 -36.42 -22.47 -27.67
N GLU B 1064 -35.39 -21.80 -27.16
CA GLU B 1064 -35.31 -20.34 -27.12
C GLU B 1064 -34.58 -19.83 -28.34
N THR B 1065 -35.24 -18.92 -29.06
CA THR B 1065 -34.75 -18.37 -30.31
C THR B 1065 -34.71 -16.85 -30.23
N ASN B 1066 -34.06 -16.23 -31.21
CA ASN B 1066 -34.08 -14.78 -31.33
C ASN B 1066 -35.41 -14.35 -31.94
N GLY B 1067 -35.98 -13.28 -31.40
CA GLY B 1067 -37.28 -12.84 -31.86
C GLY B 1067 -37.28 -12.38 -33.30
N GLU B 1068 -36.25 -11.64 -33.69
CA GLU B 1068 -36.23 -11.07 -35.04
C GLU B 1068 -35.66 -12.04 -36.06
N THR B 1069 -34.46 -12.57 -35.79
CA THR B 1069 -33.79 -13.43 -36.77
C THR B 1069 -34.43 -14.81 -36.85
N GLY B 1070 -35.14 -15.25 -35.81
CA GLY B 1070 -35.60 -16.61 -35.74
C GLY B 1070 -34.52 -17.64 -35.57
N GLU B 1071 -33.27 -17.21 -35.40
CA GLU B 1071 -32.17 -18.13 -35.14
C GLU B 1071 -32.29 -18.71 -33.75
N ILE B 1072 -31.81 -19.94 -33.58
CA ILE B 1072 -31.88 -20.63 -32.30
C ILE B 1072 -30.73 -20.19 -31.43
N VAL B 1073 -31.01 -19.86 -30.17
CA VAL B 1073 -29.97 -19.49 -29.24
C VAL B 1073 -29.76 -20.54 -28.15
N TRP B 1074 -30.80 -21.26 -27.73
CA TRP B 1074 -30.63 -22.19 -26.62
C TRP B 1074 -31.68 -23.30 -26.70
N ASP B 1075 -31.22 -24.54 -26.84
CA ASP B 1075 -32.08 -25.72 -26.80
C ASP B 1075 -31.90 -26.36 -25.43
N LYS B 1076 -32.92 -26.24 -24.57
CA LYS B 1076 -32.81 -26.68 -23.19
C LYS B 1076 -32.77 -28.19 -23.05
N GLY B 1077 -33.04 -28.95 -24.10
CA GLY B 1077 -32.95 -30.39 -24.02
C GLY B 1077 -31.57 -30.91 -24.36
N ARG B 1078 -30.85 -30.19 -25.22
CA ARG B 1078 -29.59 -30.67 -25.76
C ARG B 1078 -28.37 -29.87 -25.32
N ASP B 1079 -28.50 -28.55 -25.11
CA ASP B 1079 -27.32 -27.73 -24.84
C ASP B 1079 -26.81 -27.90 -23.42
N PHE B 1080 -27.72 -28.05 -22.45
CA PHE B 1080 -27.30 -28.30 -21.08
C PHE B 1080 -26.47 -29.57 -20.98
N ALA B 1081 -26.86 -30.61 -21.70
CA ALA B 1081 -26.07 -31.83 -21.75
C ALA B 1081 -24.69 -31.57 -22.33
N THR B 1082 -24.60 -30.69 -23.33
CA THR B 1082 -23.31 -30.31 -23.89
C THR B 1082 -22.43 -29.68 -22.82
N VAL B 1083 -22.99 -28.74 -22.05
CA VAL B 1083 -22.22 -28.10 -20.99
C VAL B 1083 -21.75 -29.13 -19.97
N ARG B 1084 -22.64 -30.07 -19.61
CA ARG B 1084 -22.28 -31.09 -18.63
C ARG B 1084 -21.13 -31.96 -19.14
N LYS B 1085 -21.19 -32.35 -20.42
CA LYS B 1085 -20.11 -33.16 -20.99
C LYS B 1085 -18.81 -32.40 -21.02
N VAL B 1086 -18.86 -31.09 -21.32
CA VAL B 1086 -17.65 -30.28 -21.33
C VAL B 1086 -17.04 -30.19 -19.95
N LEU B 1087 -17.88 -30.00 -18.92
CA LEU B 1087 -17.37 -29.93 -17.56
C LEU B 1087 -16.84 -31.28 -17.08
N SER B 1088 -17.39 -32.39 -17.59
CA SER B 1088 -16.94 -33.71 -17.16
C SER B 1088 -15.65 -34.16 -17.83
N MET B 1089 -15.21 -33.47 -18.89
CA MET B 1089 -14.03 -33.90 -19.61
C MET B 1089 -12.82 -33.92 -18.67
N PRO B 1090 -12.06 -35.03 -18.63
CA PRO B 1090 -10.91 -35.10 -17.71
C PRO B 1090 -9.65 -34.45 -18.25
N GLN B 1091 -9.52 -34.30 -19.57
CA GLN B 1091 -8.32 -33.74 -20.17
C GLN B 1091 -8.49 -32.23 -20.29
N VAL B 1092 -7.80 -31.48 -19.43
CA VAL B 1092 -7.88 -30.02 -19.42
C VAL B 1092 -6.47 -29.46 -19.31
N ASN B 1093 -6.13 -28.54 -20.21
CA ASN B 1093 -4.75 -28.09 -20.41
C ASN B 1093 -4.35 -27.08 -19.34
N ILE B 1094 -4.04 -27.60 -18.16
CA ILE B 1094 -3.46 -26.78 -17.10
C ILE B 1094 -1.97 -26.65 -17.35
N VAL B 1095 -1.46 -25.42 -17.37
CA VAL B 1095 -0.06 -25.14 -17.61
C VAL B 1095 0.43 -24.15 -16.57
N LYS B 1096 1.35 -24.59 -15.73
CA LYS B 1096 2.02 -23.70 -14.78
C LYS B 1096 3.18 -23.01 -15.48
N LYS B 1097 3.17 -21.68 -15.47
CA LYS B 1097 4.16 -20.90 -16.20
C LYS B 1097 5.55 -21.13 -15.62
N THR B 1098 6.47 -21.63 -16.45
CA THR B 1098 7.86 -21.75 -16.03
C THR B 1098 8.48 -20.37 -15.96
N GLU B 1099 9.15 -20.07 -14.85
CA GLU B 1099 9.71 -18.74 -14.63
C GLU B 1099 11.08 -18.86 -14.00
N VAL B 1100 12.04 -18.12 -14.55
CA VAL B 1100 13.32 -17.95 -13.88
C VAL B 1100 13.09 -17.19 -12.59
N GLN B 1101 13.77 -17.60 -11.52
CA GLN B 1101 13.65 -16.91 -10.25
C GLN B 1101 14.57 -15.69 -10.23
N THR B 1102 14.06 -14.59 -9.69
CA THR B 1102 14.82 -13.35 -9.55
C THR B 1102 14.61 -12.82 -8.14
N GLY B 1103 15.42 -11.82 -7.80
CA GLY B 1103 15.27 -11.09 -6.55
C GLY B 1103 16.52 -11.18 -5.69
N GLY B 1104 16.31 -11.38 -4.39
CA GLY B 1104 17.43 -11.48 -3.48
C GLY B 1104 18.31 -12.68 -3.79
N PHE B 1105 19.59 -12.54 -3.44
CA PHE B 1105 20.52 -13.66 -3.61
C PHE B 1105 20.17 -14.82 -2.69
N SER B 1106 19.86 -14.52 -1.43
CA SER B 1106 19.72 -15.54 -0.40
C SER B 1106 18.96 -14.93 0.77
N LYS B 1107 18.75 -15.73 1.81
CA LYS B 1107 18.22 -15.21 3.06
C LYS B 1107 19.13 -14.08 3.56
N GLU B 1108 18.51 -13.05 4.13
CA GLU B 1108 19.27 -11.87 4.54
C GLU B 1108 20.00 -12.06 5.86
N SER B 1109 19.61 -13.04 6.68
CA SER B 1109 20.20 -13.20 8.00
C SER B 1109 21.70 -13.49 7.89
N ILE B 1110 22.50 -12.70 8.60
CA ILE B 1110 23.94 -12.89 8.67
C ILE B 1110 24.20 -13.92 9.76
N LEU B 1111 24.52 -15.15 9.36
CA LEU B 1111 24.68 -16.25 10.30
C LEU B 1111 26.06 -16.19 10.95
N PRO B 1112 26.21 -16.81 12.12
CA PRO B 1112 27.53 -16.86 12.75
C PRO B 1112 28.42 -17.87 12.05
N LYS B 1113 29.72 -17.74 12.31
CA LYS B 1113 30.70 -18.63 11.69
C LYS B 1113 30.38 -20.09 11.99
N ARG B 1114 30.59 -20.93 10.99
CA ARG B 1114 30.23 -22.34 11.08
C ARG B 1114 31.09 -23.08 10.06
N ASN B 1115 31.46 -24.31 10.39
CA ASN B 1115 32.21 -25.13 9.45
C ASN B 1115 31.21 -25.78 8.49
N SER B 1116 30.87 -25.04 7.44
CA SER B 1116 29.93 -25.52 6.44
C SER B 1116 30.20 -24.78 5.13
N ASP B 1117 30.22 -25.52 4.02
CA ASP B 1117 30.35 -24.90 2.71
C ASP B 1117 29.06 -24.28 2.21
N LYS B 1118 27.95 -24.46 2.93
CA LYS B 1118 26.73 -23.75 2.60
C LYS B 1118 26.89 -22.25 2.85
N LEU B 1119 27.78 -21.87 3.76
CA LEU B 1119 27.98 -20.48 4.10
C LEU B 1119 28.59 -19.73 2.92
N ILE B 1120 28.07 -18.52 2.69
CA ILE B 1120 28.48 -17.70 1.55
C ILE B 1120 29.12 -16.43 2.10
N ALA B 1121 30.27 -16.06 1.53
CA ALA B 1121 31.03 -14.94 2.04
C ALA B 1121 30.30 -13.63 1.78
N ARG B 1122 30.20 -12.80 2.82
CA ARG B 1122 29.60 -11.48 2.67
C ARG B 1122 30.54 -10.49 2.00
N LYS B 1123 31.83 -10.80 1.95
CA LYS B 1123 32.81 -10.01 1.23
C LYS B 1123 33.86 -10.97 0.69
N LYS B 1124 34.60 -10.51 -0.32
CA LYS B 1124 35.43 -11.42 -1.11
C LYS B 1124 36.46 -12.15 -0.24
N ASP B 1125 37.07 -11.45 0.69
CA ASP B 1125 38.14 -12.00 1.50
C ASP B 1125 37.68 -12.55 2.85
N TRP B 1126 36.37 -12.54 3.13
CA TRP B 1126 35.87 -12.94 4.45
C TRP B 1126 35.40 -14.39 4.39
N ASP B 1127 36.37 -15.30 4.53
CA ASP B 1127 36.17 -16.74 4.62
C ASP B 1127 35.12 -17.03 5.68
N PRO B 1128 33.95 -17.54 5.31
CA PRO B 1128 32.85 -17.63 6.28
C PRO B 1128 33.16 -18.47 7.50
N LYS B 1129 34.09 -19.42 7.42
CA LYS B 1129 34.44 -20.20 8.59
C LYS B 1129 35.04 -19.35 9.69
N LYS B 1130 35.55 -18.17 9.35
CA LYS B 1130 36.04 -17.22 10.33
C LYS B 1130 35.05 -16.10 10.62
N TYR B 1131 34.24 -15.70 9.65
CA TYR B 1131 33.41 -14.51 9.76
C TYR B 1131 31.92 -14.75 9.63
N GLY B 1132 31.49 -15.98 9.43
CA GLY B 1132 30.08 -16.20 9.15
C GLY B 1132 29.71 -15.67 7.77
N GLY B 1133 28.41 -15.64 7.52
CA GLY B 1133 27.92 -15.22 6.24
C GLY B 1133 26.51 -15.75 5.99
N PHE B 1134 26.12 -15.73 4.72
CA PHE B 1134 24.79 -16.10 4.32
C PHE B 1134 24.70 -17.60 4.01
N ASP B 1135 23.48 -18.11 4.00
CA ASP B 1135 23.18 -19.40 3.40
C ASP B 1135 21.81 -19.28 2.74
N SER B 1136 21.30 -20.42 2.29
CA SER B 1136 20.05 -20.52 1.55
C SER B 1136 20.01 -19.63 0.32
N PRO B 1137 20.92 -19.82 -0.65
CA PRO B 1137 20.82 -19.08 -1.91
C PRO B 1137 19.64 -19.58 -2.72
N THR B 1138 19.05 -18.68 -3.49
CA THR B 1138 17.90 -18.99 -4.32
C THR B 1138 18.37 -19.33 -5.74
N VAL B 1139 17.92 -20.48 -6.23
CA VAL B 1139 18.30 -20.95 -7.56
C VAL B 1139 17.52 -20.17 -8.60
N ALA B 1140 18.23 -19.42 -9.44
CA ALA B 1140 17.58 -18.72 -10.55
C ALA B 1140 16.99 -19.71 -11.54
N TYR B 1141 17.73 -20.76 -11.87
CA TYR B 1141 17.28 -21.85 -12.73
C TYR B 1141 18.32 -22.96 -12.68
N SER B 1142 17.86 -24.20 -12.84
CA SER B 1142 18.76 -25.34 -12.82
C SER B 1142 19.29 -25.60 -14.23
N VAL B 1143 20.33 -26.42 -14.32
CA VAL B 1143 20.98 -26.74 -15.58
C VAL B 1143 21.32 -28.22 -15.59
N LEU B 1144 20.95 -28.91 -16.67
CA LEU B 1144 21.29 -30.32 -16.83
C LEU B 1144 22.69 -30.42 -17.40
N VAL B 1145 23.62 -30.96 -16.61
CA VAL B 1145 25.03 -31.07 -16.98
C VAL B 1145 25.35 -32.54 -17.22
N VAL B 1146 25.82 -32.86 -18.41
CA VAL B 1146 26.30 -34.19 -18.76
C VAL B 1146 27.79 -34.08 -18.98
N ALA B 1147 28.58 -34.69 -18.10
CA ALA B 1147 30.02 -34.50 -18.11
C ALA B 1147 30.67 -35.61 -17.30
N LYS B 1148 31.92 -35.38 -16.90
CA LYS B 1148 32.65 -36.28 -16.03
C LYS B 1148 33.26 -35.48 -14.88
N VAL B 1149 33.34 -36.12 -13.72
CA VAL B 1149 33.93 -35.51 -12.54
C VAL B 1149 35.02 -36.42 -12.00
N GLU B 1150 36.06 -35.81 -11.42
CA GLU B 1150 37.11 -36.59 -10.78
C GLU B 1150 36.56 -37.30 -9.56
N LYS B 1151 37.08 -38.50 -9.30
CA LYS B 1151 36.56 -39.36 -8.24
C LYS B 1151 37.72 -39.95 -7.45
N GLY B 1152 37.64 -39.86 -6.13
CA GLY B 1152 38.64 -40.45 -5.27
C GLY B 1152 39.98 -39.74 -5.35
N LYS B 1153 40.95 -40.29 -4.60
CA LYS B 1153 42.29 -39.72 -4.56
C LYS B 1153 43.02 -39.87 -5.89
N SER B 1154 42.55 -40.74 -6.78
CA SER B 1154 43.16 -40.92 -8.09
C SER B 1154 42.66 -39.90 -9.11
N LYS B 1155 41.59 -39.17 -8.80
CA LYS B 1155 40.99 -38.19 -9.71
C LYS B 1155 40.54 -38.84 -11.02
N LYS B 1156 40.00 -40.05 -10.93
CA LYS B 1156 39.55 -40.78 -12.11
C LYS B 1156 38.26 -40.17 -12.64
N LEU B 1157 38.24 -39.89 -13.93
CA LEU B 1157 37.06 -39.27 -14.54
C LEU B 1157 35.91 -40.27 -14.58
N LYS B 1158 34.77 -39.87 -14.03
CA LYS B 1158 33.57 -40.70 -13.98
C LYS B 1158 32.41 -39.92 -14.57
N SER B 1159 31.72 -40.52 -15.53
CA SER B 1159 30.63 -39.83 -16.21
C SER B 1159 29.44 -39.67 -15.27
N VAL B 1160 28.85 -38.46 -15.30
CA VAL B 1160 27.72 -38.13 -14.44
C VAL B 1160 26.70 -37.35 -15.25
N LYS B 1161 25.45 -37.41 -14.78
CA LYS B 1161 24.37 -36.58 -15.27
C LYS B 1161 23.58 -36.10 -14.06
N GLU B 1162 23.57 -34.79 -13.84
CA GLU B 1162 22.96 -34.26 -12.63
C GLU B 1162 22.48 -32.83 -12.86
N LEU B 1163 21.71 -32.34 -11.89
CA LEU B 1163 21.11 -31.01 -11.93
C LEU B 1163 21.95 -30.05 -11.09
N LEU B 1164 22.45 -28.99 -11.72
CA LEU B 1164 23.23 -27.98 -11.04
C LEU B 1164 22.41 -26.69 -10.95
N GLY B 1165 22.04 -26.32 -9.74
CA GLY B 1165 21.36 -25.06 -9.52
C GLY B 1165 22.29 -23.88 -9.67
N ILE B 1166 22.08 -23.09 -10.71
CA ILE B 1166 22.75 -21.79 -10.82
C ILE B 1166 22.02 -20.83 -9.89
N THR B 1167 22.69 -20.36 -8.85
CA THR B 1167 22.07 -19.40 -7.95
C THR B 1167 21.95 -18.04 -8.64
N ILE B 1168 21.01 -17.23 -8.15
CA ILE B 1168 20.80 -15.91 -8.72
C ILE B 1168 22.10 -15.13 -8.77
N MET B 1169 22.95 -15.33 -7.76
CA MET B 1169 24.22 -14.62 -7.73
C MET B 1169 25.21 -15.18 -8.75
N GLU B 1170 25.13 -16.47 -9.05
CA GLU B 1170 26.04 -17.09 -10.00
C GLU B 1170 25.59 -16.89 -11.45
N ARG B 1171 24.42 -16.28 -11.67
CA ARG B 1171 23.78 -16.36 -12.98
C ARG B 1171 24.58 -15.65 -14.06
N SER B 1172 24.96 -14.38 -13.82
CA SER B 1172 25.68 -13.63 -14.83
C SER B 1172 27.02 -14.27 -15.17
N SER B 1173 27.71 -14.80 -14.15
CA SER B 1173 28.97 -15.48 -14.38
C SER B 1173 28.78 -16.73 -15.22
N PHE B 1174 27.77 -17.54 -14.90
CA PHE B 1174 27.51 -18.76 -15.66
C PHE B 1174 27.15 -18.45 -17.10
N GLU B 1175 26.35 -17.41 -17.33
CA GLU B 1175 25.91 -17.11 -18.69
C GLU B 1175 26.99 -16.45 -19.52
N LYS B 1176 27.87 -15.66 -18.90
CA LYS B 1176 28.95 -15.03 -19.65
C LYS B 1176 29.85 -16.08 -20.29
N ASN B 1177 30.13 -17.17 -19.57
CA ASN B 1177 30.90 -18.27 -20.13
C ASN B 1177 30.57 -19.55 -19.38
N PRO B 1178 29.68 -20.39 -19.92
CA PRO B 1178 29.19 -21.54 -19.14
C PRO B 1178 30.22 -22.64 -18.97
N ILE B 1179 31.07 -22.89 -19.97
CA ILE B 1179 32.07 -23.95 -19.85
C ILE B 1179 33.03 -23.66 -18.71
N ASP B 1180 33.54 -22.42 -18.64
CA ASP B 1180 34.48 -22.05 -17.58
C ASP B 1180 33.82 -22.15 -16.21
N PHE B 1181 32.57 -21.68 -16.10
CA PHE B 1181 31.83 -21.79 -14.84
C PHE B 1181 31.71 -23.24 -14.40
N LEU B 1182 31.21 -24.10 -15.29
CA LEU B 1182 31.00 -25.49 -14.94
C LEU B 1182 32.31 -26.20 -14.62
N GLU B 1183 33.38 -25.87 -15.33
CA GLU B 1183 34.67 -26.50 -15.03
C GLU B 1183 35.19 -26.03 -13.68
N ALA B 1184 34.96 -24.75 -13.35
CA ALA B 1184 35.32 -24.27 -12.03
C ALA B 1184 34.56 -25.01 -10.94
N LYS B 1185 33.31 -25.38 -11.21
CA LYS B 1185 32.54 -26.16 -10.26
C LYS B 1185 33.04 -27.59 -10.12
N GLY B 1186 33.90 -28.05 -11.02
CA GLY B 1186 34.50 -29.37 -10.93
C GLY B 1186 34.23 -30.26 -12.13
N TYR B 1187 33.29 -29.90 -13.00
CA TYR B 1187 32.92 -30.75 -14.12
C TYR B 1187 33.97 -30.67 -15.22
N LYS B 1188 34.20 -31.79 -15.89
CA LYS B 1188 35.15 -31.87 -16.98
C LYS B 1188 34.47 -32.51 -18.19
N GLU B 1189 34.91 -32.09 -19.38
CA GLU B 1189 34.36 -32.58 -20.65
C GLU B 1189 32.84 -32.46 -20.67
N VAL B 1190 32.33 -31.28 -20.33
CA VAL B 1190 30.90 -31.04 -20.45
C VAL B 1190 30.53 -31.01 -21.93
N LYS B 1191 29.39 -31.60 -22.26
CA LYS B 1191 28.87 -31.57 -23.63
C LYS B 1191 28.06 -30.29 -23.76
N LYS B 1192 28.64 -29.30 -24.44
CA LYS B 1192 28.09 -27.95 -24.49
C LYS B 1192 26.71 -27.91 -25.14
N ASP B 1193 26.37 -28.90 -25.96
CA ASP B 1193 25.09 -28.91 -26.65
C ASP B 1193 23.98 -29.59 -25.85
N LEU B 1194 24.32 -30.45 -24.90
CA LEU B 1194 23.33 -31.12 -24.06
C LEU B 1194 23.01 -30.33 -22.80
N ILE B 1195 23.50 -29.10 -22.68
CA ILE B 1195 23.16 -28.25 -21.54
C ILE B 1195 21.74 -27.74 -21.71
N ILE B 1196 20.84 -28.19 -20.84
CA ILE B 1196 19.44 -27.80 -20.89
C ILE B 1196 19.16 -26.88 -19.70
N LYS B 1197 18.65 -25.69 -20.01
CA LYS B 1197 18.19 -24.74 -19.01
C LYS B 1197 16.81 -25.18 -18.50
N LEU B 1198 16.65 -25.27 -17.19
CA LEU B 1198 15.43 -25.76 -16.57
C LEU B 1198 14.97 -24.75 -15.52
N PRO B 1199 14.05 -23.87 -15.86
CA PRO B 1199 13.52 -22.92 -14.87
C PRO B 1199 12.62 -23.62 -13.87
N LYS B 1200 12.20 -22.87 -12.87
CA LYS B 1200 11.29 -23.39 -11.87
C LYS B 1200 9.97 -23.79 -12.52
N TYR B 1201 9.39 -24.88 -12.02
CA TYR B 1201 8.14 -25.47 -12.51
C TYR B 1201 8.30 -26.16 -13.86
N SER B 1202 9.53 -26.52 -14.24
CA SER B 1202 9.73 -27.32 -15.43
C SER B 1202 9.07 -28.68 -15.26
N LEU B 1203 8.43 -29.16 -16.33
CA LEU B 1203 7.55 -30.32 -16.27
C LEU B 1203 8.28 -31.58 -16.70
N PHE B 1204 8.15 -32.64 -15.90
CA PHE B 1204 8.69 -33.95 -16.20
C PHE B 1204 7.59 -34.99 -16.05
N GLU B 1205 7.57 -35.95 -16.98
CA GLU B 1205 6.66 -37.09 -16.90
C GLU B 1205 7.46 -38.36 -16.70
N LEU B 1206 6.98 -39.19 -15.77
CA LEU B 1206 7.65 -40.45 -15.44
C LEU B 1206 6.75 -41.64 -15.81
N GLU B 1207 6.56 -42.57 -14.89
CA GLU B 1207 5.80 -43.77 -15.18
C GLU B 1207 4.35 -43.60 -14.74
N ASN B 1208 3.46 -44.30 -15.44
CA ASN B 1208 2.01 -44.29 -15.17
C ASN B 1208 1.44 -42.88 -15.22
N GLY B 1209 1.97 -42.04 -16.11
CA GLY B 1209 1.51 -40.67 -16.18
C GLY B 1209 1.88 -39.79 -15.01
N ARG B 1210 2.67 -40.30 -14.06
CA ARG B 1210 3.07 -39.48 -12.92
C ARG B 1210 3.94 -38.32 -13.40
N LYS B 1211 3.64 -37.13 -12.91
CA LYS B 1211 4.30 -35.90 -13.35
C LYS B 1211 4.87 -35.16 -12.15
N ARG B 1212 6.02 -34.51 -12.36
CA ARG B 1212 6.68 -33.71 -11.36
C ARG B 1212 7.09 -32.37 -11.96
N MET B 1213 7.08 -31.33 -11.14
CA MET B 1213 7.56 -30.02 -11.55
C MET B 1213 8.81 -29.66 -10.77
N LEU B 1214 9.74 -28.98 -11.43
CA LEU B 1214 11.00 -28.64 -10.79
C LEU B 1214 10.78 -27.52 -9.77
N ALA B 1215 10.97 -27.83 -8.50
CA ALA B 1215 10.89 -26.83 -7.45
C ALA B 1215 12.23 -26.16 -7.20
N SER B 1216 13.32 -26.88 -7.42
CA SER B 1216 14.66 -26.36 -7.23
C SER B 1216 15.62 -27.27 -8.01
N ALA B 1217 16.91 -27.21 -7.71
CA ALA B 1217 17.83 -28.19 -8.23
C ALA B 1217 17.78 -29.49 -7.44
N GLY B 1218 17.17 -29.47 -6.26
CA GLY B 1218 17.15 -30.66 -5.41
C GLY B 1218 15.81 -30.96 -4.76
N GLU B 1219 14.71 -30.41 -5.29
CA GLU B 1219 13.39 -30.73 -4.78
C GLU B 1219 12.38 -30.62 -5.91
N LEU B 1220 11.26 -31.33 -5.75
CA LEU B 1220 10.21 -31.42 -6.76
C LEU B 1220 8.85 -31.11 -6.15
N GLN B 1221 7.95 -30.65 -7.00
CA GLN B 1221 6.55 -30.40 -6.68
C GLN B 1221 5.66 -31.38 -7.42
N LYS B 1222 4.48 -31.63 -6.86
CA LYS B 1222 3.48 -32.47 -7.51
C LYS B 1222 3.09 -31.86 -8.86
N GLY B 1223 3.04 -32.70 -9.90
CA GLY B 1223 2.81 -32.24 -11.25
C GLY B 1223 1.55 -32.72 -11.93
N ASN B 1224 0.64 -33.38 -11.21
CA ASN B 1224 -0.56 -33.93 -11.80
C ASN B 1224 -1.80 -33.30 -11.20
N GLU B 1225 -2.87 -33.28 -12.00
CA GLU B 1225 -4.18 -32.84 -11.56
C GLU B 1225 -5.07 -34.05 -11.31
N LEU B 1226 -5.88 -33.98 -10.25
CA LEU B 1226 -6.86 -35.02 -9.95
C LEU B 1226 -8.18 -34.62 -10.60
N ALA B 1227 -8.55 -35.32 -11.67
CA ALA B 1227 -9.78 -35.02 -12.43
C ALA B 1227 -10.95 -35.77 -11.79
N LEU B 1228 -11.45 -35.21 -10.70
CA LEU B 1228 -12.56 -35.84 -10.00
C LEU B 1228 -13.84 -35.72 -10.83
N PRO B 1229 -14.63 -36.79 -10.94
CA PRO B 1229 -15.84 -36.74 -11.76
C PRO B 1229 -16.85 -35.73 -11.24
N SER B 1230 -17.74 -35.33 -12.15
CA SER B 1230 -18.65 -34.22 -11.87
C SER B 1230 -19.66 -34.56 -10.78
N LYS B 1231 -20.12 -35.82 -10.75
CA LYS B 1231 -21.08 -36.21 -9.73
C LYS B 1231 -20.51 -36.04 -8.33
N TYR B 1232 -19.24 -36.42 -8.14
CA TYR B 1232 -18.60 -36.25 -6.84
C TYR B 1232 -18.39 -34.77 -6.51
N VAL B 1233 -18.04 -33.97 -7.52
CA VAL B 1233 -17.85 -32.53 -7.28
C VAL B 1233 -19.15 -31.90 -6.78
N ASN B 1234 -20.26 -32.18 -7.47
CA ASN B 1234 -21.54 -31.62 -7.06
C ASN B 1234 -21.98 -32.17 -5.71
N PHE B 1235 -21.73 -33.45 -5.45
CA PHE B 1235 -22.05 -34.02 -4.15
C PHE B 1235 -21.28 -33.32 -3.04
N LEU B 1236 -19.99 -33.05 -3.27
CA LEU B 1236 -19.19 -32.38 -2.26
C LEU B 1236 -19.67 -30.95 -2.05
N TYR B 1237 -20.04 -30.26 -3.13
CA TYR B 1237 -20.59 -28.91 -3.00
C TYR B 1237 -21.83 -28.92 -2.11
N LEU B 1238 -22.81 -29.75 -2.47
CA LEU B 1238 -24.08 -29.73 -1.73
C LEU B 1238 -23.91 -30.24 -0.30
N ALA B 1239 -23.11 -31.29 -0.11
CA ALA B 1239 -22.99 -31.90 1.21
C ALA B 1239 -22.27 -30.98 2.19
N SER B 1240 -21.24 -30.27 1.74
CA SER B 1240 -20.49 -29.39 2.61
C SER B 1240 -21.24 -28.09 2.92
N HIS B 1241 -22.39 -27.85 2.29
CA HIS B 1241 -23.06 -26.57 2.31
C HIS B 1241 -22.10 -25.46 1.86
N TYR B 1242 -21.63 -25.61 0.62
CA TYR B 1242 -20.60 -24.74 0.07
C TYR B 1242 -21.12 -23.32 -0.15
N GLY B 1247 -32.36 -21.63 -1.88
CA GLY B 1247 -33.48 -21.66 -2.80
C GLY B 1247 -34.79 -22.02 -2.12
N SER B 1248 -35.69 -22.67 -2.88
CA SER B 1248 -36.95 -23.11 -2.31
C SER B 1248 -36.71 -24.20 -1.27
N PRO B 1249 -37.56 -24.26 -0.23
CA PRO B 1249 -37.41 -25.35 0.74
C PRO B 1249 -37.62 -26.73 0.15
N GLU B 1250 -38.49 -26.86 -0.86
CA GLU B 1250 -38.67 -28.15 -1.52
C GLU B 1250 -37.42 -28.57 -2.28
N ASP B 1251 -36.77 -27.61 -2.94
CA ASP B 1251 -35.52 -27.92 -3.64
C ASP B 1251 -34.39 -28.17 -2.65
N ASN B 1252 -34.37 -27.44 -1.53
CA ASN B 1252 -33.44 -27.76 -0.46
C ASN B 1252 -33.63 -29.19 0.03
N GLU B 1253 -34.89 -29.64 0.10
CA GLU B 1253 -35.17 -31.00 0.54
C GLU B 1253 -34.74 -32.02 -0.51
N GLN B 1254 -34.96 -31.72 -1.79
CA GLN B 1254 -34.50 -32.63 -2.84
C GLN B 1254 -32.98 -32.74 -2.83
N LYS B 1255 -32.28 -31.64 -2.60
CA LYS B 1255 -30.82 -31.68 -2.51
C LYS B 1255 -30.35 -32.47 -1.28
N GLN B 1256 -30.99 -32.25 -0.13
CA GLN B 1256 -30.67 -33.03 1.07
C GLN B 1256 -30.91 -34.52 0.83
N LEU B 1257 -32.02 -34.85 0.16
CA LEU B 1257 -32.36 -36.23 -0.13
C LEU B 1257 -31.35 -36.86 -1.09
N PHE B 1258 -30.87 -36.08 -2.05
CA PHE B 1258 -29.82 -36.59 -2.94
C PHE B 1258 -28.51 -36.80 -2.18
N VAL B 1259 -28.22 -35.92 -1.22
CA VAL B 1259 -27.02 -36.09 -0.40
C VAL B 1259 -27.08 -37.41 0.36
N GLU B 1260 -28.22 -37.67 1.02
CA GLU B 1260 -28.33 -38.88 1.83
C GLU B 1260 -28.51 -40.13 0.99
N GLN B 1261 -29.09 -40.01 -0.21
CA GLN B 1261 -29.25 -41.17 -1.08
C GLN B 1261 -27.95 -41.59 -1.72
N HIS B 1262 -27.04 -40.65 -1.96
CA HIS B 1262 -25.74 -40.92 -2.56
C HIS B 1262 -24.63 -40.82 -1.52
N LYS B 1263 -24.91 -41.26 -0.29
CA LYS B 1263 -23.90 -41.20 0.76
C LYS B 1263 -22.69 -42.07 0.43
N HIS B 1264 -22.91 -43.18 -0.28
CA HIS B 1264 -21.80 -44.05 -0.65
C HIS B 1264 -20.71 -43.30 -1.41
N TYR B 1265 -21.09 -42.22 -2.11
CA TYR B 1265 -20.11 -41.37 -2.80
C TYR B 1265 -18.92 -41.06 -1.91
N LEU B 1266 -19.16 -40.81 -0.63
CA LEU B 1266 -18.07 -40.56 0.32
C LEU B 1266 -16.94 -41.58 0.13
N ASP B 1267 -17.25 -42.85 0.37
CA ASP B 1267 -16.24 -43.89 0.20
C ASP B 1267 -15.63 -43.83 -1.19
N GLU B 1268 -16.48 -43.71 -2.21
CA GLU B 1268 -15.99 -43.64 -3.59
C GLU B 1268 -14.97 -42.52 -3.74
N ILE B 1269 -15.30 -41.33 -3.22
CA ILE B 1269 -14.37 -40.21 -3.31
C ILE B 1269 -13.04 -40.59 -2.69
N ILE B 1270 -13.08 -41.15 -1.48
CA ILE B 1270 -11.86 -41.61 -0.83
C ILE B 1270 -11.09 -42.53 -1.76
N GLU B 1271 -11.79 -43.53 -2.32
CA GLU B 1271 -11.18 -44.44 -3.27
C GLU B 1271 -10.51 -43.68 -4.39
N GLN B 1272 -11.24 -42.74 -5.00
CA GLN B 1272 -10.68 -41.97 -6.11
C GLN B 1272 -9.41 -41.24 -5.69
N ILE B 1273 -9.38 -40.73 -4.46
CA ILE B 1273 -8.16 -40.10 -3.97
C ILE B 1273 -7.06 -41.13 -3.80
N SER B 1274 -7.39 -42.26 -3.18
CA SER B 1274 -6.38 -43.27 -2.88
C SER B 1274 -5.69 -43.75 -4.14
N GLU B 1275 -6.47 -44.25 -5.10
CA GLU B 1275 -5.90 -44.69 -6.38
C GLU B 1275 -5.06 -43.61 -7.02
N PHE B 1276 -5.46 -42.34 -6.85
CA PHE B 1276 -4.65 -41.25 -7.39
C PHE B 1276 -3.33 -41.15 -6.65
N SER B 1277 -3.38 -41.09 -5.31
CA SER B 1277 -2.16 -40.96 -4.52
C SER B 1277 -1.20 -42.11 -4.82
N LYS B 1278 -1.67 -43.35 -4.65
CA LYS B 1278 -0.84 -44.51 -4.95
C LYS B 1278 -0.26 -44.46 -6.35
N ARG B 1279 -0.95 -43.81 -7.30
CA ARG B 1279 -0.41 -43.74 -8.65
C ARG B 1279 0.60 -42.62 -8.78
N VAL B 1280 0.38 -41.48 -8.11
CA VAL B 1280 1.07 -40.26 -8.49
C VAL B 1280 1.74 -39.57 -7.30
N ILE B 1281 1.06 -39.50 -6.16
CA ILE B 1281 1.58 -38.73 -5.04
C ILE B 1281 2.75 -39.48 -4.39
N LEU B 1282 2.53 -40.75 -4.04
CA LEU B 1282 3.57 -41.61 -3.48
C LEU B 1282 4.04 -41.11 -2.11
N ALA B 1283 3.08 -41.00 -1.19
CA ALA B 1283 3.33 -40.64 0.20
C ALA B 1283 2.64 -41.70 1.06
N ASP B 1284 3.31 -42.85 1.21
CA ASP B 1284 2.68 -43.99 1.88
C ASP B 1284 2.23 -43.64 3.28
N ALA B 1285 3.12 -43.05 4.08
CA ALA B 1285 2.78 -42.71 5.45
C ALA B 1285 1.57 -41.79 5.51
N ASN B 1286 1.56 -40.76 4.68
CA ASN B 1286 0.48 -39.77 4.71
C ASN B 1286 -0.85 -40.38 4.26
N LEU B 1287 -0.83 -41.14 3.17
CA LEU B 1287 -2.06 -41.76 2.69
C LEU B 1287 -2.63 -42.73 3.73
N ASP B 1288 -1.75 -43.47 4.41
CA ASP B 1288 -2.23 -44.39 5.44
C ASP B 1288 -2.83 -43.63 6.62
N LYS B 1289 -2.15 -42.57 7.08
CA LYS B 1289 -2.70 -41.77 8.16
C LYS B 1289 -4.06 -41.17 7.78
N VAL B 1290 -4.20 -40.78 6.52
CA VAL B 1290 -5.46 -40.18 6.08
C VAL B 1290 -6.57 -41.22 6.01
N LEU B 1291 -6.25 -42.42 5.50
CA LEU B 1291 -7.25 -43.49 5.49
C LEU B 1291 -7.71 -43.82 6.90
N SER B 1292 -6.77 -43.86 7.86
CA SER B 1292 -7.14 -44.10 9.25
C SER B 1292 -8.01 -42.98 9.78
N ALA B 1293 -7.70 -41.73 9.43
CA ALA B 1293 -8.50 -40.61 9.88
C ALA B 1293 -9.93 -40.67 9.33
N TYR B 1294 -10.08 -41.03 8.05
CA TYR B 1294 -11.40 -41.13 7.46
C TYR B 1294 -12.21 -42.27 8.08
N ASN B 1295 -11.56 -43.41 8.33
CA ASN B 1295 -12.24 -44.50 9.00
C ASN B 1295 -12.47 -44.23 10.49
N LYS B 1296 -11.84 -43.19 11.04
CA LYS B 1296 -12.07 -42.83 12.43
C LYS B 1296 -13.31 -41.98 12.61
N HIS B 1297 -13.63 -41.13 11.63
CA HIS B 1297 -14.73 -40.18 11.73
C HIS B 1297 -15.91 -40.55 10.84
N ARG B 1298 -16.10 -41.85 10.57
CA ARG B 1298 -17.23 -42.26 9.75
C ARG B 1298 -18.57 -42.04 10.44
N ASP B 1299 -18.57 -41.88 11.77
CA ASP B 1299 -19.79 -41.57 12.51
C ASP B 1299 -20.01 -40.06 12.63
N LYS B 1300 -19.14 -39.23 12.08
CA LYS B 1300 -19.34 -37.79 12.11
C LYS B 1300 -20.51 -37.40 11.19
N PRO B 1301 -21.10 -36.24 11.43
CA PRO B 1301 -22.14 -35.76 10.50
C PRO B 1301 -21.59 -35.62 9.08
N ILE B 1302 -22.48 -35.81 8.10
CA ILE B 1302 -22.06 -35.83 6.70
C ILE B 1302 -21.46 -34.48 6.29
N ARG B 1303 -22.07 -33.38 6.75
CA ARG B 1303 -21.55 -32.06 6.43
C ARG B 1303 -20.11 -31.90 6.88
N GLU B 1304 -19.80 -32.30 8.11
CA GLU B 1304 -18.45 -32.13 8.65
C GLU B 1304 -17.45 -33.03 7.93
N GLN B 1305 -17.82 -34.29 7.68
CA GLN B 1305 -16.96 -35.20 6.94
C GLN B 1305 -16.65 -34.64 5.56
N ALA B 1306 -17.64 -34.06 4.89
CA ALA B 1306 -17.40 -33.46 3.58
C ALA B 1306 -16.49 -32.25 3.67
N GLU B 1307 -16.74 -31.37 4.65
CA GLU B 1307 -15.89 -30.20 4.85
C GLU B 1307 -14.43 -30.61 5.02
N ASN B 1308 -14.17 -31.73 5.68
CA ASN B 1308 -12.79 -32.14 5.88
C ASN B 1308 -12.23 -32.94 4.70
N ILE B 1309 -13.09 -33.68 3.98
CA ILE B 1309 -12.68 -34.25 2.70
C ILE B 1309 -12.18 -33.16 1.77
N ILE B 1310 -12.77 -31.96 1.88
CA ILE B 1310 -12.25 -30.82 1.12
C ILE B 1310 -10.79 -30.53 1.46
N HIS B 1311 -10.45 -30.57 2.76
CA HIS B 1311 -9.05 -30.39 3.15
C HIS B 1311 -8.17 -31.48 2.58
N LEU B 1312 -8.71 -32.68 2.47
CA LEU B 1312 -7.91 -33.83 2.04
C LEU B 1312 -7.22 -33.60 0.69
N PHE B 1313 -7.78 -32.74 -0.15
CA PHE B 1313 -7.21 -32.56 -1.50
C PHE B 1313 -5.90 -31.78 -1.49
N THR B 1314 -5.51 -31.20 -0.35
CA THR B 1314 -4.18 -30.63 -0.24
C THR B 1314 -3.11 -31.68 -0.49
N LEU B 1315 -3.38 -32.94 -0.15
CA LEU B 1315 -2.46 -34.01 -0.47
C LEU B 1315 -2.30 -34.18 -1.98
N THR B 1316 -3.38 -34.01 -2.73
CA THR B 1316 -3.38 -34.30 -4.16
C THR B 1316 -3.08 -33.08 -5.03
N ASN B 1317 -3.17 -31.87 -4.48
CA ASN B 1317 -3.18 -30.66 -5.30
C ASN B 1317 -1.88 -30.52 -6.09
N LEU B 1318 -1.99 -29.89 -7.26
CA LEU B 1318 -0.82 -29.56 -8.04
C LEU B 1318 0.06 -28.57 -7.28
N GLY B 1319 1.37 -28.73 -7.43
CA GLY B 1319 2.32 -27.78 -6.88
C GLY B 1319 3.03 -28.26 -5.64
N ALA B 1320 3.51 -27.30 -4.86
CA ALA B 1320 4.34 -27.62 -3.71
C ALA B 1320 3.51 -28.35 -2.66
N PRO B 1321 4.08 -29.36 -2.00
CA PRO B 1321 3.35 -30.04 -0.93
C PRO B 1321 3.13 -29.09 0.24
N ALA B 1322 2.03 -29.32 0.96
CA ALA B 1322 1.67 -28.48 2.10
C ALA B 1322 0.95 -29.34 3.13
N ALA B 1323 0.96 -28.87 4.37
CA ALA B 1323 0.29 -29.56 5.45
C ALA B 1323 -1.20 -29.23 5.47
N PHE B 1324 -2.01 -30.20 5.90
CA PHE B 1324 -3.44 -29.98 6.01
C PHE B 1324 -3.93 -30.67 7.27
N LYS B 1325 -5.23 -30.56 7.53
CA LYS B 1325 -5.84 -31.17 8.71
C LYS B 1325 -7.14 -31.84 8.31
N TYR B 1326 -7.27 -33.12 8.62
CA TYR B 1326 -8.55 -33.83 8.53
C TYR B 1326 -9.09 -33.89 9.95
N PHE B 1327 -10.19 -33.16 10.18
CA PHE B 1327 -10.69 -32.91 11.54
C PHE B 1327 -9.53 -32.42 12.40
N ASP B 1328 -9.21 -33.12 13.48
CA ASP B 1328 -8.13 -32.67 14.34
C ASP B 1328 -6.80 -33.34 14.04
N THR B 1329 -6.77 -34.32 13.14
CA THR B 1329 -5.52 -34.95 12.76
C THR B 1329 -4.77 -34.07 11.76
N THR B 1330 -3.50 -33.81 12.05
CA THR B 1330 -2.66 -32.96 11.21
C THR B 1330 -1.77 -33.82 10.34
N ILE B 1331 -1.83 -33.60 9.03
CA ILE B 1331 -0.98 -34.29 8.06
C ILE B 1331 0.10 -33.32 7.61
N ASP B 1332 1.35 -33.63 7.95
CA ASP B 1332 2.51 -32.89 7.49
C ASP B 1332 2.82 -33.25 6.04
N ARG B 1333 3.55 -32.34 5.38
CA ARG B 1333 3.79 -32.48 3.95
C ARG B 1333 4.92 -33.48 3.69
N LYS B 1334 4.66 -34.44 2.80
CA LYS B 1334 5.70 -35.30 2.27
C LYS B 1334 6.41 -34.58 1.13
N ARG B 1335 7.71 -34.37 1.30
CA ARG B 1335 8.50 -33.62 0.32
C ARG B 1335 9.21 -34.58 -0.63
N TYR B 1336 9.60 -34.05 -1.78
CA TYR B 1336 10.35 -34.79 -2.79
C TYR B 1336 11.76 -34.20 -2.83
N THR B 1337 12.53 -34.49 -1.78
CA THR B 1337 13.84 -33.91 -1.53
C THR B 1337 14.93 -34.39 -2.49
N SER B 1338 14.60 -35.06 -3.59
CA SER B 1338 15.59 -35.54 -4.54
C SER B 1338 15.08 -35.37 -5.96
N THR B 1339 15.94 -34.88 -6.85
CA THR B 1339 15.59 -34.67 -8.25
C THR B 1339 16.29 -35.64 -9.18
N LYS B 1340 16.77 -36.77 -8.66
CA LYS B 1340 17.55 -37.68 -9.48
C LYS B 1340 16.72 -38.33 -10.57
N GLU B 1341 15.44 -38.63 -10.28
CA GLU B 1341 14.65 -39.44 -11.18
C GLU B 1341 14.37 -38.73 -12.50
N VAL B 1342 14.16 -37.40 -12.45
CA VAL B 1342 13.83 -36.67 -13.67
C VAL B 1342 14.96 -36.73 -14.70
N LEU B 1343 16.18 -37.01 -14.26
CA LEU B 1343 17.29 -37.14 -15.20
C LEU B 1343 17.13 -38.33 -16.14
N ASP B 1344 16.17 -39.23 -15.88
CA ASP B 1344 15.84 -40.31 -16.80
C ASP B 1344 14.39 -40.27 -17.26
N ALA B 1345 13.63 -39.26 -16.86
CA ALA B 1345 12.23 -39.13 -17.25
C ALA B 1345 12.11 -38.42 -18.59
N THR B 1346 10.91 -37.96 -18.93
CA THR B 1346 10.67 -37.24 -20.16
C THR B 1346 10.31 -35.79 -19.83
N LEU B 1347 11.15 -34.86 -20.28
CA LEU B 1347 10.93 -33.44 -20.07
C LEU B 1347 9.90 -32.92 -21.07
N ILE B 1348 8.96 -32.10 -20.61
CA ILE B 1348 7.87 -31.59 -21.43
C ILE B 1348 7.97 -30.07 -21.46
N HIS B 1349 8.32 -29.52 -22.62
CA HIS B 1349 8.17 -28.11 -22.90
C HIS B 1349 6.79 -27.86 -23.46
N GLN B 1350 6.05 -26.91 -22.87
CA GLN B 1350 4.71 -26.58 -23.31
C GLN B 1350 4.66 -25.13 -23.77
N SER B 1351 3.88 -24.90 -24.83
CA SER B 1351 3.52 -23.53 -25.19
C SER B 1351 2.56 -22.98 -24.14
N ILE B 1352 2.19 -21.70 -24.31
CA ILE B 1352 1.44 -21.01 -23.26
C ILE B 1352 0.10 -21.70 -22.99
N THR B 1353 -0.53 -22.22 -24.03
CA THR B 1353 -1.79 -22.95 -23.86
C THR B 1353 -1.56 -24.39 -23.41
N GLY B 1354 -0.38 -24.94 -23.65
CA GLY B 1354 -0.13 -26.35 -23.45
C GLY B 1354 -0.56 -27.23 -24.60
N LEU B 1355 -1.05 -26.64 -25.69
CA LEU B 1355 -1.46 -27.42 -26.84
C LEU B 1355 -0.25 -27.90 -27.65
N TYR B 1356 0.79 -27.08 -27.73
CA TYR B 1356 2.02 -27.43 -28.44
C TYR B 1356 3.05 -27.93 -27.44
N GLU B 1357 3.56 -29.14 -27.68
CA GLU B 1357 4.50 -29.79 -26.78
C GLU B 1357 5.78 -30.16 -27.51
N THR B 1358 6.88 -30.14 -26.79
CA THR B 1358 8.12 -30.80 -27.19
C THR B 1358 8.57 -31.67 -26.03
N ARG B 1359 8.65 -32.97 -26.27
CA ARG B 1359 8.97 -33.93 -25.21
C ARG B 1359 10.33 -34.55 -25.49
N ILE B 1360 11.19 -34.55 -24.47
CA ILE B 1360 12.58 -34.99 -24.59
C ILE B 1360 12.79 -36.15 -23.64
N ASP B 1361 13.07 -37.32 -24.18
CA ASP B 1361 13.45 -38.46 -23.33
C ASP B 1361 14.85 -38.20 -22.80
N LEU B 1362 14.94 -37.85 -21.52
CA LEU B 1362 16.26 -37.63 -20.92
C LEU B 1362 17.00 -38.92 -20.64
N SER B 1363 16.33 -40.08 -20.76
CA SER B 1363 17.01 -41.35 -20.57
C SER B 1363 18.03 -41.65 -21.66
N GLN B 1364 17.89 -40.99 -22.82
CA GLN B 1364 18.82 -41.17 -23.92
C GLN B 1364 20.02 -40.25 -23.82
N LEU B 1365 20.31 -39.72 -22.64
CA LEU B 1365 21.47 -38.86 -22.41
C LEU B 1365 22.33 -39.49 -21.32
N GLY B 1366 23.62 -39.66 -21.61
CA GLY B 1366 24.52 -40.20 -20.62
C GLY B 1366 25.25 -41.45 -21.07
N GLY B 1367 26.48 -41.62 -20.61
CA GLY B 1367 27.29 -42.76 -20.98
C GLY B 1367 28.75 -42.40 -21.15
MG MG E . 24.76 -1.10 15.68
MG MG F . 28.47 -1.23 -0.21
K K G . -18.80 12.75 -13.50
K K H . 10.83 -11.84 -12.00
K K I . 5.85 -22.22 -20.42
K K J . 19.73 3.45 9.08
K K K . 34.99 -9.92 23.86
K K L . -23.33 20.99 -4.38
K K M . 9.41 -14.60 -7.71
K K N . 4.15 22.74 -2.69
K K O . 19.86 -9.29 22.98
K K P . 9.26 46.01 0.09
K K Q . -9.29 19.70 39.32
K K R . 49.27 -9.36 12.70
#